data_2MIM
#
_entry.id   2MIM
#
_entity_poly.entity_id   1
_entity_poly.type   'polypeptide(L)'
_entity_poly.pdbx_seq_one_letter_code
;GSHMGQEEFAVEISGTTVTITCPSSGDDIKWKPDPALGDNNKYIIQNHDSSPLTVSCTAGDQEHTMYLNAKVGSADDAKK
DAAKKDDAKKDDAKKDGSVAKLGVHGLSMSVKEVSGKVFLQCQESKDLNTNYLWKKGKEELGNMRQLDLGAIYDDPRGTY
TCQRDENVNSTLHVHYRM
;
_entity_poly.pdbx_strand_id   A
#
# COMPACT_ATOMS: atom_id res chain seq x y z
N GLY A 1 -20.66 8.76 -8.18
CA GLY A 1 -21.23 7.77 -9.11
C GLY A 1 -20.17 7.06 -9.94
N SER A 2 -19.64 7.76 -10.94
CA SER A 2 -18.62 7.19 -11.81
C SER A 2 -17.24 7.38 -11.21
N HIS A 3 -16.89 6.53 -10.25
CA HIS A 3 -15.59 6.59 -9.60
C HIS A 3 -14.73 5.40 -9.96
N MET A 4 -15.37 4.24 -10.15
CA MET A 4 -14.66 3.03 -10.50
C MET A 4 -13.66 2.64 -9.42
N GLY A 5 -13.30 1.36 -9.38
CA GLY A 5 -12.35 0.88 -8.39
C GLY A 5 -12.93 0.90 -6.99
N GLN A 6 -12.60 1.96 -6.24
CA GLN A 6 -13.10 2.10 -4.87
C GLN A 6 -12.64 3.42 -4.27
N GLU A 7 -11.35 3.74 -4.44
CA GLU A 7 -10.79 4.97 -3.91
C GLU A 7 -9.83 5.60 -4.90
N GLU A 8 -9.05 6.58 -4.44
CA GLU A 8 -8.08 7.26 -5.30
C GLU A 8 -7.27 6.26 -6.10
N PHE A 9 -6.87 5.17 -5.44
CA PHE A 9 -6.10 4.13 -6.08
C PHE A 9 -6.98 3.30 -7.02
N ALA A 10 -8.27 3.22 -6.68
CA ALA A 10 -9.23 2.46 -7.48
C ALA A 10 -8.67 1.12 -7.94
N VAL A 11 -8.94 0.08 -7.16
CA VAL A 11 -8.46 -1.26 -7.49
C VAL A 11 -9.54 -2.07 -8.21
N GLU A 12 -9.11 -2.88 -9.17
CA GLU A 12 -10.04 -3.71 -9.93
C GLU A 12 -9.53 -5.15 -10.01
N ILE A 13 -10.20 -6.05 -9.30
CA ILE A 13 -9.81 -7.46 -9.29
C ILE A 13 -10.47 -8.20 -10.45
N SER A 14 -9.70 -9.07 -11.10
CA SER A 14 -10.21 -9.85 -12.22
C SER A 14 -9.70 -11.28 -12.16
N GLY A 15 -10.51 -12.17 -11.60
CA GLY A 15 -10.12 -13.57 -11.48
C GLY A 15 -8.84 -13.74 -10.69
N THR A 16 -7.77 -14.14 -11.38
CA THR A 16 -6.47 -14.33 -10.73
C THR A 16 -5.56 -13.14 -10.98
N THR A 17 -6.10 -12.06 -11.53
CA THR A 17 -5.33 -10.87 -11.82
C THR A 17 -6.09 -9.61 -11.40
N VAL A 18 -5.42 -8.76 -10.62
CA VAL A 18 -6.03 -7.52 -10.15
C VAL A 18 -5.14 -6.32 -10.50
N THR A 19 -5.76 -5.27 -11.00
CA THR A 19 -5.03 -4.07 -11.39
C THR A 19 -5.34 -2.90 -10.46
N ILE A 20 -4.36 -2.02 -10.29
CA ILE A 20 -4.52 -0.85 -9.43
C ILE A 20 -4.16 0.43 -10.17
N THR A 21 -4.89 1.51 -9.89
CA THR A 21 -4.64 2.79 -10.55
C THR A 21 -3.85 3.74 -9.63
N CYS A 22 -2.92 4.48 -10.23
CA CYS A 22 -2.12 5.44 -9.46
C CYS A 22 -2.72 6.84 -9.55
N PRO A 23 -3.23 7.37 -8.42
CA PRO A 23 -3.85 8.68 -8.37
C PRO A 23 -2.83 9.82 -8.19
N SER A 24 -1.55 9.47 -8.16
CA SER A 24 -0.50 10.46 -7.99
C SER A 24 -0.54 11.50 -9.10
N SER A 25 -0.85 11.05 -10.32
CA SER A 25 -0.92 11.93 -11.48
C SER A 25 -1.30 11.15 -12.73
N GLY A 26 -0.31 10.54 -13.38
CA GLY A 26 -0.57 9.78 -14.59
C GLY A 26 0.32 10.21 -15.75
N ASP A 27 1.62 10.27 -15.50
CA ASP A 27 2.58 10.65 -16.53
C ASP A 27 3.81 9.75 -16.51
N ASP A 28 4.31 9.48 -15.31
CA ASP A 28 5.48 8.63 -15.14
C ASP A 28 5.55 8.09 -13.71
N ILE A 29 4.58 7.25 -13.38
CA ILE A 29 4.50 6.66 -12.04
C ILE A 29 5.58 5.61 -11.82
N LYS A 30 6.18 5.63 -10.64
CA LYS A 30 7.23 4.69 -10.29
C LYS A 30 6.83 3.86 -9.08
N TRP A 31 6.68 2.55 -9.27
CA TRP A 31 6.31 1.65 -8.19
C TRP A 31 7.56 1.16 -7.46
N LYS A 32 7.36 0.49 -6.33
CA LYS A 32 8.48 -0.02 -5.54
C LYS A 32 8.24 -1.45 -5.06
N PRO A 33 7.26 -1.67 -4.16
CA PRO A 33 6.94 -2.98 -3.61
C PRO A 33 7.21 -4.12 -4.59
N ASP A 34 6.88 -3.90 -5.85
CA ASP A 34 7.10 -4.91 -6.88
C ASP A 34 6.88 -4.31 -8.28
N PRO A 35 7.97 -3.82 -8.90
CA PRO A 35 7.90 -3.23 -10.23
C PRO A 35 7.51 -4.26 -11.28
N ALA A 36 7.77 -5.52 -10.97
CA ALA A 36 7.44 -6.62 -11.88
C ALA A 36 5.95 -6.58 -12.25
N LEU A 37 5.13 -6.12 -11.31
CA LEU A 37 3.70 -6.02 -11.51
C LEU A 37 3.24 -4.57 -11.39
N GLY A 38 4.00 -3.67 -12.00
CA GLY A 38 3.67 -2.26 -11.95
C GLY A 38 3.69 -1.60 -13.32
N ASP A 39 2.52 -1.19 -13.79
CA ASP A 39 2.42 -0.54 -15.09
C ASP A 39 2.41 0.98 -14.95
N ASN A 40 2.39 1.68 -16.07
CA ASN A 40 2.36 3.14 -16.05
C ASN A 40 1.01 3.63 -15.56
N ASN A 41 1.02 4.35 -14.45
CA ASN A 41 -0.22 4.86 -13.87
C ASN A 41 -1.12 3.70 -13.47
N LYS A 42 -0.53 2.52 -13.33
CA LYS A 42 -1.29 1.33 -12.98
C LYS A 42 -0.39 0.25 -12.37
N TYR A 43 -1.02 -0.70 -11.68
CA TYR A 43 -0.29 -1.81 -11.06
C TYR A 43 -0.99 -3.12 -11.36
N ILE A 44 -0.44 -3.85 -12.33
CA ILE A 44 -1.03 -5.13 -12.73
C ILE A 44 -0.54 -6.28 -11.85
N ILE A 45 -1.38 -6.70 -10.91
CA ILE A 45 -1.04 -7.79 -10.01
C ILE A 45 -1.40 -9.14 -10.63
N GLN A 46 -0.47 -10.10 -10.54
CA GLN A 46 -0.69 -11.42 -11.08
C GLN A 46 -0.06 -12.49 -10.20
N ASN A 47 -0.75 -13.62 -10.06
CA ASN A 47 -0.25 -14.71 -9.23
C ASN A 47 0.03 -14.22 -7.81
N HIS A 48 -0.66 -13.16 -7.42
CA HIS A 48 -0.49 -12.58 -6.09
C HIS A 48 -0.72 -13.62 -5.00
N ASP A 49 -0.31 -13.28 -3.78
CA ASP A 49 -0.47 -14.19 -2.65
C ASP A 49 -1.34 -13.56 -1.57
N SER A 50 -2.26 -14.35 -1.02
CA SER A 50 -3.16 -13.86 0.02
C SER A 50 -2.37 -13.28 1.19
N SER A 51 -2.14 -11.97 1.15
CA SER A 51 -1.39 -11.31 2.22
C SER A 51 -1.36 -9.81 2.03
N PRO A 52 -0.79 -9.09 3.02
CA PRO A 52 -0.70 -7.63 3.02
C PRO A 52 0.57 -7.10 2.40
N LEU A 53 0.61 -5.78 2.25
CA LEU A 53 1.77 -5.09 1.69
C LEU A 53 1.50 -3.59 1.62
N THR A 54 2.54 -2.80 1.77
CA THR A 54 2.42 -1.36 1.70
C THR A 54 2.87 -0.90 0.32
N VAL A 55 1.91 -0.44 -0.48
CA VAL A 55 2.21 -0.01 -1.84
C VAL A 55 2.40 1.51 -1.90
N SER A 56 3.51 1.93 -2.49
CA SER A 56 3.81 3.34 -2.63
C SER A 56 3.83 3.75 -4.10
N CYS A 57 3.24 4.89 -4.39
CA CYS A 57 3.17 5.39 -5.77
C CYS A 57 3.86 6.74 -5.88
N THR A 58 4.55 6.96 -6.99
CA THR A 58 5.25 8.21 -7.21
C THR A 58 5.10 8.71 -8.64
N ALA A 59 4.20 9.68 -8.83
CA ALA A 59 3.97 10.24 -10.15
C ALA A 59 4.49 11.68 -10.22
N GLY A 60 5.69 11.84 -10.74
CA GLY A 60 6.27 13.18 -10.86
C GLY A 60 6.52 13.80 -9.49
N ASP A 61 5.64 14.72 -9.10
CA ASP A 61 5.76 15.40 -7.81
C ASP A 61 4.63 15.00 -6.88
N GLN A 62 4.10 13.79 -7.07
CA GLN A 62 3.01 13.29 -6.24
C GLN A 62 3.36 11.95 -5.61
N GLU A 63 2.80 11.68 -4.44
CA GLU A 63 3.06 10.43 -3.73
C GLU A 63 1.78 9.88 -3.09
N HIS A 64 1.46 8.64 -3.41
CA HIS A 64 0.26 7.99 -2.86
C HIS A 64 0.59 6.59 -2.39
N THR A 65 0.12 6.26 -1.19
CA THR A 65 0.36 4.93 -0.61
C THR A 65 -0.95 4.29 -0.14
N MET A 66 -0.99 2.96 -0.16
CA MET A 66 -2.18 2.24 0.27
C MET A 66 -1.84 0.80 0.63
N TYR A 67 -2.35 0.34 1.77
CA TYR A 67 -2.09 -1.03 2.21
C TYR A 67 -2.86 -2.02 1.34
N LEU A 68 -2.15 -3.04 0.86
CA LEU A 68 -2.75 -4.05 0.00
C LEU A 68 -2.68 -5.43 0.65
N ASN A 69 -3.80 -5.89 1.20
CA ASN A 69 -3.86 -7.20 1.82
C ASN A 69 -5.09 -7.97 1.37
N ALA A 70 -4.88 -8.92 0.46
CA ALA A 70 -5.97 -9.72 -0.05
C ALA A 70 -5.45 -10.89 -0.88
N LYS A 71 -6.36 -11.70 -1.40
CA LYS A 71 -6.00 -12.85 -2.22
C LYS A 71 -6.60 -12.73 -3.61
N VAL A 72 -5.90 -13.27 -4.61
CA VAL A 72 -6.36 -13.22 -6.00
C VAL A 72 -7.03 -14.53 -6.38
N GLY A 73 -8.10 -14.42 -7.17
CA GLY A 73 -8.81 -15.61 -7.61
C GLY A 73 -10.31 -15.38 -7.71
N SER A 74 -10.96 -15.23 -6.56
CA SER A 74 -12.40 -15.01 -6.52
C SER A 74 -12.73 -13.79 -5.66
N ALA A 75 -13.00 -12.66 -6.29
CA ALA A 75 -13.33 -11.44 -5.58
C ALA A 75 -14.22 -10.53 -6.43
N ASP A 76 -13.62 -9.87 -7.41
CA ASP A 76 -14.37 -8.98 -8.30
C ASP A 76 -13.99 -9.23 -9.76
N ASP A 77 -14.58 -8.44 -10.64
CA ASP A 77 -14.31 -8.56 -12.07
C ASP A 77 -14.96 -7.43 -12.86
N ALA A 78 -14.65 -7.35 -14.14
CA ALA A 78 -15.20 -6.31 -15.00
C ALA A 78 -16.20 -6.88 -16.00
N LYS A 79 -15.70 -7.73 -16.90
CA LYS A 79 -16.55 -8.36 -17.91
C LYS A 79 -15.98 -9.71 -18.34
N LYS A 80 -16.11 -10.70 -17.46
CA LYS A 80 -15.61 -12.04 -17.74
C LYS A 80 -16.03 -13.03 -16.65
N ASP A 81 -16.17 -14.29 -17.02
CA ASP A 81 -16.56 -15.33 -16.07
C ASP A 81 -15.92 -16.66 -16.42
N ALA A 82 -16.00 -17.04 -17.69
CA ALA A 82 -15.41 -18.29 -18.16
C ALA A 82 -14.06 -18.06 -18.81
N ALA A 83 -13.01 -18.54 -18.14
CA ALA A 83 -11.65 -18.40 -18.66
C ALA A 83 -10.69 -19.36 -17.98
N LYS A 84 -9.69 -19.81 -18.71
CA LYS A 84 -8.70 -20.74 -18.17
C LYS A 84 -7.28 -20.24 -18.42
N LYS A 85 -6.82 -19.36 -17.53
CA LYS A 85 -5.48 -18.79 -17.64
C LYS A 85 -4.76 -18.83 -16.30
N ASP A 86 -3.48 -18.44 -16.31
CA ASP A 86 -2.69 -18.44 -15.09
C ASP A 86 -2.59 -19.82 -14.48
N ASP A 87 -1.40 -20.41 -14.54
CA ASP A 87 -1.17 -21.75 -14.00
C ASP A 87 -1.48 -21.79 -12.50
N ALA A 88 -2.06 -22.89 -12.06
CA ALA A 88 -2.40 -23.05 -10.64
C ALA A 88 -1.14 -23.18 -9.79
N LYS A 89 -0.56 -22.05 -9.42
CA LYS A 89 0.64 -22.03 -8.59
C LYS A 89 1.79 -22.74 -9.30
N LYS A 90 2.60 -21.98 -10.03
CA LYS A 90 3.73 -22.54 -10.75
C LYS A 90 5.00 -21.72 -10.50
N ASP A 91 5.93 -22.30 -9.76
CA ASP A 91 7.20 -21.63 -9.46
C ASP A 91 6.94 -20.36 -8.65
N ASP A 92 7.42 -20.35 -7.41
CA ASP A 92 7.25 -19.19 -6.54
C ASP A 92 8.22 -19.25 -5.36
N ALA A 93 8.35 -20.43 -4.76
CA ALA A 93 9.24 -20.62 -3.62
C ALA A 93 8.81 -19.76 -2.44
N LYS A 94 9.17 -18.48 -2.47
CA LYS A 94 8.83 -17.56 -1.40
C LYS A 94 9.18 -16.12 -1.79
N LYS A 95 8.36 -15.18 -1.35
CA LYS A 95 8.58 -13.77 -1.65
C LYS A 95 8.15 -12.89 -0.47
N ASP A 96 8.92 -11.84 -0.23
CA ASP A 96 8.61 -10.91 0.87
C ASP A 96 8.65 -9.46 0.39
N GLY A 97 9.84 -8.99 0.02
CA GLY A 97 9.99 -7.63 -0.45
C GLY A 97 10.45 -6.69 0.64
N SER A 98 9.51 -6.04 1.29
CA SER A 98 9.82 -5.10 2.37
C SER A 98 9.54 -5.71 3.73
N VAL A 99 10.58 -5.84 4.55
CA VAL A 99 10.45 -6.42 5.88
C VAL A 99 11.43 -5.77 6.85
N ALA A 100 11.38 -4.44 6.93
CA ALA A 100 12.27 -3.69 7.82
C ALA A 100 13.74 -3.94 7.47
N LYS A 101 14.63 -3.53 8.37
CA LYS A 101 16.07 -3.70 8.14
C LYS A 101 16.55 -2.74 7.05
N LEU A 102 15.93 -1.58 6.99
CA LEU A 102 16.29 -0.56 6.00
C LEU A 102 17.58 0.15 6.39
N GLY A 103 17.98 1.13 5.59
CA GLY A 103 19.19 1.87 5.85
C GLY A 103 20.30 1.56 4.87
N VAL A 104 19.98 1.61 3.58
CA VAL A 104 20.95 1.34 2.54
C VAL A 104 20.34 1.51 1.15
N HIS A 105 19.09 1.08 1.01
CA HIS A 105 18.40 1.18 -0.27
C HIS A 105 17.07 1.92 -0.12
N GLY A 106 17.11 3.24 -0.28
CA GLY A 106 15.90 4.05 -0.16
C GLY A 106 15.23 3.88 1.19
N LEU A 107 13.91 3.71 1.17
CA LEU A 107 13.14 3.54 2.40
C LEU A 107 11.88 2.72 2.14
N SER A 108 11.27 2.24 3.21
CA SER A 108 10.05 1.45 3.11
C SER A 108 9.21 1.56 4.37
N MET A 109 7.90 1.57 4.20
CA MET A 109 6.97 1.68 5.32
C MET A 109 5.96 0.53 5.30
N SER A 110 5.51 0.14 6.48
CA SER A 110 4.54 -0.93 6.59
C SER A 110 3.80 -0.85 7.92
N VAL A 111 2.80 -1.72 8.10
CA VAL A 111 2.03 -1.74 9.34
C VAL A 111 2.33 -2.98 10.17
N LYS A 112 2.39 -2.82 11.48
CA LYS A 112 2.66 -3.93 12.38
C LYS A 112 1.38 -4.42 13.04
N GLU A 113 1.43 -5.64 13.58
CA GLU A 113 0.27 -6.21 14.25
C GLU A 113 0.61 -6.65 15.66
N VAL A 114 0.02 -5.97 16.62
CA VAL A 114 0.26 -6.25 18.03
C VAL A 114 -1.05 -6.58 18.74
N SER A 115 -0.96 -6.81 20.04
CA SER A 115 -2.10 -7.15 20.90
C SER A 115 -3.41 -6.50 20.43
N GLY A 116 -4.09 -7.17 19.50
CA GLY A 116 -5.35 -6.67 18.99
C GLY A 116 -5.23 -5.28 18.42
N LYS A 117 -4.04 -4.92 17.96
CA LYS A 117 -3.81 -3.60 17.42
C LYS A 117 -3.03 -3.65 16.10
N VAL A 118 -2.89 -2.49 15.48
CA VAL A 118 -2.16 -2.36 14.22
C VAL A 118 -1.38 -1.06 14.20
N PHE A 119 -0.07 -1.17 14.27
CA PHE A 119 0.81 0.00 14.27
C PHE A 119 1.48 0.18 12.93
N LEU A 120 2.24 1.26 12.79
CA LEU A 120 2.92 1.55 11.52
C LEU A 120 4.31 2.11 11.74
N GLN A 121 5.07 2.19 10.65
CA GLN A 121 6.43 2.73 10.69
C GLN A 121 6.56 3.89 9.71
N CYS A 122 7.70 4.56 9.73
CA CYS A 122 7.92 5.71 8.83
C CYS A 122 9.41 5.96 8.61
N GLN A 123 9.71 6.97 7.80
CA GLN A 123 11.08 7.33 7.49
C GLN A 123 11.53 8.52 8.34
N GLU A 124 12.67 8.37 9.00
CA GLU A 124 13.20 9.42 9.85
C GLU A 124 14.44 10.06 9.24
N SER A 125 14.51 11.38 9.29
CA SER A 125 15.65 12.11 8.73
C SER A 125 16.78 12.22 9.75
N LYS A 126 16.46 12.80 10.90
CA LYS A 126 17.45 12.98 11.97
C LYS A 126 17.24 11.96 13.07
N ASP A 127 17.94 12.15 14.19
CA ASP A 127 17.83 11.25 15.33
C ASP A 127 17.89 12.02 16.64
N LEU A 128 16.73 12.34 17.20
CA LEU A 128 16.65 13.08 18.45
C LEU A 128 15.22 13.11 18.98
N ASN A 129 14.34 13.78 18.24
CA ASN A 129 12.93 13.88 18.63
C ASN A 129 12.01 13.39 17.52
N THR A 130 12.31 13.81 16.29
CA THR A 130 11.51 13.42 15.14
C THR A 130 11.51 11.90 14.97
N ASN A 131 10.54 11.24 15.59
CA ASN A 131 10.43 9.78 15.50
C ASN A 131 9.12 9.38 14.84
N TYR A 132 9.22 8.82 13.64
CA TYR A 132 8.05 8.38 12.89
C TYR A 132 7.10 9.55 12.63
N LEU A 133 7.11 10.03 11.40
CA LEU A 133 6.26 11.15 11.01
C LEU A 133 4.92 10.65 10.47
N TRP A 134 3.83 11.08 11.11
CA TRP A 134 2.50 10.66 10.70
C TRP A 134 1.55 11.86 10.64
N LYS A 135 1.05 12.16 9.44
CA LYS A 135 0.11 13.26 9.26
C LYS A 135 -1.18 12.74 8.65
N LYS A 136 -2.26 12.83 9.40
CA LYS A 136 -3.57 12.35 8.96
C LYS A 136 -4.29 13.41 8.13
N GLY A 137 -5.06 12.96 7.15
CA GLY A 137 -5.80 13.89 6.29
C GLY A 137 -6.51 14.98 7.08
N LYS A 138 -6.88 14.67 8.32
CA LYS A 138 -7.57 15.64 9.17
C LYS A 138 -6.70 16.07 10.35
N GLU A 139 -5.69 15.26 10.66
CA GLU A 139 -4.80 15.56 11.77
C GLU A 139 -3.39 15.85 11.26
N GLU A 140 -2.78 16.92 11.77
CA GLU A 140 -1.44 17.28 11.37
C GLU A 140 -0.44 16.23 11.84
N LEU A 141 0.65 16.64 12.49
CA LEU A 141 1.64 15.68 12.93
C LEU A 141 1.55 15.38 14.43
N GLY A 142 2.47 14.55 14.87
CA GLY A 142 2.53 14.14 16.27
C GLY A 142 3.50 12.99 16.43
N ASN A 143 4.80 13.32 16.46
CA ASN A 143 5.84 12.30 16.57
C ASN A 143 5.53 11.27 17.65
N MET A 144 5.83 10.01 17.35
CA MET A 144 5.59 8.91 18.27
C MET A 144 6.56 7.76 18.01
N ARG A 145 6.96 7.07 19.07
CA ARG A 145 7.89 5.94 18.94
C ARG A 145 7.37 4.94 17.91
N GLN A 146 6.08 4.63 18.00
CA GLN A 146 5.44 3.69 17.09
C GLN A 146 4.13 4.29 16.59
N LEU A 147 3.91 4.21 15.27
CA LEU A 147 2.69 4.75 14.70
C LEU A 147 1.47 3.93 15.09
N ASP A 148 0.63 4.51 15.95
CA ASP A 148 -0.59 3.85 16.40
C ASP A 148 -1.77 4.81 16.28
N LEU A 149 -2.45 4.75 15.14
CA LEU A 149 -3.59 5.61 14.88
C LEU A 149 -4.84 4.78 14.54
N GLY A 150 -4.86 3.55 15.04
CA GLY A 150 -5.99 2.67 14.78
C GLY A 150 -5.84 1.33 15.46
N ALA A 151 -6.92 0.55 15.47
CA ALA A 151 -6.91 -0.76 16.10
C ALA A 151 -7.14 -1.86 15.08
N ILE A 152 -6.91 -3.11 15.49
CA ILE A 152 -7.11 -4.24 14.59
C ILE A 152 -8.59 -4.45 14.32
N TYR A 153 -9.40 -4.35 15.37
CA TYR A 153 -10.84 -4.51 15.24
C TYR A 153 -11.47 -3.14 14.99
N ASP A 154 -10.91 -2.13 15.64
CA ASP A 154 -11.37 -0.75 15.48
C ASP A 154 -10.42 0.00 14.56
N ASP A 155 -10.35 -0.48 13.31
CA ASP A 155 -9.47 0.09 12.29
C ASP A 155 -9.28 1.60 12.44
N PRO A 156 -8.12 2.11 11.97
CA PRO A 156 -7.79 3.53 12.03
C PRO A 156 -8.92 4.41 11.52
N ARG A 157 -9.66 3.89 10.56
CA ARG A 157 -10.78 4.60 9.98
C ARG A 157 -10.35 5.95 9.42
N GLY A 158 -9.10 6.03 8.98
CA GLY A 158 -8.59 7.27 8.42
C GLY A 158 -7.26 7.11 7.73
N THR A 159 -7.13 7.70 6.55
CA THR A 159 -5.90 7.62 5.78
C THR A 159 -4.88 8.63 6.28
N TYR A 160 -3.63 8.20 6.46
CA TYR A 160 -2.59 9.07 6.95
C TYR A 160 -1.45 9.19 5.93
N THR A 161 -0.56 10.13 6.18
CA THR A 161 0.58 10.36 5.31
C THR A 161 1.89 10.17 6.08
N CYS A 162 2.85 9.48 5.47
CA CYS A 162 4.13 9.22 6.12
C CYS A 162 5.29 9.62 5.22
N GLN A 163 6.21 10.42 5.77
CA GLN A 163 7.37 10.88 5.03
C GLN A 163 8.36 11.57 5.97
N ARG A 164 9.57 11.82 5.48
CA ARG A 164 10.61 12.47 6.29
C ARG A 164 10.43 13.98 6.33
N ASP A 165 9.18 14.47 6.34
CA ASP A 165 8.92 15.91 6.38
C ASP A 165 7.83 16.24 7.38
N GLU A 166 7.76 17.52 7.77
CA GLU A 166 6.74 17.97 8.71
C GLU A 166 5.38 18.09 8.04
N ASN A 167 5.36 17.89 6.73
CA ASN A 167 4.13 17.96 5.95
C ASN A 167 4.10 16.83 4.94
N VAL A 168 4.49 15.64 5.42
CA VAL A 168 4.55 14.41 4.63
C VAL A 168 3.68 14.48 3.37
N ASN A 169 4.15 13.82 2.32
CA ASN A 169 3.43 13.82 1.05
C ASN A 169 2.84 12.44 0.73
N SER A 170 3.56 11.38 1.07
CA SER A 170 3.09 10.02 0.80
C SER A 170 1.88 9.69 1.67
N THR A 171 0.70 9.68 1.06
CA THR A 171 -0.53 9.37 1.79
C THR A 171 -0.83 7.88 1.77
N LEU A 172 -0.67 7.24 2.93
CA LEU A 172 -0.93 5.82 3.06
C LEU A 172 -2.35 5.57 3.56
N HIS A 173 -3.19 5.03 2.68
CA HIS A 173 -4.58 4.75 3.03
C HIS A 173 -4.70 3.49 3.89
N VAL A 174 -5.84 3.34 4.56
CA VAL A 174 -6.07 2.18 5.42
C VAL A 174 -7.32 1.41 4.97
N HIS A 175 -7.18 0.09 4.87
CA HIS A 175 -8.30 -0.75 4.46
C HIS A 175 -7.88 -2.23 4.46
N TYR A 176 -8.19 -2.92 5.55
CA TYR A 176 -7.84 -4.34 5.65
C TYR A 176 -9.03 -5.16 6.15
N ARG A 177 -9.13 -6.39 5.66
CA ARG A 177 -10.21 -7.26 6.06
C ARG A 177 -9.75 -8.72 6.07
N MET A 178 -8.89 -9.06 7.02
CA MET A 178 -8.37 -10.42 7.13
C MET A 178 -7.64 -10.84 5.85
N GLY A 1 -25.34 3.45 -0.63
CA GLY A 1 -24.33 2.39 -0.83
C GLY A 1 -23.80 2.34 -2.26
N SER A 2 -23.07 3.38 -2.65
CA SER A 2 -22.51 3.45 -3.99
C SER A 2 -21.02 3.78 -3.95
N HIS A 3 -20.67 4.77 -3.13
CA HIS A 3 -19.27 5.19 -3.00
C HIS A 3 -18.83 5.15 -1.55
N MET A 4 -18.30 4.01 -1.12
CA MET A 4 -17.84 3.84 0.26
C MET A 4 -16.38 4.23 0.39
N GLY A 5 -16.13 5.43 0.89
CA GLY A 5 -14.77 5.90 1.06
C GLY A 5 -14.16 6.40 -0.25
N GLN A 6 -13.21 5.65 -0.78
CA GLN A 6 -12.55 6.02 -2.03
C GLN A 6 -11.58 4.93 -2.47
N GLU A 7 -11.36 4.85 -3.78
CA GLU A 7 -10.45 3.85 -4.34
C GLU A 7 -9.34 4.52 -5.14
N GLU A 8 -8.42 5.16 -4.44
CA GLU A 8 -7.30 5.84 -5.09
C GLU A 8 -6.51 4.88 -5.96
N PHE A 9 -6.17 3.72 -5.40
CA PHE A 9 -5.41 2.71 -6.13
C PHE A 9 -6.34 1.86 -7.00
N ALA A 10 -7.58 1.71 -6.56
CA ALA A 10 -8.57 0.93 -7.29
C ALA A 10 -8.11 -0.51 -7.47
N VAL A 11 -8.81 -1.44 -6.81
CA VAL A 11 -8.48 -2.85 -6.90
C VAL A 11 -9.54 -3.61 -7.70
N GLU A 12 -9.10 -4.49 -8.58
CA GLU A 12 -10.01 -5.28 -9.39
C GLU A 12 -9.63 -6.76 -9.36
N ILE A 13 -10.38 -7.55 -8.61
CA ILE A 13 -10.14 -8.98 -8.51
C ILE A 13 -10.81 -9.74 -9.64
N SER A 14 -10.13 -10.74 -10.18
CA SER A 14 -10.68 -11.53 -11.27
C SER A 14 -9.97 -12.88 -11.39
N GLY A 15 -10.69 -13.95 -11.03
CA GLY A 15 -10.13 -15.29 -11.10
C GLY A 15 -8.74 -15.40 -10.51
N THR A 16 -8.66 -15.30 -9.19
CA THR A 16 -7.37 -15.39 -8.51
C THR A 16 -6.37 -14.37 -9.04
N THR A 17 -6.87 -13.34 -9.73
CA THR A 17 -6.01 -12.31 -10.28
C THR A 17 -6.60 -10.93 -10.04
N VAL A 18 -5.97 -10.17 -9.16
CA VAL A 18 -6.46 -8.82 -8.85
C VAL A 18 -5.47 -7.76 -9.33
N THR A 19 -6.01 -6.69 -9.93
CA THR A 19 -5.19 -5.62 -10.46
C THR A 19 -5.35 -4.33 -9.64
N ILE A 20 -4.27 -3.57 -9.55
CA ILE A 20 -4.28 -2.30 -8.81
C ILE A 20 -3.66 -1.19 -9.66
N THR A 21 -4.40 -0.09 -9.83
CA THR A 21 -3.91 1.03 -10.62
C THR A 21 -3.32 2.13 -9.75
N CYS A 22 -2.33 2.84 -10.28
CA CYS A 22 -1.70 3.94 -9.54
C CYS A 22 -2.33 5.27 -9.93
N PRO A 23 -2.91 5.99 -8.96
CA PRO A 23 -3.56 7.29 -9.22
C PRO A 23 -2.58 8.46 -9.24
N SER A 24 -1.30 8.19 -8.97
CA SER A 24 -0.30 9.24 -8.96
C SER A 24 -0.23 9.97 -10.29
N SER A 25 -0.54 9.26 -11.36
CA SER A 25 -0.52 9.85 -12.70
C SER A 25 -0.91 8.82 -13.76
N GLY A 26 0.05 7.99 -14.16
CA GLY A 26 -0.21 6.97 -15.17
C GLY A 26 0.63 7.16 -16.41
N ASP A 27 1.75 6.43 -16.48
CA ASP A 27 2.65 6.51 -17.62
C ASP A 27 3.84 5.59 -17.43
N ASP A 28 4.58 5.82 -16.35
CA ASP A 28 5.75 5.01 -16.02
C ASP A 28 5.89 4.88 -14.51
N ILE A 29 4.86 4.31 -13.88
CA ILE A 29 4.85 4.13 -12.43
C ILE A 29 5.83 3.05 -11.99
N LYS A 30 6.28 3.17 -10.74
CA LYS A 30 7.22 2.22 -10.17
C LYS A 30 6.67 1.61 -8.89
N TRP A 31 6.88 0.31 -8.72
CA TRP A 31 6.39 -0.40 -7.53
C TRP A 31 7.57 -0.82 -6.65
N LYS A 32 7.27 -1.49 -5.53
CA LYS A 32 8.32 -1.92 -4.61
C LYS A 32 8.02 -3.27 -3.98
N PRO A 33 6.95 -3.39 -3.16
CA PRO A 33 6.58 -4.63 -2.50
C PRO A 33 6.88 -5.88 -3.32
N ASP A 34 6.49 -5.86 -4.59
CA ASP A 34 6.73 -6.98 -5.48
C ASP A 34 6.61 -6.53 -6.94
N PRO A 35 7.73 -6.09 -7.54
CA PRO A 35 7.76 -5.64 -8.94
C PRO A 35 7.41 -6.77 -9.90
N ALA A 36 7.66 -8.01 -9.46
CA ALA A 36 7.37 -9.18 -10.27
C ALA A 36 5.92 -9.16 -10.74
N LEU A 37 5.07 -8.49 -9.96
CA LEU A 37 3.65 -8.39 -10.29
C LEU A 37 3.22 -6.93 -10.34
N GLY A 38 4.04 -6.10 -10.99
CA GLY A 38 3.74 -4.68 -11.08
C GLY A 38 3.77 -4.19 -12.52
N ASP A 39 2.60 -3.89 -13.06
CA ASP A 39 2.48 -3.41 -14.43
C ASP A 39 2.78 -1.91 -14.47
N ASN A 40 3.03 -1.39 -15.68
CA ASN A 40 3.32 0.04 -15.87
C ASN A 40 2.55 0.91 -14.89
N ASN A 41 1.28 1.16 -15.18
CA ASN A 41 0.44 1.97 -14.30
C ASN A 41 -0.56 1.09 -13.55
N LYS A 42 -0.21 -0.19 -13.41
CA LYS A 42 -1.08 -1.13 -12.72
C LYS A 42 -0.26 -2.20 -11.99
N TYR A 43 -0.91 -2.98 -11.15
CA TYR A 43 -0.26 -4.04 -10.39
C TYR A 43 -1.06 -5.32 -10.49
N ILE A 44 -0.62 -6.23 -11.35
CA ILE A 44 -1.30 -7.50 -11.56
C ILE A 44 -0.90 -8.53 -10.50
N ILE A 45 -1.80 -8.78 -9.55
CA ILE A 45 -1.53 -9.76 -8.50
C ILE A 45 -2.03 -11.14 -8.91
N GLN A 46 -1.15 -12.13 -8.78
CA GLN A 46 -1.50 -13.50 -9.14
C GLN A 46 -0.99 -14.48 -8.10
N ASN A 47 -1.74 -15.55 -7.86
CA ASN A 47 -1.34 -16.56 -6.88
C ASN A 47 -1.11 -15.92 -5.52
N HIS A 48 -1.78 -14.79 -5.28
CA HIS A 48 -1.65 -14.07 -4.02
C HIS A 48 -2.21 -14.89 -2.86
N ASP A 49 -1.92 -14.43 -1.64
CA ASP A 49 -2.40 -15.11 -0.44
C ASP A 49 -3.28 -14.19 0.39
N SER A 50 -4.35 -14.74 0.94
CA SER A 50 -5.27 -13.97 1.77
C SER A 50 -4.53 -13.28 2.91
N SER A 51 -4.14 -12.03 2.70
CA SER A 51 -3.41 -11.29 3.71
C SER A 51 -3.20 -9.83 3.30
N PRO A 52 -2.63 -9.02 4.21
CA PRO A 52 -2.37 -7.60 3.99
C PRO A 52 -1.02 -7.32 3.36
N LEU A 53 -0.81 -6.05 3.03
CA LEU A 53 0.45 -5.60 2.45
C LEU A 53 0.40 -4.10 2.20
N THR A 54 1.55 -3.46 2.31
CA THR A 54 1.65 -2.03 2.08
C THR A 54 2.15 -1.78 0.66
N VAL A 55 1.26 -1.31 -0.21
CA VAL A 55 1.62 -1.06 -1.60
C VAL A 55 1.93 0.42 -1.82
N SER A 56 2.98 0.68 -2.58
CA SER A 56 3.41 2.04 -2.87
C SER A 56 3.82 2.18 -4.32
N CYS A 57 3.26 3.17 -5.01
CA CYS A 57 3.58 3.41 -6.40
C CYS A 57 4.11 4.82 -6.58
N THR A 58 4.94 5.00 -7.61
CA THR A 58 5.55 6.30 -7.88
C THR A 58 5.35 6.70 -9.34
N ALA A 59 4.52 7.72 -9.56
CA ALA A 59 4.27 8.22 -10.90
C ALA A 59 4.89 9.60 -11.08
N GLY A 60 6.04 9.64 -11.74
CA GLY A 60 6.71 10.91 -11.96
C GLY A 60 7.17 11.55 -10.66
N ASP A 61 6.42 12.56 -10.21
CA ASP A 61 6.75 13.26 -8.98
C ASP A 61 5.64 13.11 -7.95
N GLN A 62 4.93 11.99 -8.01
CA GLN A 62 3.83 11.72 -7.09
C GLN A 62 4.08 10.47 -6.26
N GLU A 63 3.55 10.44 -5.05
CA GLU A 63 3.72 9.30 -4.16
C GLU A 63 2.37 8.83 -3.61
N HIS A 64 1.95 7.65 -4.04
CA HIS A 64 0.67 7.09 -3.60
C HIS A 64 0.86 5.74 -2.93
N THR A 65 0.09 5.49 -1.88
CA THR A 65 0.17 4.22 -1.14
C THR A 65 -1.20 3.80 -0.62
N MET A 66 -1.40 2.49 -0.50
CA MET A 66 -2.66 1.95 -0.01
C MET A 66 -2.45 0.55 0.55
N TYR A 67 -3.16 0.23 1.63
CA TYR A 67 -3.05 -1.09 2.24
C TYR A 67 -3.87 -2.12 1.47
N LEU A 68 -3.21 -3.21 1.10
CA LEU A 68 -3.87 -4.27 0.35
C LEU A 68 -3.98 -5.54 1.18
N ASN A 69 -5.18 -5.80 1.69
CA ASN A 69 -5.41 -6.99 2.50
C ASN A 69 -6.67 -7.71 2.06
N ALA A 70 -6.49 -8.80 1.33
CA ALA A 70 -7.61 -9.59 0.85
C ALA A 70 -7.14 -10.93 0.28
N LYS A 71 -8.10 -11.73 -0.18
CA LYS A 71 -7.78 -13.03 -0.76
C LYS A 71 -8.15 -13.08 -2.23
N VAL A 72 -7.33 -13.77 -3.02
CA VAL A 72 -7.57 -13.88 -4.45
C VAL A 72 -8.24 -15.21 -4.79
N GLY A 73 -9.16 -15.18 -5.75
CA GLY A 73 -9.86 -16.37 -6.15
C GLY A 73 -11.34 -16.32 -5.82
N SER A 74 -11.67 -16.30 -4.53
CA SER A 74 -13.05 -16.24 -4.09
C SER A 74 -13.34 -14.92 -3.38
N ALA A 75 -13.45 -13.85 -4.16
CA ALA A 75 -13.73 -12.53 -3.62
C ALA A 75 -14.61 -11.72 -4.56
N ASP A 76 -14.02 -11.21 -5.64
CA ASP A 76 -14.74 -10.42 -6.62
C ASP A 76 -14.36 -10.82 -8.04
N ASP A 77 -15.15 -10.36 -9.01
CA ASP A 77 -14.90 -10.67 -10.41
C ASP A 77 -15.91 -9.99 -11.31
N ALA A 78 -15.83 -10.26 -12.61
CA ALA A 78 -16.75 -9.67 -13.58
C ALA A 78 -17.04 -10.65 -14.72
N LYS A 79 -18.32 -10.78 -15.04
CA LYS A 79 -18.74 -11.68 -16.11
C LYS A 79 -18.71 -10.97 -17.46
N LYS A 80 -17.60 -11.12 -18.18
CA LYS A 80 -17.45 -10.49 -19.49
C LYS A 80 -16.34 -11.17 -20.30
N ASP A 81 -16.32 -10.92 -21.59
CA ASP A 81 -15.31 -11.51 -22.46
C ASP A 81 -13.91 -11.08 -22.04
N ALA A 82 -13.74 -9.79 -21.76
CA ALA A 82 -12.45 -9.26 -21.34
C ALA A 82 -11.39 -9.49 -22.41
N ALA A 83 -10.16 -9.11 -22.10
CA ALA A 83 -9.05 -9.28 -23.03
C ALA A 83 -7.96 -10.18 -22.45
N LYS A 84 -6.93 -10.44 -23.24
CA LYS A 84 -5.82 -11.28 -22.80
C LYS A 84 -4.93 -10.55 -21.79
N LYS A 85 -4.41 -11.28 -20.82
CA LYS A 85 -3.55 -10.70 -19.80
C LYS A 85 -2.08 -10.96 -20.11
N ASP A 86 -1.75 -10.98 -21.40
CA ASP A 86 -0.37 -11.22 -21.82
C ASP A 86 0.10 -12.60 -21.37
N ASP A 87 1.13 -13.11 -22.04
CA ASP A 87 1.68 -14.43 -21.70
C ASP A 87 3.13 -14.31 -21.24
N ALA A 88 3.89 -13.47 -21.94
CA ALA A 88 5.30 -13.27 -21.61
C ALA A 88 5.46 -12.71 -20.20
N LYS A 89 6.70 -12.48 -19.81
CA LYS A 89 6.99 -11.93 -18.48
C LYS A 89 6.49 -12.88 -17.39
N LYS A 90 7.36 -13.79 -16.95
CA LYS A 90 7.00 -14.75 -15.92
C LYS A 90 7.11 -14.12 -14.53
N ASP A 91 6.39 -14.68 -13.58
CA ASP A 91 6.41 -14.18 -12.21
C ASP A 91 7.55 -14.79 -11.42
N ASP A 92 8.38 -13.94 -10.83
CA ASP A 92 9.52 -14.40 -10.04
C ASP A 92 9.17 -14.43 -8.55
N ALA A 93 9.75 -15.39 -7.83
CA ALA A 93 9.51 -15.53 -6.40
C ALA A 93 10.81 -15.63 -5.63
N LYS A 94 11.32 -14.50 -5.17
CA LYS A 94 12.57 -14.47 -4.41
C LYS A 94 12.30 -14.38 -2.92
N LYS A 95 13.34 -14.58 -2.12
CA LYS A 95 13.21 -14.52 -0.67
C LYS A 95 13.84 -13.25 -0.12
N ASP A 96 13.27 -12.74 0.97
CA ASP A 96 13.77 -11.51 1.59
C ASP A 96 13.42 -11.49 3.08
N GLY A 97 13.98 -10.51 3.79
CA GLY A 97 13.73 -10.39 5.21
C GLY A 97 13.80 -8.96 5.70
N SER A 98 12.96 -8.11 5.12
CA SER A 98 12.92 -6.69 5.50
C SER A 98 11.88 -6.44 6.59
N VAL A 99 12.32 -6.49 7.83
CA VAL A 99 11.42 -6.27 8.97
C VAL A 99 11.77 -4.98 9.70
N ALA A 100 13.06 -4.67 9.76
CA ALA A 100 13.52 -3.46 10.44
C ALA A 100 14.90 -3.06 9.94
N LYS A 101 15.52 -2.11 10.64
CA LYS A 101 16.85 -1.63 10.28
C LYS A 101 16.79 -0.80 9.00
N LEU A 102 15.74 0.02 8.89
CA LEU A 102 15.55 0.86 7.72
C LEU A 102 16.29 2.18 7.88
N GLY A 103 17.61 2.14 7.67
CA GLY A 103 18.41 3.34 7.81
C GLY A 103 18.77 3.96 6.46
N VAL A 104 20.04 3.87 6.08
CA VAL A 104 20.50 4.42 4.81
C VAL A 104 20.11 3.52 3.65
N HIS A 105 20.70 2.33 3.61
CA HIS A 105 20.41 1.38 2.55
C HIS A 105 19.19 0.54 2.88
N GLY A 106 18.01 1.05 2.53
CA GLY A 106 16.78 0.33 2.81
C GLY A 106 15.58 1.26 2.96
N LEU A 107 14.57 1.05 2.13
CA LEU A 107 13.36 1.87 2.17
C LEU A 107 12.12 1.00 2.12
N SER A 108 11.40 0.93 3.23
CA SER A 108 10.18 0.13 3.31
C SER A 108 9.24 0.69 4.38
N MET A 109 7.98 0.30 4.28
CA MET A 109 6.96 0.74 5.22
C MET A 109 5.88 -0.32 5.37
N SER A 110 5.38 -0.45 6.59
CA SER A 110 4.33 -1.42 6.87
C SER A 110 3.58 -1.05 8.14
N VAL A 111 2.55 -1.81 8.47
CA VAL A 111 1.76 -1.54 9.67
C VAL A 111 1.75 -2.75 10.61
N LYS A 112 1.67 -2.48 11.90
CA LYS A 112 1.67 -3.51 12.91
C LYS A 112 0.28 -3.72 13.50
N GLU A 113 0.09 -4.85 14.17
CA GLU A 113 -1.18 -5.18 14.79
C GLU A 113 -0.97 -5.57 16.25
N VAL A 114 -1.65 -4.88 17.15
CA VAL A 114 -1.52 -5.13 18.58
C VAL A 114 -2.89 -5.29 19.24
N SER A 115 -2.86 -5.48 20.55
CA SER A 115 -4.06 -5.68 21.38
C SER A 115 -5.29 -4.94 20.84
N GLY A 116 -6.00 -5.57 19.92
CA GLY A 116 -7.20 -4.98 19.36
C GLY A 116 -6.92 -3.63 18.73
N LYS A 117 -5.68 -3.42 18.32
CA LYS A 117 -5.28 -2.16 17.72
C LYS A 117 -4.52 -2.39 16.42
N VAL A 118 -4.28 -1.31 15.70
CA VAL A 118 -3.54 -1.37 14.45
C VAL A 118 -2.63 -0.16 14.32
N PHE A 119 -1.33 -0.41 14.41
CA PHE A 119 -0.34 0.66 14.32
C PHE A 119 0.35 0.62 12.97
N LEU A 120 0.93 1.75 12.58
CA LEU A 120 1.60 1.87 11.30
C LEU A 120 3.07 2.21 11.50
N GLN A 121 3.86 2.01 10.44
CA GLN A 121 5.29 2.31 10.49
C GLN A 121 5.61 3.43 9.50
N CYS A 122 6.86 3.88 9.49
CA CYS A 122 7.27 4.94 8.58
C CYS A 122 8.78 4.93 8.34
N GLN A 123 9.24 5.90 7.57
CA GLN A 123 10.66 6.02 7.25
C GLN A 123 11.29 7.14 8.07
N GLU A 124 12.41 6.83 8.73
CA GLU A 124 13.11 7.81 9.54
C GLU A 124 14.40 8.25 8.86
N SER A 125 14.66 9.56 8.87
CA SER A 125 15.86 10.10 8.25
C SER A 125 16.11 11.53 8.71
N LYS A 126 15.11 12.38 8.54
CA LYS A 126 15.22 13.79 8.94
C LYS A 126 15.58 13.91 10.41
N ASP A 127 16.73 14.52 10.69
CA ASP A 127 17.18 14.70 12.06
C ASP A 127 17.38 13.36 12.76
N LEU A 128 18.25 13.34 13.76
CA LEU A 128 18.52 12.12 14.51
C LEU A 128 17.73 12.09 15.82
N ASN A 129 16.56 12.72 15.81
CA ASN A 129 15.70 12.76 16.98
C ASN A 129 14.34 12.15 16.70
N THR A 130 13.77 12.49 15.54
CA THR A 130 12.47 11.96 15.15
C THR A 130 12.50 10.43 15.07
N ASN A 131 11.36 9.85 14.70
CA ASN A 131 11.26 8.40 14.59
C ASN A 131 10.25 8.01 13.52
N TYR A 132 8.96 8.11 13.85
CA TYR A 132 7.90 7.78 12.91
C TYR A 132 7.02 8.99 12.62
N LEU A 133 7.08 9.49 11.40
CA LEU A 133 6.29 10.64 10.99
C LEU A 133 4.92 10.21 10.49
N TRP A 134 3.92 11.09 10.64
CA TRP A 134 2.57 10.78 10.19
C TRP A 134 1.76 12.05 9.96
N LYS A 135 1.21 12.19 8.76
CA LYS A 135 0.38 13.33 8.43
C LYS A 135 -0.86 12.87 7.67
N LYS A 136 -2.03 13.07 8.27
CA LYS A 136 -3.27 12.65 7.66
C LYS A 136 -3.90 13.78 6.85
N GLY A 137 -4.65 13.43 5.82
CA GLY A 137 -5.29 14.43 4.99
C GLY A 137 -6.04 15.49 5.78
N LYS A 138 -6.44 15.15 7.00
CA LYS A 138 -7.17 16.08 7.86
C LYS A 138 -6.33 16.51 9.05
N GLU A 139 -5.33 15.72 9.41
CA GLU A 139 -4.46 16.04 10.54
C GLU A 139 -3.03 16.27 10.07
N GLU A 140 -2.38 17.28 10.64
CA GLU A 140 -1.01 17.58 10.28
C GLU A 140 -0.06 16.53 10.84
N LEU A 141 0.96 16.93 11.61
CA LEU A 141 1.90 15.97 12.14
C LEU A 141 1.71 15.70 13.63
N GLY A 142 2.58 14.85 14.15
CA GLY A 142 2.56 14.47 15.54
C GLY A 142 3.51 13.31 15.79
N ASN A 143 4.80 13.63 15.87
CA ASN A 143 5.85 12.62 16.06
C ASN A 143 5.48 11.61 17.15
N MET A 144 5.66 10.34 16.84
CA MET A 144 5.37 9.26 17.77
C MET A 144 6.27 8.05 17.51
N ARG A 145 6.43 7.20 18.51
CA ARG A 145 7.26 6.01 18.38
C ARG A 145 6.61 5.02 17.42
N GLN A 146 5.31 4.82 17.58
CA GLN A 146 4.54 3.93 16.73
C GLN A 146 3.29 4.64 16.23
N LEU A 147 3.03 4.58 14.94
CA LEU A 147 1.87 5.24 14.37
C LEU A 147 0.57 4.64 14.89
N ASP A 148 -0.13 5.40 15.73
CA ASP A 148 -1.40 4.97 16.29
C ASP A 148 -2.43 6.08 16.13
N LEU A 149 -3.17 6.04 15.02
CA LEU A 149 -4.19 7.05 14.74
C LEU A 149 -5.55 6.39 14.57
N GLY A 150 -5.76 5.26 15.25
CA GLY A 150 -7.01 4.55 15.17
C GLY A 150 -6.94 3.18 15.81
N ALA A 151 -8.04 2.43 15.74
CA ALA A 151 -8.10 1.09 16.32
C ALA A 151 -8.31 0.04 15.24
N ILE A 152 -8.11 -1.22 15.60
CA ILE A 152 -8.28 -2.32 14.67
C ILE A 152 -9.72 -2.37 14.17
N TYR A 153 -10.66 -2.15 15.08
CA TYR A 153 -12.08 -2.16 14.73
C TYR A 153 -12.50 -0.77 14.24
N ASP A 154 -11.91 0.25 14.84
CA ASP A 154 -12.19 1.63 14.48
C ASP A 154 -11.05 2.17 13.62
N ASP A 155 -10.59 1.34 12.69
CA ASP A 155 -9.50 1.68 11.79
C ASP A 155 -9.55 3.15 11.34
N PRO A 156 -8.40 3.71 10.94
CA PRO A 156 -8.30 5.10 10.48
C PRO A 156 -9.34 5.41 9.41
N ARG A 157 -9.66 4.40 8.61
CA ARG A 157 -10.64 4.53 7.55
C ARG A 157 -10.47 5.83 6.78
N GLY A 158 -9.24 6.30 6.68
CA GLY A 158 -8.98 7.52 5.96
C GLY A 158 -7.64 7.50 5.23
N THR A 159 -7.42 8.50 4.38
CA THR A 159 -6.18 8.59 3.63
C THR A 159 -5.12 9.34 4.44
N TYR A 160 -4.03 8.65 4.76
CA TYR A 160 -2.96 9.25 5.53
C TYR A 160 -1.70 9.42 4.69
N THR A 161 -0.73 10.14 5.24
CA THR A 161 0.54 10.38 4.57
C THR A 161 1.69 10.07 5.52
N CYS A 162 2.66 9.34 5.02
CA CYS A 162 3.81 8.95 5.83
C CYS A 162 5.12 9.08 5.04
N GLN A 163 6.10 9.74 5.64
CA GLN A 163 7.40 9.95 5.00
C GLN A 163 8.41 10.50 6.00
N ARG A 164 9.68 10.48 5.62
CA ARG A 164 10.75 10.98 6.49
C ARG A 164 10.71 12.50 6.66
N ASP A 165 9.78 13.18 5.98
CA ASP A 165 9.67 14.63 6.08
C ASP A 165 8.42 15.04 6.84
N GLU A 166 8.35 16.30 7.24
CA GLU A 166 7.19 16.81 7.98
C GLU A 166 5.94 16.76 7.11
N ASN A 167 5.98 17.47 5.99
CA ASN A 167 4.86 17.50 5.06
C ASN A 167 4.85 16.28 4.15
N VAL A 168 5.08 15.11 4.77
CA VAL A 168 5.13 13.83 4.07
C VAL A 168 4.38 13.85 2.74
N ASN A 169 4.94 13.15 1.77
CA ASN A 169 4.35 13.07 0.43
C ASN A 169 3.67 11.73 0.18
N SER A 170 4.26 10.66 0.72
CA SER A 170 3.70 9.32 0.52
C SER A 170 2.35 9.20 1.21
N THR A 171 1.28 9.19 0.41
CA THR A 171 -0.08 9.08 0.95
C THR A 171 -0.53 7.63 0.99
N LEU A 172 -0.55 7.05 2.19
CA LEU A 172 -0.97 5.67 2.38
C LEU A 172 -2.43 5.61 2.80
N HIS A 173 -3.27 5.08 1.91
CA HIS A 173 -4.70 4.95 2.20
C HIS A 173 -4.98 3.67 2.99
N VAL A 174 -5.25 3.82 4.27
CA VAL A 174 -5.53 2.68 5.12
C VAL A 174 -6.97 2.18 4.93
N HIS A 175 -7.10 0.90 4.64
CA HIS A 175 -8.42 0.29 4.43
C HIS A 175 -8.31 -1.23 4.41
N TYR A 176 -8.78 -1.87 5.47
CA TYR A 176 -8.73 -3.32 5.58
C TYR A 176 -10.06 -3.90 6.02
N ARG A 177 -10.24 -5.19 5.78
CA ARG A 177 -11.46 -5.87 6.16
C ARG A 177 -11.27 -7.38 6.17
N MET A 178 -10.06 -7.82 6.48
CA MET A 178 -9.74 -9.24 6.52
C MET A 178 -9.94 -9.88 5.16
N GLY A 1 -17.27 18.39 -1.40
CA GLY A 1 -17.32 18.18 0.07
C GLY A 1 -16.20 17.30 0.56
N SER A 2 -16.50 16.49 1.58
CA SER A 2 -15.51 15.58 2.15
C SER A 2 -15.97 14.13 2.01
N HIS A 3 -15.49 13.46 0.97
CA HIS A 3 -15.85 12.07 0.72
C HIS A 3 -14.76 11.13 1.25
N MET A 4 -15.13 9.86 1.43
CA MET A 4 -14.18 8.87 1.93
C MET A 4 -13.18 8.47 0.85
N GLY A 5 -12.31 7.53 1.18
CA GLY A 5 -11.31 7.08 0.22
C GLY A 5 -11.09 5.58 0.27
N GLN A 6 -10.81 4.99 -0.90
CA GLN A 6 -10.58 3.56 -0.99
C GLN A 6 -10.22 3.16 -2.42
N GLU A 7 -10.89 3.76 -3.38
CA GLU A 7 -10.65 3.47 -4.80
C GLU A 7 -9.63 4.43 -5.39
N GLU A 8 -8.57 4.72 -4.63
CA GLU A 8 -7.52 5.63 -5.09
C GLU A 8 -6.53 4.90 -6.00
N PHE A 9 -6.15 3.69 -5.59
CA PHE A 9 -5.22 2.89 -6.37
C PHE A 9 -5.94 2.10 -7.47
N ALA A 10 -7.27 2.12 -7.44
CA ALA A 10 -8.06 1.41 -8.43
C ALA A 10 -7.60 -0.04 -8.57
N VAL A 11 -8.13 -0.91 -7.70
CA VAL A 11 -7.77 -2.32 -7.73
C VAL A 11 -8.69 -3.10 -8.66
N GLU A 12 -8.11 -4.03 -9.42
CA GLU A 12 -8.87 -4.85 -10.34
C GLU A 12 -8.49 -6.32 -10.18
N ILE A 13 -9.37 -7.09 -9.54
CA ILE A 13 -9.10 -8.51 -9.32
C ILE A 13 -9.54 -9.34 -10.51
N SER A 14 -8.66 -10.21 -10.98
CA SER A 14 -8.95 -11.08 -12.12
C SER A 14 -8.69 -12.54 -11.75
N GLY A 15 -9.55 -13.09 -10.90
CA GLY A 15 -9.39 -14.47 -10.47
C GLY A 15 -8.24 -14.63 -9.51
N THR A 16 -7.10 -15.08 -10.03
CA THR A 16 -5.92 -15.26 -9.21
C THR A 16 -4.90 -14.15 -9.46
N THR A 17 -5.30 -13.14 -10.22
CA THR A 17 -4.43 -12.02 -10.54
C THR A 17 -5.17 -10.69 -10.41
N VAL A 18 -4.76 -9.87 -9.45
CA VAL A 18 -5.37 -8.56 -9.24
C VAL A 18 -4.37 -7.45 -9.55
N THR A 19 -4.80 -6.49 -10.35
CA THR A 19 -3.93 -5.38 -10.74
C THR A 19 -4.19 -4.13 -9.90
N ILE A 20 -3.23 -3.21 -9.93
CA ILE A 20 -3.32 -1.96 -9.18
C ILE A 20 -2.77 -0.80 -10.00
N THR A 21 -3.26 0.39 -9.75
CA THR A 21 -2.81 1.57 -10.50
C THR A 21 -2.58 2.76 -9.57
N CYS A 22 -1.63 3.61 -9.92
CA CYS A 22 -1.32 4.79 -9.11
C CYS A 22 -2.12 6.00 -9.59
N PRO A 23 -2.91 6.62 -8.69
CA PRO A 23 -3.74 7.79 -9.04
C PRO A 23 -2.91 9.07 -9.17
N SER A 24 -1.64 9.00 -8.78
CA SER A 24 -0.76 10.16 -8.85
C SER A 24 -0.85 10.85 -10.22
N SER A 25 -0.09 10.33 -11.18
CA SER A 25 -0.08 10.90 -12.52
C SER A 25 -0.26 9.82 -13.58
N GLY A 26 0.67 8.86 -13.62
CA GLY A 26 0.59 7.79 -14.59
C GLY A 26 1.55 7.97 -15.75
N ASP A 27 2.73 7.37 -15.62
CA ASP A 27 3.75 7.47 -16.67
C ASP A 27 5.00 6.67 -16.27
N ASP A 28 5.63 7.10 -15.20
CA ASP A 28 6.84 6.44 -14.70
C ASP A 28 6.80 6.34 -13.18
N ILE A 29 5.79 5.63 -12.67
CA ILE A 29 5.61 5.45 -11.24
C ILE A 29 6.68 4.54 -10.64
N LYS A 30 7.00 4.79 -9.38
CA LYS A 30 8.00 3.99 -8.66
C LYS A 30 7.35 3.20 -7.52
N TRP A 31 7.44 1.88 -7.61
CA TRP A 31 6.86 1.01 -6.58
C TRP A 31 7.92 0.60 -5.56
N LYS A 32 7.53 -0.19 -4.58
CA LYS A 32 8.46 -0.62 -3.53
C LYS A 32 8.19 -2.06 -3.06
N PRO A 33 6.99 -2.34 -2.52
CA PRO A 33 6.66 -3.69 -2.02
C PRO A 33 7.22 -4.80 -2.91
N ASP A 34 6.99 -4.68 -4.21
CA ASP A 34 7.48 -5.68 -5.15
C ASP A 34 7.58 -5.08 -6.56
N PRO A 35 8.74 -4.46 -6.86
CA PRO A 35 8.97 -3.84 -8.17
C PRO A 35 8.95 -4.88 -9.28
N ALA A 36 9.21 -6.13 -8.91
CA ALA A 36 9.21 -7.23 -9.86
C ALA A 36 7.87 -7.32 -10.60
N LEU A 37 6.83 -6.81 -9.95
CA LEU A 37 5.48 -6.83 -10.55
C LEU A 37 4.86 -5.43 -10.52
N GLY A 38 5.65 -4.43 -10.87
CA GLY A 38 5.17 -3.07 -10.90
C GLY A 38 5.29 -2.45 -12.28
N ASP A 39 4.16 -2.15 -12.90
CA ASP A 39 4.16 -1.57 -14.24
C ASP A 39 4.30 -0.04 -14.17
N ASN A 40 4.71 0.55 -15.29
CA ASN A 40 4.89 2.01 -15.39
C ASN A 40 4.00 2.76 -14.41
N ASN A 41 2.72 2.43 -14.43
CA ASN A 41 1.76 3.08 -13.54
C ASN A 41 0.70 2.09 -13.08
N LYS A 42 0.99 0.80 -13.22
CA LYS A 42 0.06 -0.25 -12.82
C LYS A 42 0.77 -1.43 -12.18
N TYR A 43 0.61 -1.58 -10.88
CA TYR A 43 1.24 -2.67 -10.14
C TYR A 43 0.36 -3.92 -10.19
N ILE A 44 0.79 -4.90 -10.95
CA ILE A 44 0.05 -6.15 -11.10
C ILE A 44 0.34 -7.11 -9.95
N ILE A 45 -0.65 -7.89 -9.56
CA ILE A 45 -0.49 -8.86 -8.48
C ILE A 45 -0.84 -10.27 -8.96
N GLN A 46 0.13 -11.18 -8.86
CA GLN A 46 -0.08 -12.56 -9.28
C GLN A 46 0.43 -13.52 -8.21
N ASN A 47 -0.25 -14.67 -8.09
CA ASN A 47 0.14 -15.66 -7.10
C ASN A 47 0.19 -15.04 -5.70
N HIS A 48 -0.56 -13.97 -5.52
CA HIS A 48 -0.60 -13.26 -4.25
C HIS A 48 -1.06 -14.18 -3.12
N ASP A 49 -0.74 -13.79 -1.90
CA ASP A 49 -1.11 -14.57 -0.73
C ASP A 49 -2.00 -13.75 0.20
N SER A 50 -3.01 -14.41 0.77
CA SER A 50 -3.94 -13.74 1.68
C SER A 50 -3.19 -13.03 2.80
N SER A 51 -2.86 -11.76 2.58
CA SER A 51 -2.14 -10.99 3.59
C SER A 51 -2.06 -9.52 3.24
N PRO A 52 -1.56 -8.70 4.18
CA PRO A 52 -1.44 -7.25 4.01
C PRO A 52 -0.08 -6.80 3.50
N LEU A 53 0.02 -5.50 3.25
CA LEU A 53 1.23 -4.87 2.78
C LEU A 53 0.99 -3.39 2.53
N THR A 54 2.03 -2.59 2.66
CA THR A 54 1.90 -1.16 2.43
C THR A 54 2.48 -0.81 1.06
N VAL A 55 1.60 -0.46 0.14
CA VAL A 55 2.01 -0.14 -1.23
C VAL A 55 2.16 1.37 -1.42
N SER A 56 3.31 1.76 -1.93
CA SER A 56 3.59 3.17 -2.16
C SER A 56 4.07 3.40 -3.60
N CYS A 57 3.43 4.33 -4.28
CA CYS A 57 3.79 4.65 -5.65
C CYS A 57 4.10 6.13 -5.79
N THR A 58 4.97 6.47 -6.74
CA THR A 58 5.35 7.85 -6.95
C THR A 58 5.46 8.18 -8.44
N ALA A 59 4.53 9.00 -8.92
CA ALA A 59 4.54 9.43 -10.31
C ALA A 59 5.06 10.85 -10.44
N GLY A 60 6.30 11.00 -10.90
CA GLY A 60 6.89 12.31 -11.04
C GLY A 60 7.07 13.01 -9.70
N ASP A 61 6.18 13.94 -9.40
CA ASP A 61 6.25 14.67 -8.14
C ASP A 61 5.04 14.38 -7.25
N GLN A 62 4.48 13.19 -7.41
CA GLN A 62 3.31 12.79 -6.63
C GLN A 62 3.59 11.51 -5.83
N GLU A 63 2.94 11.37 -4.69
CA GLU A 63 3.13 10.20 -3.83
C GLU A 63 1.80 9.67 -3.31
N HIS A 64 1.49 8.43 -3.65
CA HIS A 64 0.24 7.79 -3.22
C HIS A 64 0.53 6.45 -2.57
N THR A 65 -0.21 6.13 -1.51
CA THR A 65 -0.03 4.88 -0.79
C THR A 65 -1.37 4.27 -0.39
N MET A 66 -1.41 2.94 -0.32
CA MET A 66 -2.64 2.24 0.07
C MET A 66 -2.30 0.87 0.64
N TYR A 67 -2.95 0.50 1.74
CA TYR A 67 -2.71 -0.80 2.37
C TYR A 67 -3.33 -1.91 1.54
N LEU A 68 -2.52 -2.85 1.12
CA LEU A 68 -2.99 -3.97 0.32
C LEU A 68 -3.04 -5.26 1.14
N ASN A 69 -4.25 -5.62 1.58
CA ASN A 69 -4.44 -6.83 2.37
C ASN A 69 -5.63 -7.62 1.87
N ALA A 70 -5.36 -8.69 1.13
CA ALA A 70 -6.42 -9.53 0.59
C ALA A 70 -5.85 -10.82 0.02
N LYS A 71 -6.75 -11.65 -0.50
CA LYS A 71 -6.36 -12.94 -1.09
C LYS A 71 -6.84 -13.03 -2.54
N VAL A 72 -6.06 -13.72 -3.37
CA VAL A 72 -6.41 -13.89 -4.78
C VAL A 72 -7.08 -15.23 -5.02
N GLY A 73 -8.07 -15.25 -5.91
CA GLY A 73 -8.78 -16.47 -6.22
C GLY A 73 -10.14 -16.22 -6.83
N SER A 74 -10.95 -17.27 -6.95
CA SER A 74 -12.28 -17.16 -7.53
C SER A 74 -13.22 -16.42 -6.58
N ALA A 75 -13.61 -15.21 -6.96
CA ALA A 75 -14.51 -14.40 -6.15
C ALA A 75 -14.78 -13.05 -6.81
N ASP A 76 -13.79 -12.18 -6.79
CA ASP A 76 -13.90 -10.86 -7.37
C ASP A 76 -13.92 -10.92 -8.89
N ASP A 77 -13.31 -11.97 -9.45
CA ASP A 77 -13.25 -12.14 -10.89
C ASP A 77 -14.60 -11.87 -11.55
N ALA A 78 -14.58 -11.65 -12.86
CA ALA A 78 -15.81 -11.37 -13.60
C ALA A 78 -16.75 -12.57 -13.57
N LYS A 79 -16.45 -13.58 -14.38
CA LYS A 79 -17.29 -14.78 -14.44
C LYS A 79 -16.79 -15.83 -13.45
N LYS A 80 -15.72 -16.53 -13.82
CA LYS A 80 -15.15 -17.57 -12.96
C LYS A 80 -13.64 -17.66 -13.14
N ASP A 81 -13.22 -18.26 -14.25
CA ASP A 81 -11.80 -18.42 -14.54
C ASP A 81 -11.35 -17.43 -15.61
N ALA A 82 -11.80 -17.65 -16.83
CA ALA A 82 -11.43 -16.78 -17.95
C ALA A 82 -12.28 -17.10 -19.19
N ALA A 83 -11.87 -16.54 -20.33
CA ALA A 83 -12.59 -16.77 -21.57
C ALA A 83 -12.46 -18.20 -22.03
N LYS A 84 -11.32 -18.82 -21.74
CA LYS A 84 -11.09 -20.21 -22.12
C LYS A 84 -10.43 -20.98 -20.98
N LYS A 85 -9.32 -20.45 -20.47
CA LYS A 85 -8.59 -21.09 -19.37
C LYS A 85 -7.41 -20.24 -18.93
N ASP A 86 -6.39 -20.19 -19.78
CA ASP A 86 -5.19 -19.41 -19.49
C ASP A 86 -4.19 -19.47 -20.65
N ASP A 87 -3.39 -18.42 -20.80
CA ASP A 87 -2.40 -18.36 -21.86
C ASP A 87 -1.38 -17.26 -21.60
N ALA A 88 -0.44 -17.53 -20.70
CA ALA A 88 0.58 -16.56 -20.35
C ALA A 88 1.60 -17.17 -19.39
N LYS A 89 2.65 -16.40 -19.09
CA LYS A 89 3.69 -16.85 -18.17
C LYS A 89 3.45 -16.32 -16.76
N LYS A 90 4.39 -16.62 -15.87
CA LYS A 90 4.28 -16.17 -14.48
C LYS A 90 5.65 -15.82 -13.92
N ASP A 91 6.02 -14.55 -14.07
CA ASP A 91 7.31 -14.07 -13.57
C ASP A 91 8.46 -14.82 -14.23
N ASP A 92 9.67 -14.30 -14.07
CA ASP A 92 10.86 -14.93 -14.65
C ASP A 92 11.77 -15.48 -13.56
N ALA A 93 11.40 -16.62 -13.00
CA ALA A 93 12.18 -17.25 -11.95
C ALA A 93 12.32 -16.33 -10.74
N LYS A 94 11.65 -16.69 -9.65
CA LYS A 94 11.70 -15.90 -8.42
C LYS A 94 12.97 -16.18 -7.64
N LYS A 95 13.87 -15.20 -7.58
CA LYS A 95 15.13 -15.35 -6.86
C LYS A 95 15.05 -14.71 -5.48
N ASP A 96 14.30 -13.61 -5.39
CA ASP A 96 14.13 -12.89 -4.14
C ASP A 96 15.47 -12.34 -3.64
N GLY A 97 15.52 -11.03 -3.42
CA GLY A 97 16.74 -10.40 -2.96
C GLY A 97 16.47 -9.19 -2.08
N SER A 98 15.48 -9.30 -1.20
CA SER A 98 15.13 -8.20 -0.31
C SER A 98 14.02 -8.63 0.66
N VAL A 99 14.41 -8.92 1.90
CA VAL A 99 13.45 -9.34 2.92
C VAL A 99 13.49 -8.40 4.12
N ALA A 100 14.70 -8.06 4.56
CA ALA A 100 14.87 -7.17 5.70
C ALA A 100 16.21 -6.44 5.64
N LYS A 101 16.38 -5.61 4.62
CA LYS A 101 17.62 -4.86 4.43
C LYS A 101 17.32 -3.37 4.22
N LEU A 102 16.24 -2.89 4.83
CA LEU A 102 15.85 -1.49 4.71
C LEU A 102 16.44 -0.66 5.85
N GLY A 103 16.91 0.54 5.51
CA GLY A 103 17.49 1.41 6.51
C GLY A 103 18.72 2.15 5.98
N VAL A 104 19.45 1.50 5.08
CA VAL A 104 20.64 2.11 4.51
C VAL A 104 20.39 2.56 3.08
N HIS A 105 19.68 1.75 2.31
CA HIS A 105 19.37 2.07 0.92
C HIS A 105 17.89 2.42 0.77
N GLY A 106 17.06 1.85 1.63
CA GLY A 106 15.63 2.11 1.57
C GLY A 106 15.03 2.36 2.94
N LEU A 107 13.77 1.99 3.09
CA LEU A 107 13.06 2.18 4.36
C LEU A 107 11.85 1.25 4.46
N SER A 108 11.28 1.16 5.64
CA SER A 108 10.10 0.32 5.87
C SER A 108 8.98 1.09 6.51
N MET A 109 7.76 0.83 6.05
CA MET A 109 6.58 1.50 6.55
C MET A 109 5.35 0.62 6.36
N SER A 110 4.72 0.25 7.47
CA SER A 110 3.54 -0.59 7.42
C SER A 110 2.70 -0.42 8.69
N VAL A 111 1.56 -1.09 8.75
CA VAL A 111 0.69 -1.01 9.91
C VAL A 111 0.93 -2.20 10.85
N LYS A 112 0.84 -1.95 12.14
CA LYS A 112 1.05 -2.99 13.14
C LYS A 112 -0.28 -3.44 13.72
N GLU A 113 -0.30 -4.62 14.33
CA GLU A 113 -1.51 -5.16 14.92
C GLU A 113 -1.29 -5.50 16.38
N VAL A 114 -1.86 -4.68 17.25
CA VAL A 114 -1.74 -4.86 18.69
C VAL A 114 -3.10 -5.15 19.31
N SER A 115 -3.10 -5.29 20.64
CA SER A 115 -4.31 -5.59 21.41
C SER A 115 -5.58 -5.00 20.80
N GLY A 116 -6.18 -5.72 19.86
CA GLY A 116 -7.40 -5.28 19.22
C GLY A 116 -7.25 -3.92 18.57
N LYS A 117 -6.02 -3.58 18.20
CA LYS A 117 -5.75 -2.29 17.58
C LYS A 117 -4.88 -2.44 16.35
N VAL A 118 -4.72 -1.33 15.63
CA VAL A 118 -3.89 -1.30 14.43
C VAL A 118 -3.12 0.02 14.35
N PHE A 119 -1.80 -0.08 14.53
CA PHE A 119 -0.94 1.10 14.51
C PHE A 119 -0.19 1.18 13.20
N LEU A 120 0.58 2.24 13.01
CA LEU A 120 1.33 2.42 11.77
C LEU A 120 2.74 2.95 12.01
N GLN A 121 3.56 2.86 10.97
CA GLN A 121 4.93 3.34 11.01
C GLN A 121 5.11 4.44 9.96
N CYS A 122 6.29 5.06 9.96
CA CYS A 122 6.56 6.13 9.00
C CYS A 122 8.06 6.32 8.78
N GLN A 123 8.41 7.24 7.89
CA GLN A 123 9.80 7.53 7.58
C GLN A 123 10.27 8.77 8.34
N GLU A 124 11.40 8.64 9.02
CA GLU A 124 11.95 9.75 9.80
C GLU A 124 12.82 10.65 8.91
N SER A 125 12.82 11.94 9.20
CA SER A 125 13.61 12.89 8.43
C SER A 125 15.08 12.83 8.84
N LYS A 126 15.33 12.49 10.09
CA LYS A 126 16.70 12.39 10.61
C LYS A 126 16.91 11.06 11.32
N ASP A 127 17.12 10.00 10.54
CA ASP A 127 17.33 8.67 11.10
C ASP A 127 16.10 8.19 11.87
N LEU A 128 15.70 6.95 11.62
CA LEU A 128 14.54 6.37 12.28
C LEU A 128 14.87 5.98 13.71
N ASN A 129 14.62 6.90 14.63
CA ASN A 129 14.89 6.66 16.05
C ASN A 129 14.46 7.84 16.90
N THR A 130 13.28 8.40 16.61
CA THR A 130 12.76 9.54 17.34
C THR A 130 11.23 9.53 17.36
N ASN A 131 10.64 9.75 16.20
CA ASN A 131 9.18 9.77 16.07
C ASN A 131 8.75 9.54 14.63
N TYR A 132 7.45 9.60 14.39
CA TYR A 132 6.91 9.42 13.04
C TYR A 132 5.94 10.54 12.68
N LEU A 133 5.76 10.77 11.39
CA LEU A 133 4.87 11.83 10.93
C LEU A 133 3.57 11.25 10.36
N TRP A 134 2.45 11.85 10.73
CA TRP A 134 1.14 11.41 10.26
C TRP A 134 0.20 12.60 10.05
N LYS A 135 -0.30 12.74 8.83
CA LYS A 135 -1.23 13.81 8.52
C LYS A 135 -2.49 13.23 7.88
N LYS A 136 -3.62 13.37 8.57
CA LYS A 136 -4.90 12.84 8.09
C LYS A 136 -5.58 13.80 7.13
N GLY A 137 -6.27 13.25 6.13
CA GLY A 137 -6.96 14.08 5.16
C GLY A 137 -7.77 15.21 5.79
N LYS A 138 -8.21 15.00 7.02
CA LYS A 138 -9.00 16.01 7.73
C LYS A 138 -8.24 16.56 8.93
N GLU A 139 -7.21 15.83 9.37
CA GLU A 139 -6.40 16.25 10.52
C GLU A 139 -4.98 16.55 10.08
N GLU A 140 -4.44 17.67 10.52
CA GLU A 140 -3.08 18.04 10.17
C GLU A 140 -2.09 17.04 10.78
N LEU A 141 -1.10 17.50 11.53
CA LEU A 141 -0.12 16.60 12.11
C LEU A 141 -0.35 16.35 13.59
N GLY A 142 0.56 15.55 14.15
CA GLY A 142 0.50 15.19 15.56
C GLY A 142 1.51 14.11 15.87
N ASN A 143 2.77 14.50 16.00
CA ASN A 143 3.86 13.56 16.26
C ASN A 143 3.50 12.56 17.35
N MET A 144 3.88 11.30 17.13
CA MET A 144 3.62 10.24 18.09
C MET A 144 4.62 9.10 17.90
N ARG A 145 5.00 8.46 19.01
CA ARG A 145 5.95 7.34 18.97
C ARG A 145 5.45 6.25 18.03
N GLN A 146 4.16 5.94 18.12
CA GLN A 146 3.55 4.93 17.27
C GLN A 146 2.28 5.46 16.64
N LEU A 147 2.16 5.34 15.33
CA LEU A 147 0.98 5.84 14.64
C LEU A 147 -0.27 5.08 15.03
N ASP A 148 -1.13 5.73 15.80
CA ASP A 148 -2.38 5.14 16.24
C ASP A 148 -3.54 6.08 15.94
N LEU A 149 -4.16 5.89 14.78
CA LEU A 149 -5.27 6.73 14.36
C LEU A 149 -6.50 5.89 14.04
N GLY A 150 -6.58 4.72 14.66
CA GLY A 150 -7.71 3.83 14.43
C GLY A 150 -7.60 2.54 15.21
N ALA A 151 -8.68 1.77 15.19
CA ALA A 151 -8.72 0.49 15.90
C ALA A 151 -8.90 -0.66 14.92
N ILE A 152 -8.71 -1.88 15.41
CA ILE A 152 -8.86 -3.06 14.58
C ILE A 152 -10.33 -3.26 14.20
N TYR A 153 -11.20 -3.11 15.20
CA TYR A 153 -12.62 -3.25 14.99
C TYR A 153 -13.22 -1.89 14.63
N ASP A 154 -12.67 -0.86 15.26
CA ASP A 154 -13.10 0.52 15.01
C ASP A 154 -12.08 1.22 14.12
N ASP A 155 -11.94 0.70 12.89
CA ASP A 155 -10.99 1.22 11.91
C ASP A 155 -10.78 2.73 12.03
N PRO A 156 -9.59 3.21 11.61
CA PRO A 156 -9.25 4.63 11.65
C PRO A 156 -10.34 5.53 11.08
N ARG A 157 -10.25 6.82 11.39
CA ARG A 157 -11.23 7.79 10.92
C ARG A 157 -11.20 7.92 9.40
N GLY A 158 -10.10 7.49 8.78
CA GLY A 158 -9.98 7.58 7.33
C GLY A 158 -8.57 7.43 6.84
N THR A 159 -8.31 7.93 5.63
CA THR A 159 -6.99 7.84 5.03
C THR A 159 -6.06 8.92 5.57
N TYR A 160 -4.78 8.57 5.72
CA TYR A 160 -3.80 9.51 6.22
C TYR A 160 -2.57 9.55 5.32
N THR A 161 -1.70 10.52 5.57
CA THR A 161 -0.49 10.68 4.79
C THR A 161 0.74 10.51 5.69
N CYS A 162 1.75 9.81 5.19
CA CYS A 162 2.97 9.58 5.96
C CYS A 162 4.21 9.90 5.13
N GLN A 163 5.11 10.68 5.72
CA GLN A 163 6.35 11.06 5.06
C GLN A 163 7.31 11.72 6.04
N ARG A 164 8.57 11.87 5.64
CA ARG A 164 9.59 12.47 6.50
C ARG A 164 9.34 13.97 6.73
N ASP A 165 8.34 14.54 6.05
CA ASP A 165 8.04 15.96 6.19
C ASP A 165 6.75 16.17 6.97
N GLU A 166 6.51 17.41 7.39
CA GLU A 166 5.30 17.75 8.13
C GLU A 166 4.07 17.58 7.24
N ASN A 167 4.03 18.35 6.15
CA ASN A 167 2.93 18.27 5.19
C ASN A 167 3.10 17.07 4.26
N VAL A 168 3.45 15.94 4.86
CA VAL A 168 3.67 14.67 4.16
C VAL A 168 2.98 14.62 2.81
N ASN A 169 3.62 13.91 1.87
CA ASN A 169 3.10 13.78 0.53
C ASN A 169 2.56 12.37 0.26
N SER A 170 3.13 11.37 0.94
CA SER A 170 2.69 10.00 0.76
C SER A 170 1.35 9.76 1.44
N THR A 171 0.29 9.68 0.65
CA THR A 171 -1.05 9.48 1.18
C THR A 171 -1.39 7.99 1.27
N LEU A 172 -1.38 7.46 2.49
CA LEU A 172 -1.70 6.06 2.71
C LEU A 172 -3.19 5.88 2.93
N HIS A 173 -3.83 5.27 1.95
CA HIS A 173 -5.26 5.03 2.00
C HIS A 173 -5.58 3.81 2.85
N VAL A 174 -6.12 4.05 4.05
CA VAL A 174 -6.46 2.96 4.95
C VAL A 174 -7.67 2.19 4.45
N HIS A 175 -7.57 0.86 4.48
CA HIS A 175 -8.66 0.00 4.03
C HIS A 175 -8.26 -1.48 4.15
N TYR A 176 -8.74 -2.13 5.19
CA TYR A 176 -8.43 -3.54 5.42
C TYR A 176 -9.67 -4.33 5.77
N ARG A 177 -9.61 -5.64 5.53
CA ARG A 177 -10.73 -6.51 5.84
C ARG A 177 -10.32 -7.98 5.74
N MET A 178 -10.24 -8.64 6.89
CA MET A 178 -9.85 -10.04 6.93
C MET A 178 -10.95 -10.89 7.60
N GLY A 1 -24.76 4.19 3.43
CA GLY A 1 -25.66 4.98 2.55
C GLY A 1 -24.89 5.95 1.65
N SER A 2 -25.10 7.24 1.85
CA SER A 2 -24.43 8.26 1.06
C SER A 2 -23.05 8.57 1.63
N HIS A 3 -22.34 9.48 0.97
CA HIS A 3 -21.01 9.87 1.42
C HIS A 3 -20.06 8.67 1.43
N MET A 4 -19.52 8.34 0.26
CA MET A 4 -18.61 7.21 0.12
C MET A 4 -18.08 7.11 -1.30
N GLY A 5 -16.79 7.34 -1.47
CA GLY A 5 -16.18 7.26 -2.78
C GLY A 5 -14.80 7.87 -2.83
N GLN A 6 -13.89 7.23 -3.55
CA GLN A 6 -12.53 7.72 -3.67
C GLN A 6 -11.75 6.94 -4.71
N GLU A 7 -11.30 5.74 -4.34
CA GLU A 7 -10.54 4.88 -5.24
C GLU A 7 -9.45 5.66 -5.97
N GLU A 8 -8.54 6.25 -5.20
CA GLU A 8 -7.45 7.02 -5.77
C GLU A 8 -6.59 6.17 -6.70
N PHE A 9 -6.10 5.04 -6.16
CA PHE A 9 -5.28 4.13 -6.94
C PHE A 9 -6.12 3.35 -7.95
N ALA A 10 -7.43 3.31 -7.72
CA ALA A 10 -8.34 2.60 -8.61
C ALA A 10 -7.82 1.21 -8.96
N VAL A 11 -8.06 0.25 -8.08
CA VAL A 11 -7.61 -1.11 -8.30
C VAL A 11 -8.56 -1.87 -9.23
N GLU A 12 -7.99 -2.71 -10.08
CA GLU A 12 -8.78 -3.51 -11.01
C GLU A 12 -8.35 -4.96 -10.98
N ILE A 13 -9.17 -5.81 -10.36
CA ILE A 13 -8.86 -7.23 -10.26
C ILE A 13 -9.48 -8.00 -11.41
N SER A 14 -8.77 -9.03 -11.88
CA SER A 14 -9.24 -9.85 -12.99
C SER A 14 -8.69 -11.26 -12.88
N GLY A 15 -9.38 -12.11 -12.12
CA GLY A 15 -8.93 -13.48 -11.94
C GLY A 15 -7.68 -13.58 -11.10
N THR A 16 -6.57 -13.94 -11.73
CA THR A 16 -5.30 -14.06 -11.02
C THR A 16 -4.41 -12.84 -11.27
N THR A 17 -4.99 -11.80 -11.86
CA THR A 17 -4.25 -10.58 -12.14
C THR A 17 -5.05 -9.34 -11.77
N VAL A 18 -4.45 -8.46 -10.98
CA VAL A 18 -5.12 -7.23 -10.55
C VAL A 18 -4.21 -6.02 -10.79
N THR A 19 -4.73 -5.03 -11.50
CA THR A 19 -3.98 -3.82 -11.82
C THR A 19 -4.24 -2.72 -10.78
N ILE A 20 -3.40 -1.70 -10.81
CA ILE A 20 -3.53 -0.57 -9.88
C ILE A 20 -3.14 0.74 -10.56
N THR A 21 -4.11 1.64 -10.70
CA THR A 21 -3.87 2.94 -11.33
C THR A 21 -3.18 3.90 -10.36
N CYS A 22 -2.35 4.79 -10.90
CA CYS A 22 -1.64 5.76 -10.08
C CYS A 22 -2.42 7.07 -9.99
N PRO A 23 -2.71 7.55 -8.76
CA PRO A 23 -3.46 8.79 -8.55
C PRO A 23 -2.57 10.04 -8.61
N SER A 24 -1.26 9.84 -8.60
CA SER A 24 -0.31 10.96 -8.64
C SER A 24 -0.60 11.88 -9.82
N SER A 25 -0.11 11.49 -11.00
CA SER A 25 -0.31 12.30 -12.20
C SER A 25 -0.69 11.41 -13.40
N GLY A 26 0.33 10.86 -14.07
CA GLY A 26 0.06 10.01 -15.21
C GLY A 26 0.98 10.32 -16.39
N ASP A 27 2.27 10.50 -16.10
CA ASP A 27 3.24 10.81 -17.15
C ASP A 27 4.56 10.07 -16.90
N ASP A 28 5.02 10.08 -15.64
CA ASP A 28 6.26 9.43 -15.27
C ASP A 28 6.18 8.90 -13.84
N ILE A 29 5.31 7.91 -13.64
CA ILE A 29 5.12 7.32 -12.32
C ILE A 29 6.18 6.28 -12.01
N LYS A 30 6.67 6.30 -10.77
CA LYS A 30 7.69 5.36 -10.33
C LYS A 30 7.22 4.58 -9.12
N TRP A 31 6.96 3.29 -9.32
CA TRP A 31 6.50 2.43 -8.24
C TRP A 31 7.67 2.05 -7.33
N LYS A 32 7.40 1.26 -6.30
CA LYS A 32 8.45 0.85 -5.37
C LYS A 32 8.30 -0.59 -4.90
N PRO A 33 7.18 -0.94 -4.22
CA PRO A 33 6.93 -2.29 -3.72
C PRO A 33 7.51 -3.37 -4.63
N ASP A 34 7.19 -3.28 -5.91
CA ASP A 34 7.68 -4.25 -6.90
C ASP A 34 7.54 -3.68 -8.30
N PRO A 35 8.59 -2.99 -8.78
CA PRO A 35 8.60 -2.38 -10.12
C PRO A 35 8.48 -3.43 -11.20
N ALA A 36 8.87 -4.65 -10.86
CA ALA A 36 8.80 -5.76 -11.81
C ALA A 36 7.39 -5.90 -12.36
N LEU A 37 6.41 -5.43 -11.58
CA LEU A 37 5.01 -5.50 -11.98
C LEU A 37 4.36 -4.12 -11.87
N GLY A 38 5.07 -3.09 -12.33
CA GLY A 38 4.56 -1.74 -12.27
C GLY A 38 4.52 -1.08 -13.63
N ASP A 39 3.33 -0.94 -14.19
CA ASP A 39 3.16 -0.31 -15.49
C ASP A 39 3.38 1.19 -15.40
N ASN A 40 3.56 1.84 -16.55
CA ASN A 40 3.78 3.28 -16.61
C ASN A 40 2.97 4.02 -15.53
N ASN A 41 1.68 4.18 -15.78
CA ASN A 41 0.80 4.85 -14.83
C ASN A 41 -0.14 3.85 -14.18
N LYS A 42 0.33 2.60 -14.05
CA LYS A 42 -0.46 1.54 -13.46
C LYS A 42 0.44 0.46 -12.87
N TYR A 43 -0.14 -0.44 -12.10
CA TYR A 43 0.61 -1.54 -11.49
C TYR A 43 -0.11 -2.86 -11.69
N ILE A 44 0.36 -3.64 -12.66
CA ILE A 44 -0.25 -4.93 -12.96
C ILE A 44 0.24 -6.01 -12.01
N ILE A 45 -0.58 -6.36 -11.03
CA ILE A 45 -0.23 -7.40 -10.07
C ILE A 45 -0.52 -8.79 -10.62
N GLN A 46 0.51 -9.61 -10.71
CA GLN A 46 0.36 -10.98 -11.22
C GLN A 46 1.01 -11.99 -10.30
N ASN A 47 0.42 -13.17 -10.20
CA ASN A 47 0.94 -14.22 -9.33
C ASN A 47 1.04 -13.73 -7.89
N HIS A 48 0.24 -12.72 -7.56
CA HIS A 48 0.24 -12.15 -6.22
C HIS A 48 -0.10 -13.21 -5.18
N ASP A 49 0.16 -12.89 -3.91
CA ASP A 49 -0.12 -13.82 -2.82
C ASP A 49 -1.12 -13.22 -1.85
N SER A 50 -2.02 -14.06 -1.33
CA SER A 50 -3.04 -13.62 -0.39
C SER A 50 -2.40 -12.94 0.81
N SER A 51 -2.25 -11.62 0.73
CA SER A 51 -1.64 -10.85 1.82
C SER A 51 -1.67 -9.36 1.52
N PRO A 52 -1.26 -8.53 2.49
CA PRO A 52 -1.25 -7.09 2.34
C PRO A 52 0.07 -6.55 1.79
N LEU A 53 0.10 -5.23 1.59
CA LEU A 53 1.28 -4.55 1.09
C LEU A 53 1.02 -3.06 0.97
N THR A 54 2.05 -2.28 1.22
CA THR A 54 1.93 -0.83 1.12
C THR A 54 2.43 -0.39 -0.25
N VAL A 55 1.50 0.00 -1.11
CA VAL A 55 1.87 0.43 -2.45
C VAL A 55 1.96 1.95 -2.54
N SER A 56 3.09 2.42 -3.07
CA SER A 56 3.31 3.85 -3.21
C SER A 56 3.26 4.26 -4.67
N CYS A 57 3.44 5.55 -4.92
CA CYS A 57 3.41 6.08 -6.27
C CYS A 57 4.08 7.45 -6.32
N THR A 58 4.85 7.69 -7.38
CA THR A 58 5.54 8.95 -7.54
C THR A 58 5.50 9.45 -8.98
N ALA A 59 4.61 10.39 -9.25
CA ALA A 59 4.49 10.96 -10.59
C ALA A 59 4.99 12.39 -10.61
N GLY A 60 6.18 12.59 -11.15
CA GLY A 60 6.76 13.93 -11.20
C GLY A 60 7.07 14.47 -9.82
N ASP A 61 6.21 15.35 -9.33
CA ASP A 61 6.40 15.95 -8.00
C ASP A 61 5.24 15.58 -7.07
N GLN A 62 4.62 14.44 -7.31
CA GLN A 62 3.50 13.98 -6.49
C GLN A 62 3.87 12.73 -5.71
N GLU A 63 3.25 12.57 -4.54
CA GLU A 63 3.50 11.42 -3.68
C GLU A 63 2.20 10.82 -3.16
N HIS A 64 1.85 9.64 -3.65
CA HIS A 64 0.63 8.97 -3.23
C HIS A 64 0.91 7.52 -2.82
N THR A 65 0.22 7.06 -1.78
CA THR A 65 0.39 5.70 -1.29
C THR A 65 -0.95 5.12 -0.84
N MET A 66 -1.07 3.80 -0.96
CA MET A 66 -2.30 3.12 -0.56
C MET A 66 -2.01 1.66 -0.18
N TYR A 67 -2.57 1.24 0.95
CA TYR A 67 -2.36 -0.13 1.39
C TYR A 67 -3.12 -1.11 0.50
N LEU A 68 -2.53 -2.28 0.28
CA LEU A 68 -3.14 -3.30 -0.57
C LEU A 68 -3.15 -4.66 0.10
N ASN A 69 -4.31 -5.05 0.63
CA ASN A 69 -4.45 -6.36 1.28
C ASN A 69 -5.52 -7.18 0.57
N ALA A 70 -5.09 -8.14 -0.24
CA ALA A 70 -6.01 -8.99 -0.97
C ALA A 70 -5.31 -10.20 -1.59
N LYS A 71 -6.09 -11.04 -2.25
CA LYS A 71 -5.54 -12.24 -2.89
C LYS A 71 -6.05 -12.36 -4.32
N VAL A 72 -5.17 -12.79 -5.22
CA VAL A 72 -5.54 -12.95 -6.63
C VAL A 72 -5.88 -14.40 -6.95
N GLY A 73 -6.88 -14.60 -7.80
CA GLY A 73 -7.29 -15.95 -8.17
C GLY A 73 -8.79 -16.15 -8.06
N SER A 74 -9.28 -16.19 -6.83
CA SER A 74 -10.71 -16.38 -6.59
C SER A 74 -11.24 -15.36 -5.58
N ALA A 75 -11.77 -14.26 -6.08
CA ALA A 75 -12.31 -13.21 -5.22
C ALA A 75 -12.96 -12.10 -6.04
N ASP A 76 -12.14 -11.34 -6.76
CA ASP A 76 -12.64 -10.25 -7.59
C ASP A 76 -12.34 -10.52 -9.06
N ASP A 77 -13.00 -9.76 -9.93
CA ASP A 77 -12.81 -9.90 -11.37
C ASP A 77 -13.64 -8.88 -12.14
N ALA A 78 -13.53 -8.91 -13.46
CA ALA A 78 -14.26 -7.98 -14.31
C ALA A 78 -15.58 -8.59 -14.78
N LYS A 79 -15.53 -9.85 -15.20
CA LYS A 79 -16.72 -10.54 -15.67
C LYS A 79 -16.56 -12.06 -15.55
N LYS A 80 -15.76 -12.63 -16.45
CA LYS A 80 -15.52 -14.07 -16.44
C LYS A 80 -14.09 -14.39 -16.89
N ASP A 81 -13.74 -15.67 -16.85
CA ASP A 81 -12.41 -16.10 -17.25
C ASP A 81 -12.49 -17.21 -18.30
N ALA A 82 -13.36 -18.18 -18.07
CA ALA A 82 -13.54 -19.30 -18.98
C ALA A 82 -12.27 -20.13 -19.08
N ALA A 83 -11.30 -19.65 -19.85
CA ALA A 83 -10.04 -20.37 -20.02
C ALA A 83 -8.88 -19.59 -19.41
N LYS A 84 -8.07 -20.29 -18.62
CA LYS A 84 -6.92 -19.67 -17.95
C LYS A 84 -5.61 -20.19 -18.53
N LYS A 85 -5.60 -21.47 -18.89
CA LYS A 85 -4.41 -22.10 -19.44
C LYS A 85 -3.25 -22.03 -18.47
N ASP A 86 -3.56 -22.07 -17.17
CA ASP A 86 -2.55 -22.01 -16.13
C ASP A 86 -2.57 -23.27 -15.28
N ASP A 87 -1.54 -23.44 -14.45
CA ASP A 87 -1.45 -24.61 -13.57
C ASP A 87 -0.94 -24.21 -12.20
N ALA A 88 -0.61 -25.20 -11.38
CA ALA A 88 -0.12 -24.96 -10.03
C ALA A 88 -1.15 -24.21 -9.19
N LYS A 89 -1.68 -24.88 -8.18
CA LYS A 89 -2.68 -24.26 -7.31
C LYS A 89 -2.06 -23.88 -5.97
N LYS A 90 -1.08 -24.67 -5.53
CA LYS A 90 -0.40 -24.41 -4.26
C LYS A 90 1.11 -24.60 -4.40
N ASP A 91 1.84 -23.49 -4.46
CA ASP A 91 3.29 -23.54 -4.59
C ASP A 91 3.95 -22.52 -3.68
N ASP A 92 5.12 -22.87 -3.14
CA ASP A 92 5.85 -21.97 -2.26
C ASP A 92 7.33 -22.36 -2.20
N ALA A 93 8.11 -21.60 -1.43
CA ALA A 93 9.53 -21.87 -1.30
C ALA A 93 10.14 -21.04 -0.17
N LYS A 94 10.01 -19.71 -0.27
CA LYS A 94 10.55 -18.81 0.74
C LYS A 94 9.66 -17.57 0.87
N LYS A 95 9.74 -16.92 2.03
CA LYS A 95 8.96 -15.71 2.28
C LYS A 95 9.59 -14.50 1.59
N ASP A 96 8.74 -13.61 1.09
CA ASP A 96 9.21 -12.41 0.41
C ASP A 96 8.89 -11.17 1.23
N GLY A 97 9.32 -10.01 0.73
CA GLY A 97 9.07 -8.76 1.42
C GLY A 97 10.22 -8.34 2.32
N SER A 98 11.16 -7.59 1.75
CA SER A 98 12.32 -7.13 2.51
C SER A 98 11.92 -6.02 3.49
N VAL A 99 12.52 -6.05 4.67
CA VAL A 99 12.23 -5.05 5.70
C VAL A 99 13.42 -4.11 5.91
N ALA A 100 14.62 -4.64 5.70
CA ALA A 100 15.84 -3.85 5.86
C ALA A 100 16.69 -3.88 4.59
N LYS A 101 16.01 -3.92 3.45
CA LYS A 101 16.70 -3.95 2.16
C LYS A 101 16.36 -2.70 1.34
N LEU A 102 16.11 -1.60 2.04
CA LEU A 102 15.78 -0.34 1.39
C LEU A 102 16.96 0.61 1.39
N GLY A 103 17.14 1.33 0.28
CA GLY A 103 18.25 2.27 0.18
C GLY A 103 18.07 3.47 1.08
N VAL A 104 19.14 4.23 1.28
CA VAL A 104 19.11 5.41 2.13
C VAL A 104 18.09 6.42 1.61
N HIS A 105 17.93 6.48 0.30
CA HIS A 105 16.99 7.39 -0.33
C HIS A 105 15.62 6.75 -0.50
N GLY A 106 15.62 5.43 -0.66
CA GLY A 106 14.37 4.70 -0.84
C GLY A 106 13.81 4.17 0.47
N LEU A 107 12.54 4.45 0.72
CA LEU A 107 11.89 3.99 1.95
C LEU A 107 10.58 3.29 1.63
N SER A 108 10.17 2.36 2.50
CA SER A 108 8.93 1.63 2.30
C SER A 108 8.22 1.43 3.64
N MET A 109 7.09 2.10 3.78
CA MET A 109 6.29 2.00 5.00
C MET A 109 5.32 0.85 4.92
N SER A 110 4.91 0.33 6.07
CA SER A 110 3.97 -0.77 6.12
C SER A 110 3.15 -0.71 7.41
N VAL A 111 2.18 -1.62 7.52
CA VAL A 111 1.34 -1.67 8.71
C VAL A 111 1.51 -2.99 9.46
N LYS A 112 1.55 -2.90 10.78
CA LYS A 112 1.71 -4.07 11.62
C LYS A 112 0.36 -4.56 12.14
N GLU A 113 0.31 -5.80 12.60
CA GLU A 113 -0.93 -6.37 13.12
C GLU A 113 -0.71 -6.92 14.53
N VAL A 114 -1.25 -6.21 15.50
CA VAL A 114 -1.14 -6.58 16.89
C VAL A 114 -2.50 -6.90 17.49
N SER A 115 -2.52 -7.23 18.78
CA SER A 115 -3.73 -7.57 19.51
C SER A 115 -4.97 -6.85 18.99
N GLY A 116 -5.60 -7.42 17.98
CA GLY A 116 -6.81 -6.83 17.42
C GLY A 116 -6.60 -5.41 16.95
N LYS A 117 -5.37 -5.08 16.62
CA LYS A 117 -5.04 -3.73 16.18
C LYS A 117 -4.17 -3.73 14.93
N VAL A 118 -3.96 -2.54 14.39
CA VAL A 118 -3.14 -2.37 13.20
C VAL A 118 -2.32 -1.09 13.31
N PHE A 119 -1.01 -1.26 13.46
CA PHE A 119 -0.09 -0.13 13.59
C PHE A 119 0.69 0.08 12.31
N LEU A 120 1.50 1.14 12.28
CA LEU A 120 2.28 1.45 11.10
C LEU A 120 3.69 1.90 11.47
N GLN A 121 4.55 1.96 10.44
CA GLN A 121 5.94 2.39 10.63
C GLN A 121 6.34 3.39 9.55
N CYS A 122 6.82 4.55 9.98
CA CYS A 122 7.21 5.60 9.05
C CYS A 122 8.73 5.74 8.97
N GLN A 123 9.19 6.72 8.22
CA GLN A 123 10.62 6.96 8.04
C GLN A 123 11.10 8.06 8.97
N GLU A 124 12.17 7.78 9.71
CA GLU A 124 12.72 8.75 10.65
C GLU A 124 14.24 8.77 10.56
N SER A 125 14.78 9.54 9.63
CA SER A 125 16.22 9.64 9.44
C SER A 125 16.66 11.10 9.41
N LYS A 126 16.90 11.66 10.60
CA LYS A 126 17.33 13.05 10.72
C LYS A 126 18.20 13.25 11.95
N ASP A 127 17.75 12.72 13.08
CA ASP A 127 18.48 12.84 14.34
C ASP A 127 18.35 11.57 15.17
N LEU A 128 17.18 11.38 15.77
CA LEU A 128 16.92 10.21 16.60
C LEU A 128 16.70 8.97 15.73
N ASN A 129 16.53 7.82 16.38
CA ASN A 129 16.31 6.56 15.67
C ASN A 129 15.17 5.78 16.30
N THR A 130 14.20 6.49 16.85
CA THR A 130 13.05 5.86 17.49
C THR A 130 11.82 6.76 17.41
N ASN A 131 11.23 6.84 16.22
CA ASN A 131 10.05 7.67 16.01
C ASN A 131 9.45 7.43 14.62
N TYR A 132 8.17 7.74 14.46
CA TYR A 132 7.50 7.55 13.18
C TYR A 132 6.56 8.73 12.89
N LEU A 133 6.80 9.40 11.76
CA LEU A 133 5.97 10.54 11.38
C LEU A 133 4.62 10.08 10.84
N TRP A 134 3.57 10.83 11.18
CA TRP A 134 2.22 10.51 10.73
C TRP A 134 1.35 11.76 10.69
N LYS A 135 0.85 12.10 9.50
CA LYS A 135 -0.02 13.25 9.34
C LYS A 135 -1.31 12.84 8.63
N LYS A 136 -2.43 12.96 9.33
CA LYS A 136 -3.72 12.58 8.77
C LYS A 136 -4.34 13.72 7.98
N GLY A 137 -5.04 13.38 6.89
CA GLY A 137 -5.67 14.38 6.06
C GLY A 137 -6.48 15.40 6.87
N LYS A 138 -6.90 15.02 8.07
CA LYS A 138 -7.67 15.91 8.93
C LYS A 138 -6.88 16.34 10.16
N GLU A 139 -5.90 15.53 10.55
CA GLU A 139 -5.07 15.83 11.70
C GLU A 139 -3.62 16.07 11.27
N GLU A 140 -3.01 17.11 11.83
CA GLU A 140 -1.64 17.42 11.50
C GLU A 140 -0.70 16.30 11.96
N LEU A 141 0.31 16.62 12.78
CA LEU A 141 1.24 15.60 13.22
C LEU A 141 1.04 15.19 14.67
N GLY A 142 1.90 14.29 15.11
CA GLY A 142 1.88 13.77 16.47
C GLY A 142 2.87 12.65 16.62
N ASN A 143 4.15 13.01 16.75
CA ASN A 143 5.22 12.03 16.88
C ASN A 143 4.89 10.92 17.87
N MET A 144 5.16 9.68 17.46
CA MET A 144 4.90 8.52 18.30
C MET A 144 5.87 7.38 17.95
N ARG A 145 6.24 6.60 18.97
CA ARG A 145 7.15 5.48 18.76
C ARG A 145 6.59 4.49 17.75
N GLN A 146 5.30 4.21 17.87
CA GLN A 146 4.63 3.29 16.96
C GLN A 146 3.35 3.93 16.43
N LEU A 147 3.14 3.88 15.12
CA LEU A 147 1.95 4.48 14.52
C LEU A 147 0.69 3.71 14.90
N ASP A 148 -0.12 4.31 15.74
CA ASP A 148 -1.38 3.71 16.17
C ASP A 148 -2.51 4.71 16.03
N LEU A 149 -3.18 4.69 14.87
CA LEU A 149 -4.27 5.62 14.60
C LEU A 149 -5.50 4.86 14.11
N GLY A 150 -5.60 3.58 14.46
CA GLY A 150 -6.73 2.79 14.03
C GLY A 150 -6.70 1.38 14.61
N ALA A 151 -7.81 0.67 14.47
CA ALA A 151 -7.93 -0.69 14.97
C ALA A 151 -8.13 -1.68 13.84
N ILE A 152 -8.02 -2.97 14.15
CA ILE A 152 -8.21 -4.01 13.15
C ILE A 152 -9.67 -4.11 12.77
N TYR A 153 -10.53 -4.11 13.79
CA TYR A 153 -11.97 -4.18 13.58
C TYR A 153 -12.53 -2.77 13.43
N ASP A 154 -11.95 -1.84 14.18
CA ASP A 154 -12.33 -0.44 14.13
C ASP A 154 -11.29 0.35 13.33
N ASP A 155 -11.20 0.01 12.04
CA ASP A 155 -10.25 0.63 11.12
C ASP A 155 -9.95 2.09 11.46
N PRO A 156 -8.74 2.56 11.09
CA PRO A 156 -8.30 3.93 11.34
C PRO A 156 -9.34 4.97 10.93
N ARG A 157 -9.03 6.24 11.18
CA ARG A 157 -9.92 7.33 10.83
C ARG A 157 -10.10 7.47 9.33
N GLY A 158 -9.06 7.10 8.57
CA GLY A 158 -9.14 7.20 7.13
C GLY A 158 -7.79 7.12 6.45
N THR A 159 -7.42 8.18 5.74
CA THR A 159 -6.15 8.23 5.03
C THR A 159 -5.12 9.10 5.76
N TYR A 160 -3.92 8.57 5.93
CA TYR A 160 -2.85 9.29 6.59
C TYR A 160 -1.67 9.51 5.64
N THR A 161 -0.73 10.35 6.08
CA THR A 161 0.45 10.65 5.30
C THR A 161 1.71 10.31 6.09
N CYS A 162 2.69 9.68 5.44
CA CYS A 162 3.92 9.30 6.11
C CYS A 162 5.14 9.69 5.28
N GLN A 163 6.11 10.33 5.93
CA GLN A 163 7.34 10.77 5.28
C GLN A 163 8.35 11.28 6.31
N ARG A 164 9.59 11.45 5.88
CA ARG A 164 10.65 11.92 6.77
C ARG A 164 10.48 13.39 7.14
N ASP A 165 9.46 14.05 6.60
CA ASP A 165 9.22 15.46 6.89
C ASP A 165 7.96 15.64 7.74
N GLU A 166 7.87 16.79 8.41
CA GLU A 166 6.71 17.09 9.25
C GLU A 166 5.43 17.06 8.43
N ASN A 167 5.34 17.94 7.45
CA ASN A 167 4.17 18.02 6.57
C ASN A 167 4.24 16.95 5.48
N VAL A 168 4.58 15.74 5.90
CA VAL A 168 4.69 14.58 5.01
C VAL A 168 3.89 14.74 3.72
N ASN A 169 4.43 14.18 2.64
CA ASN A 169 3.81 14.25 1.33
C ASN A 169 3.21 12.92 0.90
N SER A 170 3.81 11.82 1.34
CA SER A 170 3.33 10.49 0.99
C SER A 170 2.04 10.18 1.73
N THR A 171 0.92 10.22 1.00
CA THR A 171 -0.38 9.94 1.59
C THR A 171 -0.75 8.47 1.44
N LEU A 172 -0.68 7.72 2.55
CA LEU A 172 -1.02 6.31 2.53
C LEU A 172 -2.49 6.09 2.89
N HIS A 173 -3.27 5.65 1.91
CA HIS A 173 -4.69 5.40 2.12
C HIS A 173 -4.92 4.09 2.86
N VAL A 174 -6.11 3.95 3.44
CA VAL A 174 -6.46 2.74 4.19
C VAL A 174 -7.34 1.81 3.34
N HIS A 175 -8.19 1.01 4.01
CA HIS A 175 -9.08 0.07 3.32
C HIS A 175 -8.39 -1.27 3.13
N TYR A 176 -8.51 -2.14 4.14
CA TYR A 176 -7.89 -3.46 4.09
C TYR A 176 -8.92 -4.55 4.38
N ARG A 177 -8.53 -5.79 4.15
CA ARG A 177 -9.40 -6.92 4.40
C ARG A 177 -8.70 -8.24 4.05
N MET A 178 -8.30 -8.98 5.08
CA MET A 178 -7.63 -10.25 4.88
C MET A 178 -6.33 -10.07 4.10
N GLY A 1 -25.75 7.09 -5.18
CA GLY A 1 -24.39 6.60 -4.85
C GLY A 1 -23.79 7.32 -3.67
N SER A 2 -23.30 6.55 -2.70
CA SER A 2 -22.69 7.12 -1.50
C SER A 2 -21.24 6.66 -1.35
N HIS A 3 -20.31 7.61 -1.49
CA HIS A 3 -18.89 7.30 -1.37
C HIS A 3 -18.35 7.74 -0.02
N MET A 4 -17.83 6.78 0.75
CA MET A 4 -17.28 7.07 2.07
C MET A 4 -15.80 7.40 1.98
N GLY A 5 -15.06 6.57 1.24
CA GLY A 5 -13.63 6.80 1.08
C GLY A 5 -13.29 7.44 -0.25
N GLN A 6 -12.57 6.69 -1.09
CA GLN A 6 -12.17 7.19 -2.41
C GLN A 6 -11.41 6.12 -3.18
N GLU A 7 -11.49 6.20 -4.50
CA GLU A 7 -10.81 5.24 -5.37
C GLU A 7 -9.60 5.88 -6.05
N GLU A 8 -8.61 6.28 -5.24
CA GLU A 8 -7.41 6.89 -5.77
C GLU A 8 -6.62 5.92 -6.63
N PHE A 9 -5.94 4.97 -5.97
CA PHE A 9 -5.16 3.96 -6.68
C PHE A 9 -6.01 3.19 -7.69
N ALA A 10 -7.32 3.19 -7.45
CA ALA A 10 -8.26 2.50 -8.34
C ALA A 10 -7.86 1.04 -8.53
N VAL A 11 -8.57 0.15 -7.86
CA VAL A 11 -8.30 -1.29 -7.96
C VAL A 11 -9.38 -2.00 -8.78
N GLU A 12 -8.95 -2.93 -9.62
CA GLU A 12 -9.89 -3.68 -10.45
C GLU A 12 -9.62 -5.18 -10.33
N ILE A 13 -10.49 -5.86 -9.59
CA ILE A 13 -10.35 -7.30 -9.40
C ILE A 13 -11.13 -8.08 -10.46
N SER A 14 -10.41 -8.82 -11.29
CA SER A 14 -11.03 -9.61 -12.34
C SER A 14 -10.60 -11.08 -12.23
N GLY A 15 -11.58 -11.94 -11.97
CA GLY A 15 -11.28 -13.37 -11.84
C GLY A 15 -10.22 -13.64 -10.80
N THR A 16 -9.09 -14.16 -11.23
CA THR A 16 -7.99 -14.47 -10.32
C THR A 16 -6.88 -13.43 -10.45
N THR A 17 -7.18 -12.31 -11.10
CA THR A 17 -6.20 -11.24 -11.29
C THR A 17 -6.82 -9.87 -11.00
N VAL A 18 -6.05 -9.02 -10.33
CA VAL A 18 -6.51 -7.68 -9.99
C VAL A 18 -5.45 -6.64 -10.37
N THR A 19 -5.90 -5.48 -10.83
CA THR A 19 -4.99 -4.42 -11.25
C THR A 19 -5.14 -3.17 -10.39
N ILE A 20 -4.03 -2.44 -10.22
CA ILE A 20 -4.02 -1.21 -9.43
C ILE A 20 -3.28 -0.10 -10.18
N THR A 21 -3.92 1.05 -10.35
CA THR A 21 -3.31 2.17 -11.06
C THR A 21 -2.63 3.15 -10.09
N CYS A 22 -1.58 3.81 -10.56
CA CYS A 22 -0.85 4.77 -9.74
C CYS A 22 -1.44 6.17 -9.92
N PRO A 23 -2.06 6.72 -8.86
CA PRO A 23 -2.68 8.06 -8.91
C PRO A 23 -1.68 9.16 -9.25
N SER A 24 -0.39 8.86 -9.12
CA SER A 24 0.66 9.82 -9.41
C SER A 24 0.52 10.39 -10.83
N SER A 25 1.52 11.16 -11.25
CA SER A 25 1.52 11.77 -12.57
C SER A 25 1.16 10.76 -13.67
N GLY A 26 1.99 9.73 -13.81
CA GLY A 26 1.75 8.72 -14.82
C GLY A 26 2.68 8.84 -16.02
N ASP A 27 3.95 8.47 -15.82
CA ASP A 27 4.94 8.54 -16.88
C ASP A 27 5.98 7.44 -16.72
N ASP A 28 6.48 7.26 -15.50
CA ASP A 28 7.47 6.25 -15.20
C ASP A 28 7.35 5.80 -13.76
N ILE A 29 6.15 5.36 -13.40
CA ILE A 29 5.85 4.91 -12.05
C ILE A 29 6.78 3.78 -11.61
N LYS A 30 7.10 3.77 -10.32
CA LYS A 30 7.97 2.75 -9.75
C LYS A 30 7.31 2.06 -8.55
N TRP A 31 7.27 0.74 -8.60
CA TRP A 31 6.67 -0.05 -7.52
C TRP A 31 7.74 -0.60 -6.59
N LYS A 32 7.34 -1.35 -5.57
CA LYS A 32 8.29 -1.90 -4.61
C LYS A 32 7.86 -3.28 -4.11
N PRO A 33 6.74 -3.37 -3.35
CA PRO A 33 6.23 -4.61 -2.81
C PRO A 33 6.53 -5.83 -3.68
N ASP A 34 6.30 -5.68 -4.97
CA ASP A 34 6.55 -6.76 -5.92
C ASP A 34 6.54 -6.23 -7.36
N PRO A 35 7.71 -5.83 -7.87
CA PRO A 35 7.84 -5.30 -9.23
C PRO A 35 7.47 -6.34 -10.28
N ALA A 36 7.60 -7.61 -9.90
CA ALA A 36 7.27 -8.71 -10.79
C ALA A 36 5.85 -8.56 -11.33
N LEU A 37 5.00 -7.91 -10.54
CA LEU A 37 3.61 -7.68 -10.92
C LEU A 37 3.30 -6.19 -10.91
N GLY A 38 4.20 -5.40 -11.47
CA GLY A 38 4.03 -3.96 -11.52
C GLY A 38 4.18 -3.41 -12.92
N ASP A 39 3.08 -2.95 -13.49
CA ASP A 39 3.09 -2.39 -14.84
C ASP A 39 3.25 -0.88 -14.79
N ASN A 40 3.35 -0.24 -15.96
CA ASN A 40 3.50 1.20 -16.02
C ASN A 40 2.21 1.89 -15.61
N ASN A 41 2.28 2.65 -14.53
CA ASN A 41 1.11 3.35 -14.01
C ASN A 41 0.03 2.34 -13.62
N LYS A 42 0.45 1.08 -13.43
CA LYS A 42 -0.48 0.03 -13.08
C LYS A 42 0.24 -1.12 -12.39
N TYR A 43 -0.53 -1.93 -11.65
CA TYR A 43 0.03 -3.07 -10.94
C TYR A 43 -0.84 -4.31 -11.17
N ILE A 44 -0.40 -5.17 -12.07
CA ILE A 44 -1.13 -6.39 -12.40
C ILE A 44 -0.86 -7.51 -11.40
N ILE A 45 -1.81 -7.72 -10.49
CA ILE A 45 -1.67 -8.76 -9.48
C ILE A 45 -2.18 -10.11 -10.00
N GLN A 46 -1.45 -11.17 -9.68
CA GLN A 46 -1.84 -12.50 -10.12
C GLN A 46 -1.51 -13.54 -9.03
N ASN A 47 -2.31 -14.60 -8.98
CA ASN A 47 -2.11 -15.66 -7.99
C ASN A 47 -1.86 -15.07 -6.61
N HIS A 48 -2.45 -13.89 -6.37
CA HIS A 48 -2.30 -13.20 -5.09
C HIS A 48 -2.78 -14.07 -3.94
N ASP A 49 -2.44 -13.67 -2.72
CA ASP A 49 -2.85 -14.41 -1.53
C ASP A 49 -3.72 -13.55 -0.62
N SER A 50 -4.78 -14.14 -0.08
CA SER A 50 -5.69 -13.44 0.81
C SER A 50 -4.93 -12.83 1.99
N SER A 51 -4.55 -11.57 1.86
CA SER A 51 -3.82 -10.89 2.92
C SER A 51 -3.56 -9.43 2.57
N PRO A 52 -2.96 -8.67 3.51
CA PRO A 52 -2.66 -7.26 3.34
C PRO A 52 -1.28 -7.00 2.74
N LEU A 53 -1.00 -5.74 2.46
CA LEU A 53 0.28 -5.32 1.91
C LEU A 53 0.31 -3.82 1.72
N THR A 54 1.49 -3.24 1.85
CA THR A 54 1.66 -1.82 1.67
C THR A 54 2.16 -1.53 0.25
N VAL A 55 1.27 -1.01 -0.58
CA VAL A 55 1.63 -0.71 -1.97
C VAL A 55 1.99 0.75 -2.12
N SER A 56 3.13 0.99 -2.76
CA SER A 56 3.61 2.35 -2.96
C SER A 56 4.15 2.55 -4.37
N CYS A 57 3.67 3.58 -5.03
CA CYS A 57 4.11 3.89 -6.38
C CYS A 57 4.71 5.29 -6.44
N THR A 58 5.60 5.50 -7.40
CA THR A 58 6.26 6.80 -7.54
C THR A 58 6.37 7.21 -9.01
N ALA A 59 5.61 8.22 -9.40
CA ALA A 59 5.66 8.72 -10.76
C ALA A 59 6.36 10.07 -10.81
N GLY A 60 7.62 10.07 -11.23
CA GLY A 60 8.36 11.31 -11.31
C GLY A 60 8.57 11.93 -9.94
N ASP A 61 7.79 12.96 -9.64
CA ASP A 61 7.88 13.64 -8.35
C ASP A 61 6.61 13.45 -7.53
N GLN A 62 5.95 12.32 -7.74
CA GLN A 62 4.71 12.02 -7.01
C GLN A 62 4.89 10.83 -6.08
N GLU A 63 4.17 10.85 -4.96
CA GLU A 63 4.25 9.78 -3.98
C GLU A 63 2.86 9.33 -3.53
N HIS A 64 2.48 8.11 -3.95
CA HIS A 64 1.18 7.57 -3.60
C HIS A 64 1.32 6.21 -2.93
N THR A 65 0.50 5.93 -1.93
CA THR A 65 0.54 4.66 -1.21
C THR A 65 -0.86 4.20 -0.83
N MET A 66 -1.03 2.88 -0.75
CA MET A 66 -2.32 2.30 -0.38
C MET A 66 -2.12 0.92 0.25
N TYR A 67 -3.09 0.49 1.05
CA TYR A 67 -3.01 -0.81 1.69
C TYR A 67 -3.89 -1.82 0.98
N LEU A 68 -3.25 -2.81 0.36
CA LEU A 68 -3.96 -3.85 -0.36
C LEU A 68 -4.17 -5.08 0.50
N ASN A 69 -5.38 -5.25 1.02
CA ASN A 69 -5.69 -6.41 1.85
C ASN A 69 -6.97 -7.08 1.37
N ALA A 70 -6.80 -8.17 0.63
CA ALA A 70 -7.94 -8.91 0.11
C ALA A 70 -7.50 -10.23 -0.51
N LYS A 71 -8.47 -10.99 -1.00
CA LYS A 71 -8.20 -12.27 -1.64
C LYS A 71 -8.62 -12.27 -3.10
N VAL A 72 -7.90 -13.02 -3.93
CA VAL A 72 -8.22 -13.09 -5.36
C VAL A 72 -9.05 -14.33 -5.67
N GLY A 73 -9.99 -14.18 -6.60
CA GLY A 73 -10.84 -15.30 -6.97
C GLY A 73 -12.31 -14.91 -7.05
N SER A 74 -13.10 -15.41 -6.12
CA SER A 74 -14.53 -15.11 -6.09
C SER A 74 -14.86 -14.13 -4.96
N ALA A 75 -15.08 -12.87 -5.33
CA ALA A 75 -15.40 -11.84 -4.34
C ALA A 75 -15.67 -10.50 -5.01
N ASP A 76 -14.61 -9.88 -5.51
CA ASP A 76 -14.72 -8.60 -6.18
C ASP A 76 -15.02 -8.77 -7.66
N ASP A 77 -14.46 -9.83 -8.25
CA ASP A 77 -14.65 -10.12 -9.66
C ASP A 77 -16.12 -10.02 -10.05
N ALA A 78 -16.40 -9.34 -11.17
CA ALA A 78 -17.76 -9.18 -11.65
C ALA A 78 -18.13 -10.28 -12.63
N LYS A 79 -19.26 -10.11 -13.31
CA LYS A 79 -19.73 -11.09 -14.28
C LYS A 79 -18.71 -11.29 -15.40
N LYS A 80 -17.83 -12.27 -15.23
CA LYS A 80 -16.81 -12.56 -16.22
C LYS A 80 -16.59 -14.06 -16.36
N ASP A 81 -17.40 -14.71 -17.20
CA ASP A 81 -17.29 -16.15 -17.41
C ASP A 81 -15.96 -16.50 -18.06
N ALA A 82 -15.66 -15.86 -19.19
CA ALA A 82 -14.43 -16.10 -19.91
C ALA A 82 -13.23 -15.54 -19.17
N ALA A 83 -12.34 -16.41 -18.73
CA ALA A 83 -11.15 -15.99 -17.99
C ALA A 83 -9.94 -16.85 -18.38
N LYS A 84 -9.08 -16.30 -19.22
CA LYS A 84 -7.88 -17.01 -19.66
C LYS A 84 -6.64 -16.48 -18.95
N LYS A 85 -6.26 -15.24 -19.27
CA LYS A 85 -5.09 -14.62 -18.66
C LYS A 85 -3.84 -15.42 -18.96
N ASP A 86 -2.68 -14.79 -18.77
CA ASP A 86 -1.40 -15.44 -19.02
C ASP A 86 -1.06 -16.43 -17.90
N ASP A 87 -0.83 -15.88 -16.71
CA ASP A 87 -0.50 -16.70 -15.55
C ASP A 87 0.80 -17.48 -15.79
N ALA A 88 1.91 -16.91 -15.33
CA ALA A 88 3.21 -17.54 -15.50
C ALA A 88 3.78 -17.98 -14.16
N LYS A 89 4.99 -18.54 -14.18
CA LYS A 89 5.65 -19.01 -12.96
C LYS A 89 6.25 -17.83 -12.19
N LYS A 90 6.52 -18.04 -10.91
CA LYS A 90 7.11 -17.01 -10.07
C LYS A 90 7.98 -17.62 -8.98
N ASP A 91 8.98 -16.86 -8.55
CA ASP A 91 9.89 -17.33 -7.50
C ASP A 91 9.41 -16.92 -6.12
N ASP A 92 9.93 -17.57 -5.09
CA ASP A 92 9.54 -17.27 -3.72
C ASP A 92 10.78 -16.98 -2.86
N ALA A 93 11.80 -17.81 -3.01
CA ALA A 93 13.03 -17.65 -2.25
C ALA A 93 13.82 -16.44 -2.74
N LYS A 94 13.77 -15.36 -1.97
CA LYS A 94 14.48 -14.13 -2.32
C LYS A 94 15.86 -14.11 -1.69
N LYS A 95 16.68 -13.13 -2.09
CA LYS A 95 18.02 -12.98 -1.55
C LYS A 95 18.23 -11.59 -0.98
N ASP A 96 17.81 -11.39 0.27
CA ASP A 96 17.96 -10.11 0.93
C ASP A 96 17.21 -9.02 0.17
N GLY A 97 16.89 -7.93 0.87
CA GLY A 97 16.19 -6.83 0.25
C GLY A 97 15.81 -5.74 1.23
N SER A 98 14.57 -5.78 1.71
CA SER A 98 14.08 -4.79 2.66
C SER A 98 14.36 -5.24 4.09
N VAL A 99 15.30 -4.58 4.75
CA VAL A 99 15.65 -4.92 6.13
C VAL A 99 15.65 -3.66 7.01
N ALA A 100 14.64 -2.82 6.84
CA ALA A 100 14.52 -1.60 7.61
C ALA A 100 15.71 -0.67 7.35
N LYS A 101 15.84 0.37 8.17
CA LYS A 101 16.94 1.32 8.03
C LYS A 101 16.71 2.20 6.80
N LEU A 102 15.45 2.47 6.49
CA LEU A 102 15.09 3.29 5.35
C LEU A 102 15.50 4.74 5.56
N GLY A 103 15.26 5.58 4.55
CA GLY A 103 15.61 6.99 4.66
C GLY A 103 17.07 7.25 4.35
N VAL A 104 17.65 6.40 3.51
CA VAL A 104 19.05 6.54 3.13
C VAL A 104 19.23 6.37 1.62
N HIS A 105 18.60 5.35 1.06
CA HIS A 105 18.69 5.07 -0.36
C HIS A 105 17.36 4.54 -0.90
N GLY A 106 16.27 5.06 -0.35
CA GLY A 106 14.94 4.63 -0.80
C GLY A 106 13.85 5.05 0.16
N LEU A 107 12.67 4.46 -0.01
CA LEU A 107 11.53 4.79 0.85
C LEU A 107 10.54 3.62 0.89
N SER A 108 10.17 3.21 2.10
CA SER A 108 9.23 2.11 2.27
C SER A 108 8.49 2.23 3.60
N MET A 109 7.32 1.62 3.66
CA MET A 109 6.49 1.66 4.85
C MET A 109 5.62 0.41 4.94
N SER A 110 5.22 0.06 6.15
CA SER A 110 4.37 -1.10 6.36
C SER A 110 3.55 -0.94 7.64
N VAL A 111 2.66 -1.88 7.90
CA VAL A 111 1.83 -1.83 9.10
C VAL A 111 1.95 -3.11 9.93
N LYS A 112 1.81 -2.96 11.24
CA LYS A 112 1.90 -4.10 12.15
C LYS A 112 0.52 -4.59 12.57
N GLU A 113 0.44 -5.83 13.01
CA GLU A 113 -0.82 -6.41 13.46
C GLU A 113 -0.67 -6.97 14.87
N VAL A 114 -1.24 -6.25 15.82
CA VAL A 114 -1.18 -6.64 17.23
C VAL A 114 -2.54 -7.05 17.74
N SER A 115 -2.60 -7.38 19.04
CA SER A 115 -3.83 -7.83 19.70
C SER A 115 -5.10 -7.19 19.12
N GLY A 116 -5.62 -7.81 18.07
CA GLY A 116 -6.84 -7.32 17.44
C GLY A 116 -6.71 -5.90 16.98
N LYS A 117 -5.48 -5.48 16.71
CA LYS A 117 -5.23 -4.12 16.28
C LYS A 117 -4.30 -4.08 15.07
N VAL A 118 -4.19 -2.90 14.47
CA VAL A 118 -3.34 -2.70 13.31
C VAL A 118 -2.59 -1.39 13.43
N PHE A 119 -1.27 -1.47 13.64
CA PHE A 119 -0.45 -0.28 13.79
C PHE A 119 0.36 -0.04 12.54
N LEU A 120 0.99 1.13 12.45
CA LEU A 120 1.79 1.48 11.29
C LEU A 120 3.21 1.86 11.66
N GLN A 121 4.09 1.89 10.66
CA GLN A 121 5.49 2.24 10.85
C GLN A 121 5.96 3.17 9.74
N CYS A 122 6.49 4.33 10.12
CA CYS A 122 6.98 5.30 9.15
C CYS A 122 8.50 5.34 9.11
N GLN A 123 9.03 6.27 8.33
CA GLN A 123 10.47 6.42 8.18
C GLN A 123 10.99 7.55 9.08
N GLU A 124 12.01 7.24 9.87
CA GLU A 124 12.59 8.23 10.78
C GLU A 124 13.86 8.83 10.18
N SER A 125 14.57 8.04 9.37
CA SER A 125 15.80 8.50 8.75
C SER A 125 16.85 8.86 9.79
N LYS A 126 18.11 8.86 9.39
CA LYS A 126 19.20 9.19 10.30
C LYS A 126 19.27 8.21 11.45
N ASP A 127 20.43 8.11 12.09
CA ASP A 127 20.63 7.21 13.22
C ASP A 127 19.81 7.66 14.43
N LEU A 128 19.62 8.97 14.55
CA LEU A 128 18.86 9.53 15.66
C LEU A 128 17.37 9.21 15.51
N ASN A 129 16.71 8.99 16.64
CA ASN A 129 15.29 8.68 16.64
C ASN A 129 14.44 9.95 16.55
N THR A 130 13.34 9.87 15.82
CA THR A 130 12.45 11.02 15.66
C THR A 130 10.98 10.58 15.65
N ASN A 131 10.69 9.50 16.37
CA ASN A 131 9.33 8.97 16.44
C ASN A 131 8.80 8.62 15.05
N TYR A 132 7.56 8.20 14.99
CA TYR A 132 6.93 7.83 13.72
C TYR A 132 6.14 9.01 13.15
N LEU A 133 6.35 9.30 11.87
CA LEU A 133 5.66 10.40 11.21
C LEU A 133 4.32 9.94 10.63
N TRP A 134 3.25 10.63 11.02
CA TRP A 134 1.91 10.31 10.53
C TRP A 134 1.09 11.58 10.34
N LYS A 135 0.67 11.82 9.12
CA LYS A 135 -0.14 12.99 8.81
C LYS A 135 -1.40 12.58 8.06
N LYS A 136 -2.55 12.81 8.68
CA LYS A 136 -3.83 12.45 8.07
C LYS A 136 -4.42 13.61 7.28
N GLY A 137 -5.07 13.28 6.17
CA GLY A 137 -5.67 14.31 5.32
C GLY A 137 -6.48 15.34 6.11
N LYS A 138 -6.94 14.95 7.29
CA LYS A 138 -7.73 15.85 8.12
C LYS A 138 -6.95 16.30 9.36
N GLU A 139 -6.00 15.49 9.78
CA GLU A 139 -5.18 15.81 10.94
C GLU A 139 -3.73 16.01 10.54
N GLU A 140 -3.12 17.07 11.04
CA GLU A 140 -1.73 17.35 10.71
C GLU A 140 -0.82 16.23 11.23
N LEU A 141 0.11 16.54 12.14
CA LEU A 141 1.02 15.52 12.64
C LEU A 141 0.76 15.17 14.10
N GLY A 142 1.59 14.29 14.62
CA GLY A 142 1.48 13.83 15.99
C GLY A 142 2.42 12.66 16.25
N ASN A 143 3.71 12.97 16.36
CA ASN A 143 4.73 11.94 16.57
C ASN A 143 4.34 10.94 17.66
N MET A 144 4.63 9.67 17.38
CA MET A 144 4.32 8.58 18.32
C MET A 144 5.27 7.41 18.10
N ARG A 145 5.56 6.67 19.18
CA ARG A 145 6.46 5.52 19.10
C ARG A 145 5.96 4.52 18.05
N GLN A 146 4.66 4.25 18.08
CA GLN A 146 4.04 3.33 17.15
C GLN A 146 2.79 3.95 16.55
N LEU A 147 2.65 3.89 15.23
CA LEU A 147 1.51 4.48 14.57
C LEU A 147 0.23 3.69 14.86
N ASP A 148 -0.62 4.26 15.70
CA ASP A 148 -1.89 3.64 16.06
C ASP A 148 -3.02 4.64 15.85
N LEU A 149 -3.62 4.61 14.66
CA LEU A 149 -4.70 5.52 14.32
C LEU A 149 -5.94 4.74 13.91
N GLY A 150 -6.09 3.54 14.48
CA GLY A 150 -7.24 2.71 14.15
C GLY A 150 -7.08 1.29 14.64
N ALA A 151 -8.16 0.51 14.57
CA ALA A 151 -8.14 -0.88 15.00
C ALA A 151 -8.28 -1.83 13.82
N ILE A 152 -8.03 -3.11 14.06
CA ILE A 152 -8.13 -4.10 13.00
C ILE A 152 -9.56 -4.19 12.47
N TYR A 153 -10.51 -4.23 13.39
CA TYR A 153 -11.93 -4.30 13.02
C TYR A 153 -12.46 -2.91 12.73
N ASP A 154 -11.95 -1.94 13.47
CA ASP A 154 -12.33 -0.54 13.29
C ASP A 154 -11.21 0.21 12.60
N ASP A 155 -10.70 -0.37 11.52
CA ASP A 155 -9.60 0.20 10.74
C ASP A 155 -9.66 1.72 10.69
N PRO A 156 -8.48 2.37 10.54
CA PRO A 156 -8.37 3.81 10.48
C PRO A 156 -9.43 4.44 9.59
N ARG A 157 -9.77 3.73 8.53
CA ARG A 157 -10.76 4.20 7.59
C ARG A 157 -10.48 5.64 7.14
N GLY A 158 -9.22 6.03 7.19
CA GLY A 158 -8.84 7.36 6.81
C GLY A 158 -7.51 7.40 6.09
N THR A 159 -7.46 8.12 4.96
CA THR A 159 -6.24 8.24 4.18
C THR A 159 -5.19 9.04 4.95
N TYR A 160 -4.06 8.40 5.24
CA TYR A 160 -2.98 9.07 5.95
C TYR A 160 -1.76 9.22 5.06
N THR A 161 -0.79 10.00 5.54
CA THR A 161 0.44 10.24 4.81
C THR A 161 1.63 9.93 5.71
N CYS A 162 2.64 9.27 5.15
CA CYS A 162 3.83 8.90 5.91
C CYS A 162 5.11 9.19 5.12
N GLN A 163 6.05 9.86 5.77
CA GLN A 163 7.32 10.22 5.15
C GLN A 163 8.28 10.77 6.20
N ARG A 164 9.56 10.88 5.82
CA ARG A 164 10.58 11.39 6.72
C ARG A 164 10.40 12.87 7.03
N ASP A 165 9.41 13.52 6.41
CA ASP A 165 9.17 14.94 6.66
C ASP A 165 7.88 15.14 7.46
N GLU A 166 7.71 16.36 7.97
CA GLU A 166 6.52 16.68 8.74
C GLU A 166 5.28 16.63 7.86
N ASN A 167 5.21 17.53 6.89
CA ASN A 167 4.10 17.60 5.94
C ASN A 167 4.22 16.49 4.90
N VAL A 168 4.55 15.28 5.38
CA VAL A 168 4.72 14.09 4.54
C VAL A 168 3.97 14.19 3.20
N ASN A 169 4.51 13.50 2.20
CA ASN A 169 3.94 13.52 0.86
C ASN A 169 3.31 12.18 0.50
N SER A 170 3.94 11.08 0.92
CA SER A 170 3.43 9.75 0.63
C SER A 170 2.11 9.49 1.34
N THR A 171 1.02 9.52 0.59
CA THR A 171 -0.31 9.30 1.15
C THR A 171 -0.70 7.82 1.09
N LEU A 172 -0.68 7.16 2.25
CA LEU A 172 -1.02 5.75 2.33
C LEU A 172 -2.51 5.56 2.64
N HIS A 173 -3.24 5.02 1.67
CA HIS A 173 -4.66 4.77 1.83
C HIS A 173 -4.90 3.38 2.43
N VAL A 174 -6.16 3.08 2.76
CA VAL A 174 -6.49 1.79 3.35
C VAL A 174 -7.96 1.43 3.11
N HIS A 175 -8.25 0.13 3.10
CA HIS A 175 -9.61 -0.35 2.89
C HIS A 175 -9.96 -1.43 3.91
N TYR A 176 -9.16 -2.49 3.95
CA TYR A 176 -9.36 -3.60 4.87
C TYR A 176 -10.58 -4.41 4.50
N ARG A 177 -10.48 -5.70 4.72
CA ARG A 177 -11.60 -6.57 4.44
C ARG A 177 -11.38 -7.97 5.04
N MET A 178 -10.15 -8.45 4.95
CA MET A 178 -9.81 -9.77 5.49
C MET A 178 -9.25 -9.66 6.89
N GLY A 1 -20.65 7.72 7.51
CA GLY A 1 -19.59 8.33 6.66
C GLY A 1 -20.16 9.06 5.46
N SER A 2 -19.42 10.05 4.97
CA SER A 2 -19.86 10.84 3.82
C SER A 2 -19.15 10.38 2.55
N HIS A 3 -17.84 10.22 2.65
CA HIS A 3 -17.03 9.79 1.51
C HIS A 3 -16.56 8.36 1.68
N MET A 4 -16.24 7.99 2.93
CA MET A 4 -15.78 6.64 3.23
C MET A 4 -14.48 6.33 2.48
N GLY A 5 -13.36 6.60 3.13
CA GLY A 5 -12.07 6.33 2.50
C GLY A 5 -11.81 7.23 1.30
N GLN A 6 -11.32 6.62 0.23
CA GLN A 6 -11.03 7.36 -1.00
C GLN A 6 -10.97 6.43 -2.19
N GLU A 7 -10.49 6.95 -3.31
CA GLU A 7 -10.38 6.17 -4.54
C GLU A 7 -9.39 6.80 -5.50
N GLU A 8 -8.24 7.21 -5.00
CA GLU A 8 -7.20 7.83 -5.82
C GLU A 8 -6.54 6.80 -6.73
N PHE A 9 -6.09 5.70 -6.14
CA PHE A 9 -5.44 4.64 -6.90
C PHE A 9 -6.43 3.95 -7.84
N ALA A 10 -7.71 4.00 -7.48
CA ALA A 10 -8.76 3.38 -8.29
C ALA A 10 -8.41 1.94 -8.64
N VAL A 11 -8.86 1.00 -7.81
CA VAL A 11 -8.60 -0.41 -8.05
C VAL A 11 -9.70 -1.06 -8.87
N GLU A 12 -9.30 -1.88 -9.83
CA GLU A 12 -10.26 -2.56 -10.69
C GLU A 12 -9.92 -4.05 -10.80
N ILE A 13 -10.70 -4.87 -10.10
CA ILE A 13 -10.48 -6.32 -10.11
C ILE A 13 -11.32 -7.00 -11.18
N SER A 14 -10.64 -7.66 -12.12
CA SER A 14 -11.33 -8.36 -13.20
C SER A 14 -10.89 -9.82 -13.26
N GLY A 15 -11.77 -10.73 -12.85
CA GLY A 15 -11.44 -12.13 -12.87
C GLY A 15 -10.24 -12.46 -11.99
N THR A 16 -9.16 -12.90 -12.61
CA THR A 16 -7.95 -13.24 -11.87
C THR A 16 -6.90 -12.14 -12.01
N THR A 17 -7.31 -10.98 -12.52
CA THR A 17 -6.41 -9.86 -12.72
C THR A 17 -7.05 -8.55 -12.26
N VAL A 18 -6.30 -7.77 -11.49
CA VAL A 18 -6.80 -6.48 -11.00
C VAL A 18 -5.83 -5.37 -11.35
N THR A 19 -6.37 -4.22 -11.77
CA THR A 19 -5.54 -3.08 -12.15
C THR A 19 -5.69 -1.92 -11.18
N ILE A 20 -4.61 -1.16 -11.01
CA ILE A 20 -4.59 -0.01 -10.11
C ILE A 20 -3.97 1.21 -10.83
N THR A 21 -4.74 2.29 -10.96
CA THR A 21 -4.24 3.48 -11.62
C THR A 21 -3.49 4.40 -10.65
N CYS A 22 -2.49 5.11 -11.16
CA CYS A 22 -1.70 6.02 -10.33
C CYS A 22 -2.29 7.43 -10.38
N PRO A 23 -2.73 7.97 -9.22
CA PRO A 23 -3.30 9.30 -9.14
C PRO A 23 -2.25 10.38 -8.95
N SER A 24 -0.98 9.98 -8.82
CA SER A 24 0.10 10.93 -8.62
C SER A 24 0.17 11.94 -9.77
N SER A 25 -0.15 11.48 -10.97
CA SER A 25 -0.13 12.36 -12.15
C SER A 25 -0.54 11.59 -13.41
N GLY A 26 0.42 10.94 -14.05
CA GLY A 26 0.12 10.18 -15.26
C GLY A 26 1.05 10.53 -16.40
N ASP A 27 2.36 10.41 -16.17
CA ASP A 27 3.35 10.71 -17.20
C ASP A 27 4.61 9.87 -17.00
N ASP A 28 5.08 9.80 -15.76
CA ASP A 28 6.27 9.02 -15.44
C ASP A 28 6.16 8.42 -14.05
N ILE A 29 5.22 7.50 -13.89
CA ILE A 29 4.98 6.85 -12.60
C ILE A 29 5.96 5.71 -12.36
N LYS A 30 6.29 5.49 -11.10
CA LYS A 30 7.20 4.43 -10.70
C LYS A 30 6.64 3.64 -9.53
N TRP A 31 6.63 2.31 -9.65
CA TRP A 31 6.11 1.46 -8.60
C TRP A 31 7.25 0.88 -7.74
N LYS A 32 6.89 0.15 -6.69
CA LYS A 32 7.89 -0.43 -5.80
C LYS A 32 7.58 -1.89 -5.45
N PRO A 33 6.43 -2.17 -4.81
CA PRO A 33 6.03 -3.52 -4.40
C PRO A 33 6.41 -4.58 -5.43
N ASP A 34 6.09 -4.32 -6.69
CA ASP A 34 6.39 -5.25 -7.76
C ASP A 34 6.29 -4.57 -9.12
N PRO A 35 7.40 -4.02 -9.61
CA PRO A 35 7.46 -3.32 -10.91
C PRO A 35 7.12 -4.27 -12.04
N ALA A 36 7.35 -5.56 -11.81
CA ALA A 36 7.06 -6.58 -12.81
C ALA A 36 5.60 -6.51 -13.25
N LEU A 37 4.74 -6.08 -12.33
CA LEU A 37 3.32 -5.94 -12.61
C LEU A 37 2.87 -4.49 -12.42
N GLY A 38 3.67 -3.57 -12.94
CA GLY A 38 3.36 -2.16 -12.82
C GLY A 38 3.34 -1.46 -14.17
N ASP A 39 2.14 -1.15 -14.65
CA ASP A 39 1.98 -0.47 -15.92
C ASP A 39 2.40 0.99 -15.80
N ASN A 40 2.63 1.64 -16.94
CA ASN A 40 3.04 3.06 -16.96
C ASN A 40 2.32 3.86 -15.88
N ASN A 41 1.05 4.13 -16.12
CA ASN A 41 0.23 4.88 -15.17
C ASN A 41 -0.80 3.96 -14.53
N LYS A 42 -0.43 2.69 -14.37
CA LYS A 42 -1.32 1.70 -13.77
C LYS A 42 -0.52 0.52 -13.22
N TYR A 43 -1.20 -0.34 -12.47
CA TYR A 43 -0.57 -1.52 -11.87
C TYR A 43 -1.38 -2.76 -12.20
N ILE A 44 -0.91 -3.52 -13.17
CA ILE A 44 -1.61 -4.74 -13.59
C ILE A 44 -1.23 -5.92 -12.72
N ILE A 45 -2.11 -6.26 -11.78
CA ILE A 45 -1.87 -7.39 -10.88
C ILE A 45 -2.35 -8.69 -11.49
N GLN A 46 -1.51 -9.73 -11.41
CA GLN A 46 -1.85 -11.03 -11.95
C GLN A 46 -1.35 -12.14 -11.04
N ASN A 47 -2.15 -13.20 -10.89
CA ASN A 47 -1.78 -14.32 -10.04
C ASN A 47 -1.49 -13.84 -8.62
N HIS A 48 -2.10 -12.73 -8.24
CA HIS A 48 -1.92 -12.16 -6.91
C HIS A 48 -2.31 -13.16 -5.83
N ASP A 49 -1.96 -12.85 -4.59
CA ASP A 49 -2.27 -13.72 -3.46
C ASP A 49 -3.16 -12.99 -2.46
N SER A 50 -4.24 -13.66 -2.04
CA SER A 50 -5.17 -13.09 -1.07
C SER A 50 -4.43 -12.56 0.16
N SER A 51 -4.12 -11.28 0.16
CA SER A 51 -3.41 -10.67 1.28
C SER A 51 -3.22 -9.17 1.09
N PRO A 52 -2.66 -8.49 2.11
CA PRO A 52 -2.44 -7.05 2.08
C PRO A 52 -1.07 -6.66 1.53
N LEU A 53 -0.87 -5.35 1.40
CA LEU A 53 0.39 -4.81 0.91
C LEU A 53 0.30 -3.29 0.82
N THR A 54 1.43 -2.64 1.05
CA THR A 54 1.49 -1.18 0.97
C THR A 54 2.12 -0.79 -0.36
N VAL A 55 1.29 -0.27 -1.26
CA VAL A 55 1.76 0.12 -2.59
C VAL A 55 2.08 1.61 -2.66
N SER A 56 3.26 1.92 -3.17
CA SER A 56 3.70 3.31 -3.29
C SER A 56 3.81 3.70 -4.75
N CYS A 57 3.31 4.91 -5.06
CA CYS A 57 3.35 5.43 -6.42
C CYS A 57 4.14 6.72 -6.47
N THR A 58 4.87 6.92 -7.56
CA THR A 58 5.69 8.11 -7.70
C THR A 58 5.61 8.67 -9.12
N ALA A 59 4.82 9.72 -9.30
CA ALA A 59 4.68 10.36 -10.60
C ALA A 59 5.29 11.75 -10.59
N GLY A 60 6.48 11.88 -11.20
CA GLY A 60 7.15 13.16 -11.23
C GLY A 60 7.55 13.63 -9.85
N ASP A 61 6.78 14.57 -9.29
CA ASP A 61 7.07 15.10 -7.97
C ASP A 61 5.93 14.80 -7.00
N GLN A 62 5.24 13.68 -7.24
CA GLN A 62 4.12 13.28 -6.39
C GLN A 62 4.42 11.96 -5.68
N GLU A 63 3.84 11.79 -4.50
CA GLU A 63 4.04 10.57 -3.72
C GLU A 63 2.72 10.08 -3.12
N HIS A 64 2.12 9.09 -3.76
CA HIS A 64 0.85 8.53 -3.28
C HIS A 64 0.99 7.04 -2.96
N THR A 65 0.47 6.64 -1.82
CA THR A 65 0.53 5.24 -1.39
C THR A 65 -0.85 4.74 -0.96
N MET A 66 -1.09 3.45 -1.14
CA MET A 66 -2.37 2.85 -0.76
C MET A 66 -2.17 1.41 -0.31
N TYR A 67 -2.97 0.99 0.67
CA TYR A 67 -2.87 -0.37 1.18
C TYR A 67 -3.73 -1.33 0.36
N LEU A 68 -3.07 -2.21 -0.38
CA LEU A 68 -3.75 -3.19 -1.20
C LEU A 68 -3.92 -4.51 -0.47
N ASN A 69 -5.16 -4.85 -0.13
CA ASN A 69 -5.44 -6.11 0.57
C ASN A 69 -6.69 -6.76 0.01
N ALA A 70 -6.48 -7.79 -0.81
CA ALA A 70 -7.60 -8.50 -1.41
C ALA A 70 -7.14 -9.79 -2.08
N LYS A 71 -8.09 -10.52 -2.65
CA LYS A 71 -7.79 -11.78 -3.33
C LYS A 71 -8.27 -11.74 -4.77
N VAL A 72 -7.44 -12.22 -5.70
CA VAL A 72 -7.78 -12.24 -7.11
C VAL A 72 -8.30 -13.60 -7.53
N GLY A 73 -9.29 -13.62 -8.42
CA GLY A 73 -9.86 -14.86 -8.89
C GLY A 73 -11.28 -15.08 -8.38
N SER A 74 -11.55 -14.60 -7.17
CA SER A 74 -12.87 -14.76 -6.56
C SER A 74 -13.31 -13.45 -5.91
N ALA A 75 -14.52 -13.46 -5.34
CA ALA A 75 -15.06 -12.29 -4.67
C ALA A 75 -15.28 -11.15 -5.67
N ASP A 76 -14.20 -10.45 -6.02
CA ASP A 76 -14.28 -9.34 -6.95
C ASP A 76 -14.20 -9.84 -8.39
N ASP A 77 -14.60 -8.99 -9.33
CA ASP A 77 -14.58 -9.33 -10.75
C ASP A 77 -15.07 -8.17 -11.60
N ALA A 78 -15.00 -8.35 -12.92
CA ALA A 78 -15.43 -7.30 -13.85
C ALA A 78 -15.36 -7.80 -15.29
N LYS A 79 -14.19 -8.28 -15.69
CA LYS A 79 -13.99 -8.79 -17.04
C LYS A 79 -13.84 -10.30 -17.04
N LYS A 80 -13.44 -10.85 -18.19
CA LYS A 80 -13.25 -12.29 -18.32
C LYS A 80 -12.20 -12.79 -17.34
N ASP A 81 -12.26 -14.09 -17.03
CA ASP A 81 -11.31 -14.69 -16.10
C ASP A 81 -10.17 -15.37 -16.86
N ALA A 82 -10.50 -15.98 -17.99
CA ALA A 82 -9.50 -16.67 -18.80
C ALA A 82 -8.84 -17.79 -18.03
N ALA A 83 -7.85 -18.44 -18.65
CA ALA A 83 -7.14 -19.53 -18.02
C ALA A 83 -5.64 -19.42 -18.24
N LYS A 84 -4.89 -19.28 -17.14
CA LYS A 84 -3.45 -19.15 -17.21
C LYS A 84 -2.76 -20.39 -16.65
N LYS A 85 -1.62 -20.75 -17.24
CA LYS A 85 -0.87 -21.92 -16.79
C LYS A 85 0.02 -21.57 -15.59
N ASP A 86 -0.54 -21.66 -14.40
CA ASP A 86 0.19 -21.35 -13.18
C ASP A 86 0.72 -22.64 -12.54
N ASP A 87 2.02 -22.63 -12.21
CA ASP A 87 2.65 -23.79 -11.59
C ASP A 87 3.50 -23.36 -10.40
N ALA A 88 3.47 -24.17 -9.35
CA ALA A 88 4.24 -23.89 -8.14
C ALA A 88 5.40 -24.86 -7.98
N LYS A 89 6.62 -24.35 -8.16
CA LYS A 89 7.82 -25.17 -8.02
C LYS A 89 8.78 -24.59 -6.99
N LYS A 90 9.18 -23.34 -7.19
CA LYS A 90 10.08 -22.67 -6.26
C LYS A 90 11.42 -23.42 -6.18
N ASP A 91 12.28 -22.97 -5.28
CA ASP A 91 13.58 -23.59 -5.11
C ASP A 91 13.72 -24.19 -3.71
N ASP A 92 13.24 -23.46 -2.71
CA ASP A 92 13.31 -23.93 -1.32
C ASP A 92 12.55 -22.98 -0.40
N ALA A 93 12.70 -21.69 -0.64
CA ALA A 93 12.01 -20.68 0.18
C ALA A 93 12.46 -20.76 1.63
N LYS A 94 13.52 -20.04 1.96
CA LYS A 94 14.05 -20.03 3.33
C LYS A 94 14.24 -18.59 3.83
N LYS A 95 13.70 -18.33 5.02
CA LYS A 95 13.80 -16.99 5.61
C LYS A 95 13.15 -15.95 4.71
N ASP A 96 11.85 -15.74 4.92
CA ASP A 96 11.10 -14.76 4.12
C ASP A 96 10.97 -13.44 4.87
N GLY A 97 10.34 -12.47 4.23
CA GLY A 97 10.15 -11.17 4.86
C GLY A 97 10.35 -10.03 3.89
N SER A 98 11.59 -9.55 3.79
CA SER A 98 11.92 -8.45 2.89
C SER A 98 12.17 -8.96 1.47
N VAL A 99 11.57 -8.29 0.49
CA VAL A 99 11.74 -8.69 -0.90
C VAL A 99 12.48 -7.61 -1.69
N ALA A 100 13.31 -6.84 -0.99
CA ALA A 100 14.08 -5.78 -1.63
C ALA A 100 13.18 -4.83 -2.41
N LYS A 101 12.22 -4.23 -1.71
CA LYS A 101 11.30 -3.29 -2.31
C LYS A 101 11.60 -1.87 -1.86
N LEU A 102 12.89 -1.56 -1.74
CA LEU A 102 13.33 -0.25 -1.29
C LEU A 102 14.47 0.27 -2.15
N GLY A 103 14.27 1.43 -2.76
CA GLY A 103 15.29 2.01 -3.61
C GLY A 103 16.14 3.03 -2.87
N VAL A 104 15.80 4.30 -3.02
CA VAL A 104 16.54 5.37 -2.36
C VAL A 104 16.50 5.21 -0.84
N HIS A 105 17.62 5.54 -0.18
CA HIS A 105 17.71 5.43 1.27
C HIS A 105 17.59 3.97 1.71
N GLY A 106 16.35 3.48 1.76
CA GLY A 106 16.12 2.11 2.17
C GLY A 106 15.18 2.01 3.35
N LEU A 107 13.90 2.29 3.13
CA LEU A 107 12.90 2.22 4.18
C LEU A 107 11.60 1.61 3.67
N SER A 108 10.89 0.91 4.55
CA SER A 108 9.63 0.28 4.18
C SER A 108 8.53 0.65 5.17
N MET A 109 7.29 0.47 4.73
CA MET A 109 6.14 0.80 5.57
C MET A 109 4.98 -0.15 5.27
N SER A 110 4.30 -0.57 6.33
CA SER A 110 3.15 -1.46 6.19
C SER A 110 2.26 -1.36 7.43
N VAL A 111 1.13 -2.06 7.40
CA VAL A 111 0.22 -2.04 8.53
C VAL A 111 0.23 -3.38 9.26
N LYS A 112 0.29 -3.32 10.59
CA LYS A 112 0.31 -4.52 11.41
C LYS A 112 -1.08 -4.84 11.95
N GLU A 113 -1.25 -6.08 12.41
CA GLU A 113 -2.53 -6.52 12.97
C GLU A 113 -2.34 -7.10 14.36
N VAL A 114 -2.85 -6.39 15.36
CA VAL A 114 -2.75 -6.81 16.74
C VAL A 114 -4.12 -7.00 17.36
N SER A 115 -4.13 -7.34 18.65
CA SER A 115 -5.36 -7.58 19.40
C SER A 115 -6.54 -6.72 18.92
N GLY A 116 -7.25 -7.22 17.92
CA GLY A 116 -8.41 -6.51 17.40
C GLY A 116 -8.06 -5.11 16.93
N LYS A 117 -6.81 -4.90 16.56
CA LYS A 117 -6.37 -3.59 16.12
C LYS A 117 -5.53 -3.67 14.85
N VAL A 118 -5.19 -2.49 14.33
CA VAL A 118 -4.38 -2.39 13.11
C VAL A 118 -3.42 -1.21 13.23
N PHE A 119 -2.14 -1.52 13.35
CA PHE A 119 -1.10 -0.50 13.49
C PHE A 119 -0.32 -0.34 12.19
N LEU A 120 0.60 0.63 12.18
CA LEU A 120 1.39 0.90 11.00
C LEU A 120 2.84 1.26 11.36
N GLN A 121 3.68 1.34 10.34
CA GLN A 121 5.09 1.69 10.53
C GLN A 121 5.44 2.92 9.70
N CYS A 122 6.64 3.45 9.90
CA CYS A 122 7.09 4.62 9.16
C CYS A 122 8.62 4.71 9.13
N GLN A 123 9.13 5.73 8.46
CA GLN A 123 10.58 5.94 8.34
C GLN A 123 11.06 6.96 9.36
N GLU A 124 12.09 6.60 10.12
CA GLU A 124 12.65 7.48 11.13
C GLU A 124 13.89 8.20 10.60
N SER A 125 14.14 9.40 11.10
CA SER A 125 15.29 10.18 10.68
C SER A 125 16.28 10.35 11.82
N LYS A 126 17.41 10.98 11.54
CA LYS A 126 18.45 11.21 12.54
C LYS A 126 18.33 12.61 13.14
N ASP A 127 17.09 13.05 13.35
CA ASP A 127 16.85 14.37 13.93
C ASP A 127 16.18 14.27 15.29
N LEU A 128 16.83 14.81 16.31
CA LEU A 128 16.30 14.78 17.67
C LEU A 128 16.19 13.34 18.18
N ASN A 129 15.13 12.66 17.77
CA ASN A 129 14.90 11.28 18.18
C ASN A 129 14.51 10.41 17.00
N THR A 130 14.21 9.14 17.28
CA THR A 130 13.81 8.20 16.23
C THR A 130 12.38 7.73 16.43
N ASN A 131 11.45 8.34 15.71
CA ASN A 131 10.04 7.97 15.82
C ASN A 131 9.38 7.99 14.45
N TYR A 132 8.21 7.37 14.35
CA TYR A 132 7.47 7.31 13.09
C TYR A 132 6.68 8.60 12.87
N LEU A 133 6.59 9.03 11.63
CA LEU A 133 5.87 10.25 11.28
C LEU A 133 4.55 9.94 10.60
N TRP A 134 3.45 10.29 11.25
CA TRP A 134 2.12 10.06 10.69
C TRP A 134 1.35 11.38 10.57
N LYS A 135 1.13 11.81 9.34
CA LYS A 135 0.40 13.04 9.08
C LYS A 135 -0.91 12.71 8.36
N LYS A 136 -2.02 12.97 9.03
CA LYS A 136 -3.34 12.67 8.46
C LYS A 136 -3.96 13.88 7.78
N GLY A 137 -4.80 13.62 6.78
CA GLY A 137 -5.46 14.69 6.05
C GLY A 137 -6.10 15.73 6.97
N LYS A 138 -6.43 15.32 8.19
CA LYS A 138 -7.05 16.23 9.15
C LYS A 138 -6.11 16.54 10.32
N GLU A 139 -5.13 15.67 10.53
CA GLU A 139 -4.17 15.85 11.61
C GLU A 139 -2.76 15.96 11.05
N GLU A 140 -1.99 16.92 11.56
CA GLU A 140 -0.64 17.09 11.08
C GLU A 140 0.27 15.99 11.61
N LEU A 141 1.52 16.32 11.93
CA LEU A 141 2.46 15.32 12.39
C LEU A 141 2.57 15.28 13.91
N GLY A 142 2.61 14.06 14.41
CA GLY A 142 2.77 13.82 15.82
C GLY A 142 3.99 12.97 16.08
N ASN A 143 3.88 11.99 16.96
CA ASN A 143 5.01 11.11 17.25
C ASN A 143 4.55 9.83 17.94
N MET A 144 4.96 8.69 17.41
CA MET A 144 4.61 7.40 17.99
C MET A 144 5.49 6.28 17.43
N ARG A 145 5.88 5.36 18.30
CA ARG A 145 6.71 4.23 17.89
C ARG A 145 5.90 3.28 17.01
N GLN A 146 4.68 2.99 17.44
CA GLN A 146 3.79 2.11 16.71
C GLN A 146 2.57 2.90 16.24
N LEU A 147 2.49 3.13 14.93
CA LEU A 147 1.38 3.90 14.38
C LEU A 147 0.04 3.24 14.65
N ASP A 148 -0.76 3.87 15.50
CA ASP A 148 -2.09 3.36 15.83
C ASP A 148 -3.13 4.48 15.72
N LEU A 149 -3.74 4.59 14.54
CA LEU A 149 -4.75 5.62 14.30
C LEU A 149 -6.05 5.00 13.82
N GLY A 150 -6.30 3.76 14.26
CA GLY A 150 -7.50 3.05 13.87
C GLY A 150 -7.59 1.67 14.48
N ALA A 151 -8.75 1.05 14.36
CA ALA A 151 -8.97 -0.29 14.89
C ALA A 151 -9.27 -1.29 13.78
N ILE A 152 -9.25 -2.57 14.11
CA ILE A 152 -9.53 -3.61 13.12
C ILE A 152 -11.01 -3.57 12.73
N TYR A 153 -11.88 -3.46 13.73
CA TYR A 153 -13.31 -3.39 13.49
C TYR A 153 -13.71 -1.93 13.29
N ASP A 154 -13.07 -1.04 14.04
CA ASP A 154 -13.32 0.38 13.93
C ASP A 154 -12.23 1.03 13.09
N ASP A 155 -12.12 0.57 11.84
CA ASP A 155 -11.12 1.06 10.90
C ASP A 155 -10.87 2.56 11.04
N PRO A 156 -9.70 3.03 10.56
CA PRO A 156 -9.34 4.46 10.62
C PRO A 156 -10.42 5.35 10.03
N ARG A 157 -10.33 6.64 10.30
CA ARG A 157 -11.32 7.60 9.80
C ARG A 157 -10.74 8.47 8.69
N GLY A 158 -9.79 7.94 7.93
CA GLY A 158 -9.19 8.71 6.85
C GLY A 158 -7.84 8.20 6.42
N THR A 159 -7.25 8.88 5.44
CA THR A 159 -5.93 8.50 4.92
C THR A 159 -4.83 9.31 5.59
N TYR A 160 -3.68 8.67 5.79
CA TYR A 160 -2.55 9.35 6.42
C TYR A 160 -1.34 9.36 5.49
N THR A 161 -0.35 10.14 5.89
CA THR A 161 0.89 10.28 5.12
C THR A 161 2.09 9.93 6.00
N CYS A 162 3.03 9.17 5.44
CA CYS A 162 4.22 8.77 6.19
C CYS A 162 5.49 9.08 5.42
N GLN A 163 6.41 9.78 6.08
CA GLN A 163 7.69 10.16 5.48
C GLN A 163 8.60 10.74 6.55
N ARG A 164 9.89 10.90 6.22
CA ARG A 164 10.86 11.45 7.16
C ARG A 164 10.82 12.98 7.19
N ASP A 165 9.63 13.56 7.13
CA ASP A 165 9.48 15.02 7.17
C ASP A 165 8.34 15.44 8.08
N GLU A 166 8.33 16.70 8.49
CA GLU A 166 7.28 17.23 9.37
C GLU A 166 5.99 17.46 8.58
N ASN A 167 6.06 17.32 7.27
CA ASN A 167 4.92 17.50 6.39
C ASN A 167 4.93 16.42 5.32
N VAL A 168 5.20 15.21 5.77
CA VAL A 168 5.28 14.01 4.93
C VAL A 168 4.55 14.17 3.60
N ASN A 169 5.08 13.53 2.57
CA ASN A 169 4.49 13.60 1.24
C ASN A 169 3.83 12.30 0.82
N SER A 170 4.38 11.16 1.25
CA SER A 170 3.82 9.86 0.90
C SER A 170 2.50 9.62 1.62
N THR A 171 1.39 9.75 0.89
CA THR A 171 0.07 9.55 1.46
C THR A 171 -0.34 8.09 1.39
N LEU A 172 -0.39 7.44 2.54
CA LEU A 172 -0.76 6.03 2.62
C LEU A 172 -2.23 5.88 3.06
N HIS A 173 -3.03 5.27 2.21
CA HIS A 173 -4.45 5.05 2.52
C HIS A 173 -4.64 3.70 3.21
N VAL A 174 -5.58 3.66 4.16
CA VAL A 174 -5.86 2.43 4.89
C VAL A 174 -7.25 1.91 4.58
N HIS A 175 -7.34 0.99 3.63
CA HIS A 175 -8.61 0.40 3.23
C HIS A 175 -8.51 -1.12 3.18
N TYR A 176 -9.27 -1.79 4.04
CA TYR A 176 -9.25 -3.25 4.10
C TYR A 176 -10.65 -3.80 4.24
N ARG A 177 -10.83 -5.04 3.79
CA ARG A 177 -12.13 -5.69 3.89
C ARG A 177 -11.98 -7.20 3.96
N MET A 178 -12.65 -7.82 4.94
CA MET A 178 -12.59 -9.26 5.12
C MET A 178 -11.16 -9.71 5.40
N GLY A 1 -17.32 18.41 -0.78
CA GLY A 1 -17.00 18.61 0.66
C GLY A 1 -15.94 17.64 1.16
N SER A 2 -16.37 16.66 1.96
CA SER A 2 -15.46 15.68 2.50
C SER A 2 -15.74 14.30 1.92
N HIS A 3 -14.84 13.83 1.06
CA HIS A 3 -15.00 12.52 0.42
C HIS A 3 -14.30 11.44 1.25
N MET A 4 -15.10 10.70 2.02
CA MET A 4 -14.57 9.63 2.86
C MET A 4 -14.55 8.30 2.10
N GLY A 5 -13.45 7.56 2.24
CA GLY A 5 -13.34 6.29 1.56
C GLY A 5 -13.35 6.42 0.06
N GLN A 6 -12.28 5.99 -0.59
CA GLN A 6 -12.17 6.07 -2.04
C GLN A 6 -11.14 5.06 -2.57
N GLU A 7 -10.70 5.27 -3.81
CA GLU A 7 -9.72 4.38 -4.42
C GLU A 7 -8.75 5.17 -5.30
N GLU A 8 -7.76 5.79 -4.67
CA GLU A 8 -6.77 6.58 -5.39
C GLU A 8 -6.09 5.74 -6.47
N PHE A 9 -5.60 4.57 -6.08
CA PHE A 9 -4.93 3.67 -7.02
C PHE A 9 -5.95 2.95 -7.89
N ALA A 10 -7.08 2.60 -7.30
CA ALA A 10 -8.14 1.90 -8.02
C ALA A 10 -7.64 0.58 -8.57
N VAL A 11 -8.05 -0.52 -7.95
CA VAL A 11 -7.63 -1.85 -8.38
C VAL A 11 -8.73 -2.54 -9.17
N GLU A 12 -8.32 -3.38 -10.12
CA GLU A 12 -9.27 -4.12 -10.94
C GLU A 12 -8.89 -5.59 -11.01
N ILE A 13 -9.63 -6.42 -10.27
CA ILE A 13 -9.38 -7.85 -10.25
C ILE A 13 -10.04 -8.56 -11.44
N SER A 14 -9.28 -9.43 -12.10
CA SER A 14 -9.80 -10.17 -13.25
C SER A 14 -8.99 -11.43 -13.52
N GLY A 15 -9.65 -12.58 -13.42
CA GLY A 15 -9.00 -13.85 -13.67
C GLY A 15 -7.64 -13.97 -12.99
N THR A 16 -7.66 -14.04 -11.67
CA THR A 16 -6.44 -14.15 -10.89
C THR A 16 -5.44 -13.07 -11.25
N THR A 17 -5.93 -11.98 -11.84
CA THR A 17 -5.06 -10.88 -12.24
C THR A 17 -5.70 -9.54 -11.88
N VAL A 18 -5.20 -8.92 -10.82
CA VAL A 18 -5.73 -7.64 -10.39
C VAL A 18 -4.73 -6.51 -10.64
N THR A 19 -5.16 -5.53 -11.43
CA THR A 19 -4.31 -4.39 -11.77
C THR A 19 -4.46 -3.26 -10.76
N ILE A 20 -3.51 -2.33 -10.78
CA ILE A 20 -3.54 -1.19 -9.87
C ILE A 20 -3.07 0.08 -10.58
N THR A 21 -3.98 1.05 -10.70
CA THR A 21 -3.66 2.30 -11.36
C THR A 21 -2.97 3.26 -10.39
N CYS A 22 -2.09 4.10 -10.92
CA CYS A 22 -1.36 5.06 -10.08
C CYS A 22 -2.10 6.39 -10.01
N PRO A 23 -2.27 6.94 -8.79
CA PRO A 23 -2.98 8.21 -8.58
C PRO A 23 -2.06 9.42 -8.76
N SER A 24 -0.75 9.20 -8.66
CA SER A 24 0.22 10.27 -8.80
C SER A 24 0.02 11.04 -10.10
N SER A 25 0.92 11.99 -10.38
CA SER A 25 0.84 12.79 -11.59
C SER A 25 0.55 11.95 -12.83
N GLY A 26 1.57 11.27 -13.33
CA GLY A 26 1.40 10.44 -14.51
C GLY A 26 2.35 10.81 -15.63
N ASP A 27 3.43 10.05 -15.76
CA ASP A 27 4.43 10.29 -16.79
C ASP A 27 5.56 9.27 -16.70
N ASP A 28 6.03 9.04 -15.48
CA ASP A 28 7.11 8.08 -15.22
C ASP A 28 7.04 7.58 -13.80
N ILE A 29 5.88 7.04 -13.43
CA ILE A 29 5.65 6.53 -12.09
C ILE A 29 6.64 5.42 -11.73
N LYS A 30 7.11 5.47 -10.49
CA LYS A 30 8.07 4.48 -10.00
C LYS A 30 7.49 3.73 -8.79
N TRP A 31 7.17 2.46 -8.99
CA TRP A 31 6.61 1.63 -7.93
C TRP A 31 7.70 1.18 -6.97
N LYS A 32 7.32 0.43 -5.94
CA LYS A 32 8.29 -0.04 -4.95
C LYS A 32 8.06 -1.49 -4.54
N PRO A 33 6.87 -1.84 -4.00
CA PRO A 33 6.56 -3.20 -3.56
C PRO A 33 7.15 -4.27 -4.48
N ASP A 34 6.93 -4.10 -5.77
CA ASP A 34 7.45 -5.04 -6.77
C ASP A 34 7.44 -4.40 -8.15
N PRO A 35 8.53 -3.71 -8.52
CA PRO A 35 8.66 -3.06 -9.82
C PRO A 35 8.59 -4.06 -10.95
N ALA A 36 8.91 -5.31 -10.62
CA ALA A 36 8.88 -6.39 -11.60
C ALA A 36 7.51 -6.48 -12.27
N LEU A 37 6.48 -6.02 -11.56
CA LEU A 37 5.12 -6.03 -12.09
C LEU A 37 4.47 -4.65 -11.95
N GLY A 38 5.23 -3.62 -12.29
CA GLY A 38 4.74 -2.26 -12.23
C GLY A 38 4.78 -1.57 -13.57
N ASP A 39 3.61 -1.29 -14.14
CA ASP A 39 3.54 -0.64 -15.44
C ASP A 39 3.71 0.87 -15.30
N ASN A 40 4.05 1.52 -16.41
CA ASN A 40 4.26 2.98 -16.43
C ASN A 40 3.32 3.69 -15.48
N ASN A 41 2.07 3.24 -15.43
CA ASN A 41 1.07 3.83 -14.57
C ASN A 41 0.03 2.80 -14.12
N LYS A 42 0.41 1.52 -14.16
CA LYS A 42 -0.49 0.45 -13.77
C LYS A 42 0.27 -0.75 -13.22
N TYR A 43 0.19 -0.96 -11.92
CA TYR A 43 0.87 -2.07 -11.26
C TYR A 43 -0.01 -3.33 -11.34
N ILE A 44 0.38 -4.24 -12.22
CA ILE A 44 -0.36 -5.48 -12.41
C ILE A 44 -0.02 -6.51 -11.33
N ILE A 45 -1.00 -7.32 -10.96
CA ILE A 45 -0.79 -8.36 -9.95
C ILE A 45 -1.23 -9.72 -10.47
N GLN A 46 -0.30 -10.67 -10.48
CA GLN A 46 -0.60 -12.02 -10.96
C GLN A 46 -0.06 -13.06 -10.00
N ASN A 47 -0.80 -14.17 -9.86
CA ASN A 47 -0.40 -15.24 -8.95
C ASN A 47 -0.23 -14.70 -7.53
N HIS A 48 -0.91 -13.58 -7.24
CA HIS A 48 -0.84 -12.96 -5.93
C HIS A 48 -1.30 -13.93 -4.85
N ASP A 49 -0.96 -13.61 -3.60
CA ASP A 49 -1.33 -14.45 -2.47
C ASP A 49 -2.20 -13.68 -1.49
N SER A 50 -3.24 -14.34 -0.98
CA SER A 50 -4.16 -13.71 -0.03
C SER A 50 -3.38 -13.08 1.12
N SER A 51 -3.11 -11.79 1.01
CA SER A 51 -2.37 -11.08 2.05
C SER A 51 -2.29 -9.58 1.77
N PRO A 52 -1.76 -8.82 2.74
CA PRO A 52 -1.63 -7.37 2.64
C PRO A 52 -0.31 -6.91 2.03
N LEU A 53 -0.20 -5.60 1.86
CA LEU A 53 0.99 -4.98 1.31
C LEU A 53 0.78 -3.47 1.19
N THR A 54 1.86 -2.73 1.38
CA THR A 54 1.80 -1.28 1.28
C THR A 54 2.32 -0.87 -0.10
N VAL A 55 1.40 -0.44 -0.95
CA VAL A 55 1.78 -0.03 -2.30
C VAL A 55 1.92 1.47 -2.40
N SER A 56 3.05 1.90 -2.93
CA SER A 56 3.34 3.31 -3.08
C SER A 56 3.34 3.71 -4.55
N CYS A 57 3.59 4.99 -4.79
CA CYS A 57 3.63 5.50 -6.16
C CYS A 57 4.35 6.84 -6.20
N THR A 58 5.17 7.04 -7.22
CA THR A 58 5.92 8.27 -7.35
C THR A 58 5.96 8.75 -8.79
N ALA A 59 5.11 9.74 -9.09
CA ALA A 59 5.07 10.32 -10.43
C ALA A 59 5.49 11.77 -10.39
N GLY A 60 6.68 12.06 -10.90
CA GLY A 60 7.18 13.42 -10.90
C GLY A 60 7.41 13.94 -9.49
N ASP A 61 6.49 14.78 -9.02
CA ASP A 61 6.60 15.35 -7.68
C ASP A 61 5.42 14.92 -6.81
N GLN A 62 4.89 13.72 -7.08
CA GLN A 62 3.75 13.20 -6.33
C GLN A 62 4.17 11.99 -5.48
N GLU A 63 3.49 11.80 -4.36
CA GLU A 63 3.77 10.69 -3.46
C GLU A 63 2.48 10.12 -2.88
N HIS A 64 2.02 8.99 -3.44
CA HIS A 64 0.80 8.36 -2.97
C HIS A 64 1.05 6.91 -2.53
N THR A 65 0.38 6.51 -1.46
CA THR A 65 0.51 5.16 -0.93
C THR A 65 -0.84 4.54 -0.61
N MET A 66 -0.93 3.22 -0.72
CA MET A 66 -2.17 2.51 -0.43
C MET A 66 -1.89 1.11 0.10
N TYR A 67 -2.83 0.57 0.87
CA TYR A 67 -2.67 -0.77 1.43
C TYR A 67 -3.45 -1.79 0.63
N LEU A 68 -2.75 -2.78 0.11
CA LEU A 68 -3.38 -3.83 -0.69
C LEU A 68 -3.39 -5.17 0.04
N ASN A 69 -4.57 -5.56 0.51
CA ASN A 69 -4.71 -6.82 1.23
C ASN A 69 -5.92 -7.60 0.73
N ALA A 70 -5.67 -8.60 -0.09
CA ALA A 70 -6.75 -9.42 -0.63
C ALA A 70 -6.21 -10.67 -1.32
N LYS A 71 -7.11 -11.48 -1.85
CA LYS A 71 -6.74 -12.71 -2.53
C LYS A 71 -7.22 -12.69 -3.99
N VAL A 72 -6.38 -13.17 -4.90
CA VAL A 72 -6.72 -13.20 -6.32
C VAL A 72 -7.22 -14.58 -6.72
N GLY A 73 -8.21 -14.62 -7.61
CA GLY A 73 -8.77 -15.88 -8.07
C GLY A 73 -10.28 -15.85 -8.14
N SER A 74 -10.93 -16.20 -7.04
CA SER A 74 -12.39 -16.22 -6.98
C SER A 74 -12.93 -14.86 -6.57
N ALA A 75 -14.23 -14.66 -6.79
CA ALA A 75 -14.88 -13.39 -6.45
C ALA A 75 -14.23 -12.23 -7.18
N ASP A 76 -14.83 -11.04 -7.04
CA ASP A 76 -14.30 -9.84 -7.68
C ASP A 76 -14.39 -9.94 -9.20
N ASP A 77 -13.51 -10.76 -9.78
CA ASP A 77 -13.49 -10.94 -11.23
C ASP A 77 -14.85 -11.40 -11.75
N ALA A 78 -15.36 -10.69 -12.75
CA ALA A 78 -16.65 -11.03 -13.33
C ALA A 78 -16.77 -10.48 -14.75
N LYS A 79 -16.94 -11.37 -15.71
CA LYS A 79 -17.07 -10.97 -17.11
C LYS A 79 -18.13 -11.81 -17.83
N LYS A 80 -18.03 -13.12 -17.70
CA LYS A 80 -18.98 -14.03 -18.32
C LYS A 80 -18.73 -15.47 -17.90
N ASP A 81 -17.45 -15.85 -17.84
CA ASP A 81 -17.07 -17.20 -17.44
C ASP A 81 -15.96 -17.17 -16.40
N ALA A 82 -15.67 -18.33 -15.82
CA ALA A 82 -14.64 -18.44 -14.81
C ALA A 82 -13.26 -18.58 -15.45
N ALA A 83 -12.38 -17.61 -15.18
CA ALA A 83 -11.04 -17.62 -15.73
C ALA A 83 -10.16 -18.65 -15.01
N LYS A 84 -9.72 -19.66 -15.75
CA LYS A 84 -8.88 -20.71 -15.19
C LYS A 84 -7.42 -20.52 -15.60
N LYS A 85 -6.52 -20.55 -14.62
CA LYS A 85 -5.10 -20.38 -14.90
C LYS A 85 -4.28 -21.41 -14.11
N ASP A 86 -3.29 -21.99 -14.78
CA ASP A 86 -2.43 -22.99 -14.15
C ASP A 86 -1.00 -22.87 -14.66
N ASP A 87 -0.59 -21.65 -14.98
CA ASP A 87 0.77 -21.41 -15.47
C ASP A 87 1.72 -21.09 -14.33
N ALA A 88 2.98 -21.47 -14.50
CA ALA A 88 4.00 -21.23 -13.48
C ALA A 88 5.38 -21.11 -14.11
N LYS A 89 6.31 -20.52 -13.36
CA LYS A 89 7.67 -20.34 -13.84
C LYS A 89 8.69 -20.72 -12.76
N LYS A 90 8.75 -19.91 -11.71
CA LYS A 90 9.67 -20.16 -10.61
C LYS A 90 9.03 -19.84 -9.27
N ASP A 91 9.19 -20.75 -8.31
CA ASP A 91 8.62 -20.56 -6.98
C ASP A 91 9.52 -19.69 -6.11
N ASP A 92 9.11 -19.47 -4.86
CA ASP A 92 9.88 -18.67 -3.94
C ASP A 92 10.22 -19.45 -2.68
N ALA A 93 11.49 -19.83 -2.54
CA ALA A 93 11.96 -20.58 -1.39
C ALA A 93 12.10 -19.68 -0.17
N LYS A 94 12.52 -18.45 -0.40
CA LYS A 94 12.71 -17.48 0.68
C LYS A 94 11.39 -16.82 1.05
N LYS A 95 11.33 -16.26 2.25
CA LYS A 95 10.12 -15.59 2.73
C LYS A 95 10.47 -14.38 3.58
N ASP A 96 10.52 -13.21 2.94
CA ASP A 96 10.85 -11.97 3.64
C ASP A 96 9.98 -10.81 3.13
N GLY A 97 9.89 -10.70 1.81
CA GLY A 97 9.09 -9.63 1.22
C GLY A 97 9.95 -8.47 0.74
N SER A 98 10.94 -8.11 1.52
CA SER A 98 11.84 -7.00 1.17
C SER A 98 13.29 -7.45 1.19
N VAL A 99 13.87 -7.63 0.01
CA VAL A 99 15.25 -8.06 -0.12
C VAL A 99 16.07 -7.05 -0.91
N ALA A 100 16.26 -5.87 -0.32
CA ALA A 100 17.03 -4.81 -0.97
C ALA A 100 16.38 -4.39 -2.29
N LYS A 101 15.06 -4.20 -2.26
CA LYS A 101 14.33 -3.79 -3.44
C LYS A 101 13.62 -2.47 -3.21
N LEU A 102 14.22 -1.63 -2.36
CA LEU A 102 13.64 -0.33 -2.04
C LEU A 102 14.29 0.78 -2.88
N GLY A 103 13.96 2.02 -2.58
CA GLY A 103 14.51 3.14 -3.31
C GLY A 103 16.02 3.21 -3.19
N VAL A 104 16.56 4.41 -3.36
CA VAL A 104 18.01 4.62 -3.28
C VAL A 104 18.54 4.18 -1.92
N HIS A 105 17.71 4.30 -0.89
CA HIS A 105 18.09 3.92 0.46
C HIS A 105 17.01 3.09 1.12
N GLY A 106 17.22 2.74 2.38
CA GLY A 106 16.24 1.95 3.11
C GLY A 106 14.89 2.65 3.21
N LEU A 107 14.05 2.46 2.20
CA LEU A 107 12.74 3.09 2.18
C LEU A 107 11.64 2.04 2.16
N SER A 108 10.92 1.92 3.28
CA SER A 108 9.84 0.95 3.40
C SER A 108 8.80 1.41 4.40
N MET A 109 7.55 1.00 4.17
CA MET A 109 6.45 1.39 5.04
C MET A 109 5.34 0.35 4.97
N SER A 110 4.83 -0.05 6.13
CA SER A 110 3.76 -1.03 6.19
C SER A 110 3.01 -0.92 7.51
N VAL A 111 1.93 -1.69 7.66
CA VAL A 111 1.15 -1.67 8.89
C VAL A 111 1.36 -2.95 9.70
N LYS A 112 1.30 -2.81 11.01
CA LYS A 112 1.49 -3.95 11.91
C LYS A 112 0.15 -4.44 12.45
N GLU A 113 0.12 -5.67 12.95
CA GLU A 113 -1.09 -6.24 13.51
C GLU A 113 -0.86 -6.73 14.94
N VAL A 114 -1.49 -6.04 15.88
CA VAL A 114 -1.36 -6.36 17.29
C VAL A 114 -2.72 -6.69 17.89
N SER A 115 -2.71 -6.97 19.19
CA SER A 115 -3.93 -7.33 19.94
C SER A 115 -5.19 -6.65 19.39
N GLY A 116 -5.80 -7.29 18.39
CA GLY A 116 -7.02 -6.75 17.80
C GLY A 116 -6.85 -5.35 17.29
N LYS A 117 -5.62 -5.00 16.94
CA LYS A 117 -5.32 -3.66 16.46
C LYS A 117 -4.45 -3.70 15.21
N VAL A 118 -4.30 -2.53 14.59
CA VAL A 118 -3.48 -2.39 13.40
C VAL A 118 -2.70 -1.09 13.45
N PHE A 119 -1.39 -1.21 13.62
CA PHE A 119 -0.52 -0.04 13.71
C PHE A 119 0.24 0.17 12.41
N LEU A 120 1.00 1.26 12.33
CA LEU A 120 1.75 1.57 11.13
C LEU A 120 3.18 2.00 11.43
N GLN A 121 4.01 1.97 10.40
CA GLN A 121 5.41 2.37 10.50
C GLN A 121 5.64 3.57 9.59
N CYS A 122 6.78 4.25 9.75
CA CYS A 122 7.06 5.41 8.91
C CYS A 122 8.57 5.66 8.78
N GLN A 123 8.91 6.75 8.12
CA GLN A 123 10.30 7.12 7.91
C GLN A 123 10.73 8.17 8.92
N GLU A 124 11.85 7.91 9.59
CA GLU A 124 12.36 8.83 10.60
C GLU A 124 12.91 10.11 9.95
N SER A 125 13.12 11.13 10.76
CA SER A 125 13.64 12.41 10.27
C SER A 125 14.67 12.98 11.24
N LYS A 126 14.32 12.99 12.53
CA LYS A 126 15.22 13.51 13.54
C LYS A 126 16.18 12.43 14.03
N ASP A 127 16.88 12.72 15.13
CA ASP A 127 17.84 11.77 15.69
C ASP A 127 17.50 11.47 17.15
N LEU A 128 16.98 10.28 17.41
CA LEU A 128 16.62 9.86 18.76
C LEU A 128 16.71 8.35 18.90
N ASN A 129 15.70 7.65 18.38
CA ASN A 129 15.65 6.19 18.46
C ASN A 129 14.42 5.65 17.75
N THR A 130 13.26 6.22 18.06
CA THR A 130 12.01 5.80 17.45
C THR A 130 11.10 6.99 17.20
N ASN A 131 10.97 7.37 15.93
CA ASN A 131 10.12 8.49 15.55
C ASN A 131 9.23 8.12 14.37
N TYR A 132 7.92 8.22 14.58
CA TYR A 132 6.95 7.89 13.54
C TYR A 132 6.01 9.07 13.29
N LEU A 133 6.03 9.59 12.07
CA LEU A 133 5.16 10.71 11.71
C LEU A 133 3.86 10.23 11.10
N TRP A 134 2.82 11.04 11.19
CA TRP A 134 1.52 10.69 10.63
C TRP A 134 0.59 11.91 10.58
N LYS A 135 0.02 12.15 9.41
CA LYS A 135 -0.92 13.26 9.24
C LYS A 135 -2.16 12.75 8.51
N LYS A 136 -3.31 12.79 9.19
CA LYS A 136 -4.56 12.32 8.62
C LYS A 136 -5.25 13.41 7.78
N GLY A 137 -5.96 12.99 6.75
CA GLY A 137 -6.66 13.93 5.89
C GLY A 137 -7.45 14.97 6.65
N LYS A 138 -7.93 14.59 7.83
CA LYS A 138 -8.71 15.51 8.66
C LYS A 138 -7.96 15.88 9.94
N GLU A 139 -6.92 15.12 10.25
CA GLU A 139 -6.12 15.36 11.45
C GLU A 139 -4.70 15.72 11.05
N GLU A 140 -4.18 16.81 11.63
CA GLU A 140 -2.83 17.24 11.33
C GLU A 140 -1.82 16.20 11.84
N LEU A 141 -0.86 16.61 12.66
CA LEU A 141 0.14 15.68 13.15
C LEU A 141 -0.10 15.24 14.58
N GLY A 142 0.82 14.42 15.06
CA GLY A 142 0.75 13.89 16.41
C GLY A 142 1.80 12.82 16.60
N ASN A 143 3.05 13.24 16.81
CA ASN A 143 4.17 12.32 16.97
C ASN A 143 3.84 11.17 17.93
N MET A 144 4.07 9.95 17.47
CA MET A 144 3.79 8.77 18.27
C MET A 144 4.85 7.69 18.01
N ARG A 145 5.13 6.87 19.04
CA ARG A 145 6.11 5.81 18.91
C ARG A 145 5.71 4.84 17.81
N GLN A 146 4.43 4.48 17.79
CA GLN A 146 3.89 3.57 16.79
C GLN A 146 2.61 4.15 16.21
N LEU A 147 2.49 4.12 14.88
CA LEU A 147 1.31 4.67 14.23
C LEU A 147 0.06 3.87 14.57
N ASP A 148 -0.79 4.46 15.41
CA ASP A 148 -2.04 3.83 15.81
C ASP A 148 -3.18 4.83 15.64
N LEU A 149 -3.83 4.78 14.48
CA LEU A 149 -4.94 5.68 14.19
C LEU A 149 -6.20 4.89 13.84
N GLY A 150 -6.27 3.65 14.33
CA GLY A 150 -7.42 2.82 14.06
C GLY A 150 -7.30 1.44 14.68
N ALA A 151 -8.37 0.67 14.61
CA ALA A 151 -8.38 -0.68 15.16
C ALA A 151 -8.57 -1.72 14.07
N ILE A 152 -8.32 -2.99 14.39
CA ILE A 152 -8.49 -4.06 13.42
C ILE A 152 -9.96 -4.22 13.05
N TYR A 153 -10.81 -4.19 14.08
CA TYR A 153 -12.25 -4.30 13.86
C TYR A 153 -12.85 -2.91 13.68
N ASP A 154 -12.30 -1.95 14.42
CA ASP A 154 -12.74 -0.57 14.34
C ASP A 154 -11.72 0.23 13.52
N ASP A 155 -11.60 -0.14 12.25
CA ASP A 155 -10.67 0.50 11.32
C ASP A 155 -10.50 2.00 11.59
N PRO A 156 -9.33 2.54 11.19
CA PRO A 156 -9.02 3.97 11.38
C PRO A 156 -10.14 4.88 10.89
N ARG A 157 -9.95 6.18 11.07
CA ARG A 157 -10.95 7.17 10.65
C ARG A 157 -10.97 7.32 9.13
N GLY A 158 -9.83 7.04 8.49
CA GLY A 158 -9.76 7.15 7.05
C GLY A 158 -8.33 7.05 6.53
N THR A 159 -8.05 7.80 5.46
CA THR A 159 -6.72 7.79 4.85
C THR A 159 -5.79 8.78 5.55
N TYR A 160 -4.53 8.40 5.67
CA TYR A 160 -3.54 9.26 6.31
C TYR A 160 -2.28 9.38 5.47
N THR A 161 -1.44 10.35 5.81
CA THR A 161 -0.19 10.60 5.11
C THR A 161 0.98 10.33 6.06
N CYS A 162 2.03 9.73 5.52
CA CYS A 162 3.18 9.39 6.33
C CYS A 162 4.50 9.75 5.63
N GLN A 163 5.36 10.48 6.33
CA GLN A 163 6.65 10.90 5.78
C GLN A 163 7.52 11.51 6.88
N ARG A 164 8.82 11.67 6.59
CA ARG A 164 9.76 12.23 7.54
C ARG A 164 9.50 13.72 7.81
N ASP A 165 8.54 14.31 7.13
CA ASP A 165 8.23 15.73 7.32
C ASP A 165 6.90 15.91 8.05
N GLU A 166 6.71 17.08 8.64
CA GLU A 166 5.48 17.39 9.35
C GLU A 166 4.28 17.28 8.42
N ASN A 167 4.27 18.11 7.39
CA ASN A 167 3.19 18.12 6.40
C ASN A 167 3.38 17.01 5.38
N VAL A 168 3.72 15.82 5.88
CA VAL A 168 3.94 14.62 5.06
C VAL A 168 3.26 14.70 3.69
N ASN A 169 3.90 14.10 2.70
CA ASN A 169 3.39 14.10 1.34
C ASN A 169 2.87 12.72 0.92
N SER A 170 3.48 11.67 1.46
CA SER A 170 3.08 10.31 1.11
C SER A 170 1.73 9.97 1.74
N THR A 171 0.68 9.95 0.92
CA THR A 171 -0.66 9.64 1.39
C THR A 171 -0.93 8.15 1.37
N LEU A 172 -0.94 7.54 2.56
CA LEU A 172 -1.19 6.11 2.67
C LEU A 172 -2.66 5.84 3.01
N HIS A 173 -3.34 5.10 2.15
CA HIS A 173 -4.75 4.78 2.36
C HIS A 173 -4.92 3.30 2.69
N VAL A 174 -5.42 3.03 3.89
CA VAL A 174 -5.63 1.65 4.34
C VAL A 174 -7.09 1.23 4.15
N HIS A 175 -7.37 0.61 3.01
CA HIS A 175 -8.72 0.15 2.70
C HIS A 175 -8.86 -1.35 2.94
N TYR A 176 -8.15 -1.84 3.95
CA TYR A 176 -8.19 -3.26 4.28
C TYR A 176 -9.59 -3.69 4.66
N ARG A 177 -9.91 -4.94 4.37
CA ARG A 177 -11.23 -5.46 4.70
C ARG A 177 -11.17 -6.95 5.01
N MET A 178 -10.57 -7.28 6.15
CA MET A 178 -10.45 -8.68 6.56
C MET A 178 -9.64 -9.47 5.55
N GLY A 1 -22.20 8.95 1.02
CA GLY A 1 -22.98 7.67 1.11
C GLY A 1 -22.08 6.45 1.09
N SER A 2 -20.93 6.57 0.44
CA SER A 2 -19.98 5.47 0.35
C SER A 2 -18.87 5.63 1.38
N HIS A 3 -18.88 4.78 2.41
CA HIS A 3 -17.87 4.83 3.46
C HIS A 3 -16.79 3.78 3.21
N MET A 4 -16.45 3.56 1.94
CA MET A 4 -15.44 2.59 1.58
C MET A 4 -14.08 3.27 1.40
N GLY A 5 -13.98 4.10 0.39
CA GLY A 5 -12.73 4.81 0.13
C GLY A 5 -12.86 5.87 -0.95
N GLN A 6 -11.74 6.29 -1.50
CA GLN A 6 -11.73 7.31 -2.56
C GLN A 6 -11.43 6.70 -3.91
N GLU A 7 -10.63 5.64 -3.91
CA GLU A 7 -10.25 4.95 -5.14
C GLU A 7 -9.35 5.83 -6.01
N GLU A 8 -8.15 6.10 -5.53
CA GLU A 8 -7.19 6.92 -6.26
C GLU A 8 -6.31 6.06 -7.14
N PHE A 9 -5.86 4.93 -6.60
CA PHE A 9 -5.00 4.01 -7.35
C PHE A 9 -5.80 3.22 -8.37
N ALA A 10 -7.08 3.03 -8.08
CA ALA A 10 -7.98 2.30 -8.97
C ALA A 10 -7.36 0.98 -9.43
N VAL A 11 -7.59 -0.08 -8.67
CA VAL A 11 -7.05 -1.39 -8.99
C VAL A 11 -7.99 -2.14 -9.94
N GLU A 12 -7.39 -2.86 -10.89
CA GLU A 12 -8.16 -3.63 -11.85
C GLU A 12 -7.61 -5.05 -11.97
N ILE A 13 -8.33 -6.00 -11.38
CA ILE A 13 -7.90 -7.40 -11.42
C ILE A 13 -8.39 -8.08 -12.69
N SER A 14 -7.60 -9.02 -13.19
CA SER A 14 -7.93 -9.75 -14.40
C SER A 14 -7.26 -11.12 -14.41
N GLY A 15 -7.89 -12.09 -13.76
CA GLY A 15 -7.33 -13.43 -13.69
C GLY A 15 -6.10 -13.49 -12.81
N THR A 16 -4.94 -13.63 -13.44
CA THR A 16 -3.68 -13.69 -12.70
C THR A 16 -2.91 -12.38 -12.82
N THR A 17 -3.58 -11.34 -13.32
CA THR A 17 -2.94 -10.04 -13.48
C THR A 17 -3.86 -8.92 -13.02
N VAL A 18 -3.33 -8.02 -12.19
CA VAL A 18 -4.10 -6.89 -11.68
C VAL A 18 -3.34 -5.59 -11.90
N THR A 19 -3.97 -4.63 -12.57
CA THR A 19 -3.35 -3.35 -12.85
C THR A 19 -3.77 -2.27 -11.85
N ILE A 20 -2.87 -1.32 -11.61
CA ILE A 20 -3.12 -0.22 -10.68
C ILE A 20 -2.71 1.11 -11.28
N THR A 21 -3.65 2.04 -11.41
CA THR A 21 -3.37 3.35 -11.98
C THR A 21 -2.81 4.29 -10.91
N CYS A 22 -1.94 5.22 -11.34
CA CYS A 22 -1.35 6.17 -10.42
C CYS A 22 -2.18 7.46 -10.34
N PRO A 23 -2.59 7.87 -9.13
CA PRO A 23 -3.39 9.08 -8.94
C PRO A 23 -2.55 10.35 -8.91
N SER A 24 -1.23 10.20 -8.82
CA SER A 24 -0.33 11.34 -8.78
C SER A 24 -0.59 12.30 -9.95
N SER A 25 -0.02 11.99 -11.10
CA SER A 25 -0.20 12.81 -12.29
C SER A 25 -0.36 11.96 -13.55
N GLY A 26 0.76 11.51 -14.12
CA GLY A 26 0.71 10.70 -15.31
C GLY A 26 1.71 11.14 -16.37
N ASP A 27 2.95 11.32 -15.94
CA ASP A 27 4.02 11.74 -16.85
C ASP A 27 5.32 10.98 -16.57
N ASP A 28 5.65 10.85 -15.29
CA ASP A 28 6.86 10.14 -14.87
C ASP A 28 6.68 9.58 -13.47
N ILE A 29 5.81 8.59 -13.35
CA ILE A 29 5.53 7.97 -12.07
C ILE A 29 6.60 6.94 -11.70
N LYS A 30 7.01 6.98 -10.43
CA LYS A 30 8.02 6.06 -9.92
C LYS A 30 7.46 5.18 -8.82
N TRP A 31 7.40 3.87 -9.09
CA TRP A 31 6.86 2.93 -8.11
C TRP A 31 7.94 2.49 -7.13
N LYS A 32 7.53 1.85 -6.04
CA LYS A 32 8.48 1.42 -5.00
C LYS A 32 8.39 -0.09 -4.71
N PRO A 33 7.22 -0.59 -4.25
CA PRO A 33 7.03 -2.00 -3.91
C PRO A 33 7.76 -2.96 -4.85
N ASP A 34 7.69 -2.66 -6.15
CA ASP A 34 8.35 -3.49 -7.15
C ASP A 34 8.22 -2.86 -8.53
N PRO A 35 9.23 -2.10 -8.97
CA PRO A 35 9.23 -1.45 -10.28
C PRO A 35 9.17 -2.46 -11.40
N ALA A 36 9.59 -3.69 -11.10
CA ALA A 36 9.57 -4.77 -12.08
C ALA A 36 8.16 -4.94 -12.65
N LEU A 37 7.16 -4.63 -11.82
CA LEU A 37 5.77 -4.74 -12.24
C LEU A 37 5.09 -3.38 -12.12
N GLY A 38 5.78 -2.34 -12.59
CA GLY A 38 5.23 -1.00 -12.52
C GLY A 38 5.26 -0.30 -13.86
N ASP A 39 4.10 -0.15 -14.47
CA ASP A 39 3.99 0.53 -15.76
C ASP A 39 4.18 2.03 -15.59
N ASN A 40 4.42 2.73 -16.69
CA ASN A 40 4.62 4.19 -16.68
C ASN A 40 3.74 4.85 -15.61
N ASN A 41 2.46 5.00 -15.93
CA ASN A 41 1.51 5.61 -15.00
C ASN A 41 0.54 4.54 -14.47
N LYS A 42 1.03 3.31 -14.39
CA LYS A 42 0.24 2.19 -13.92
C LYS A 42 1.11 1.12 -13.29
N TYR A 43 0.49 0.15 -12.63
CA TYR A 43 1.21 -0.94 -11.97
C TYR A 43 0.68 -2.28 -12.46
N ILE A 44 1.41 -2.90 -13.38
CA ILE A 44 1.00 -4.19 -13.93
C ILE A 44 1.41 -5.34 -13.03
N ILE A 45 0.44 -5.86 -12.27
CA ILE A 45 0.70 -6.98 -11.38
C ILE A 45 0.50 -8.32 -12.09
N GLN A 46 1.39 -9.28 -11.80
CA GLN A 46 1.30 -10.59 -12.41
C GLN A 46 1.68 -11.69 -11.42
N ASN A 47 0.67 -12.40 -10.93
CA ASN A 47 0.89 -13.47 -9.97
C ASN A 47 1.54 -12.94 -8.69
N HIS A 48 0.92 -11.92 -8.11
CA HIS A 48 1.45 -11.32 -6.89
C HIS A 48 1.25 -12.26 -5.70
N ASP A 49 1.47 -11.74 -4.50
CA ASP A 49 1.32 -12.53 -3.28
C ASP A 49 0.02 -12.18 -2.55
N SER A 50 -0.79 -13.19 -2.29
CA SER A 50 -2.06 -12.99 -1.58
C SER A 50 -1.83 -12.35 -0.22
N SER A 51 -1.81 -11.01 -0.19
CA SER A 51 -1.59 -10.29 1.05
C SER A 51 -1.43 -8.79 0.82
N PRO A 52 -1.21 -8.02 1.91
CA PRO A 52 -1.07 -6.57 1.84
C PRO A 52 0.33 -6.11 1.44
N LEU A 53 0.45 -4.80 1.29
CA LEU A 53 1.70 -4.16 0.93
C LEU A 53 1.50 -2.66 0.84
N THR A 54 2.53 -1.90 1.18
CA THR A 54 2.44 -0.46 1.11
C THR A 54 2.97 0.02 -0.24
N VAL A 55 2.05 0.43 -1.10
CA VAL A 55 2.42 0.89 -2.43
C VAL A 55 2.33 2.40 -2.53
N SER A 56 3.39 3.02 -3.06
CA SER A 56 3.43 4.47 -3.20
C SER A 56 3.41 4.88 -4.66
N CYS A 57 3.45 6.18 -4.90
CA CYS A 57 3.43 6.72 -6.24
C CYS A 57 4.01 8.13 -6.25
N THR A 58 4.85 8.41 -7.25
CA THR A 58 5.47 9.72 -7.35
C THR A 58 5.51 10.21 -8.80
N ALA A 59 4.58 11.10 -9.13
CA ALA A 59 4.51 11.67 -10.47
C ALA A 59 4.90 13.14 -10.45
N GLY A 60 6.10 13.46 -10.91
CA GLY A 60 6.55 14.83 -10.91
C GLY A 60 6.69 15.38 -9.51
N ASP A 61 5.72 16.18 -9.09
CA ASP A 61 5.73 16.78 -7.76
C ASP A 61 4.55 16.29 -6.93
N GLN A 62 4.12 15.06 -7.20
CA GLN A 62 2.99 14.47 -6.47
C GLN A 62 3.45 13.34 -5.57
N GLU A 63 2.74 13.13 -4.47
CA GLU A 63 3.07 12.08 -3.52
C GLU A 63 1.80 11.40 -2.99
N HIS A 64 1.49 10.24 -3.55
CA HIS A 64 0.30 9.49 -3.14
C HIS A 64 0.66 8.04 -2.81
N THR A 65 0.03 7.50 -1.77
CA THR A 65 0.28 6.14 -1.35
C THR A 65 -1.03 5.42 -1.02
N MET A 66 -1.05 4.11 -1.22
CA MET A 66 -2.23 3.30 -0.95
C MET A 66 -1.84 1.90 -0.53
N TYR A 67 -2.73 1.21 0.17
CA TYR A 67 -2.46 -0.15 0.62
C TYR A 67 -2.96 -1.17 -0.39
N LEU A 68 -2.22 -2.26 -0.55
CA LEU A 68 -2.60 -3.30 -1.50
C LEU A 68 -2.58 -4.68 -0.85
N ASN A 69 -3.76 -5.17 -0.49
CA ASN A 69 -3.90 -6.49 0.11
C ASN A 69 -4.92 -7.31 -0.66
N ALA A 70 -4.44 -8.22 -1.49
CA ALA A 70 -5.32 -9.05 -2.29
C ALA A 70 -4.57 -10.20 -2.96
N LYS A 71 -5.30 -11.02 -3.70
CA LYS A 71 -4.72 -12.16 -4.39
C LYS A 71 -5.29 -12.27 -5.81
N VAL A 72 -4.45 -12.71 -6.75
CA VAL A 72 -4.88 -12.87 -8.13
C VAL A 72 -5.25 -14.32 -8.43
N GLY A 73 -6.28 -14.51 -9.24
CA GLY A 73 -6.72 -15.85 -9.59
C GLY A 73 -8.14 -16.13 -9.15
N SER A 74 -8.57 -15.47 -8.08
CA SER A 74 -9.91 -15.65 -7.56
C SER A 74 -10.52 -14.32 -7.16
N ALA A 75 -11.73 -14.37 -6.59
CA ALA A 75 -12.42 -13.16 -6.16
C ALA A 75 -12.76 -12.27 -7.36
N ASP A 76 -11.77 -11.51 -7.82
CA ASP A 76 -11.96 -10.61 -8.96
C ASP A 76 -11.54 -11.29 -10.26
N ASP A 77 -11.96 -10.70 -11.37
CA ASP A 77 -11.64 -11.25 -12.69
C ASP A 77 -12.22 -10.37 -13.80
N ALA A 78 -11.61 -9.21 -14.00
CA ALA A 78 -12.06 -8.28 -15.04
C ALA A 78 -13.48 -7.80 -14.76
N LYS A 79 -14.47 -8.61 -15.12
CA LYS A 79 -15.86 -8.26 -14.89
C LYS A 79 -16.62 -9.41 -14.25
N LYS A 80 -16.71 -10.54 -14.96
CA LYS A 80 -17.41 -11.71 -14.46
C LYS A 80 -16.59 -12.39 -13.37
N ASP A 81 -17.27 -13.21 -12.56
CA ASP A 81 -16.62 -13.93 -11.48
C ASP A 81 -16.49 -15.41 -11.81
N ALA A 82 -15.35 -15.99 -11.45
CA ALA A 82 -15.09 -17.41 -11.72
C ALA A 82 -14.12 -17.99 -10.69
N ALA A 83 -14.39 -19.23 -10.29
CA ALA A 83 -13.54 -19.91 -9.31
C ALA A 83 -12.46 -20.74 -10.00
N LYS A 84 -11.34 -20.11 -10.32
CA LYS A 84 -10.24 -20.80 -10.98
C LYS A 84 -9.52 -21.74 -10.02
N LYS A 85 -8.60 -22.54 -10.55
CA LYS A 85 -7.85 -23.49 -9.74
C LYS A 85 -6.94 -22.76 -8.76
N ASP A 86 -7.51 -22.28 -7.66
CA ASP A 86 -6.75 -21.56 -6.64
C ASP A 86 -5.72 -22.47 -5.99
N ASP A 87 -6.19 -23.38 -5.14
CA ASP A 87 -5.31 -24.32 -4.45
C ASP A 87 -4.44 -23.60 -3.41
N ALA A 88 -3.56 -22.73 -3.89
CA ALA A 88 -2.66 -21.98 -3.01
C ALA A 88 -1.73 -22.90 -2.25
N LYS A 89 -0.84 -22.32 -1.47
CA LYS A 89 0.11 -23.09 -0.68
C LYS A 89 1.00 -23.94 -1.58
N LYS A 90 2.28 -23.59 -1.65
CA LYS A 90 3.24 -24.31 -2.48
C LYS A 90 2.83 -24.25 -3.95
N ASP A 91 2.19 -23.15 -4.34
CA ASP A 91 1.76 -22.98 -5.72
C ASP A 91 1.51 -21.50 -6.03
N ASP A 92 2.27 -20.63 -5.38
CA ASP A 92 2.14 -19.20 -5.58
C ASP A 92 3.49 -18.49 -5.40
N ALA A 93 4.56 -19.18 -5.77
CA ALA A 93 5.90 -18.61 -5.65
C ALA A 93 6.81 -19.09 -6.78
N LYS A 94 7.80 -18.28 -7.12
CA LYS A 94 8.73 -18.62 -8.19
C LYS A 94 10.07 -17.92 -7.98
N LYS A 95 10.03 -16.60 -7.82
CA LYS A 95 11.24 -15.81 -7.63
C LYS A 95 11.10 -14.90 -6.41
N ASP A 96 12.12 -14.09 -6.16
CA ASP A 96 12.11 -13.16 -5.03
C ASP A 96 11.60 -11.80 -5.46
N GLY A 97 10.81 -11.16 -4.60
CA GLY A 97 10.27 -9.85 -4.91
C GLY A 97 10.59 -8.82 -3.83
N SER A 98 11.72 -9.02 -3.14
CA SER A 98 12.13 -8.11 -2.09
C SER A 98 11.11 -8.07 -0.96
N VAL A 99 11.57 -7.76 0.24
CA VAL A 99 10.70 -7.70 1.41
C VAL A 99 11.30 -6.80 2.50
N ALA A 100 12.59 -6.98 2.76
CA ALA A 100 13.28 -6.19 3.77
C ALA A 100 14.74 -5.97 3.39
N LYS A 101 14.95 -5.42 2.20
CA LYS A 101 16.30 -5.16 1.71
C LYS A 101 16.48 -3.68 1.40
N LEU A 102 15.74 -2.83 2.11
CA LEU A 102 15.82 -1.39 1.91
C LEU A 102 16.84 -0.76 2.84
N GLY A 103 18.12 -1.07 2.61
CA GLY A 103 19.18 -0.53 3.45
C GLY A 103 20.10 0.40 2.68
N VAL A 104 20.24 0.15 1.38
CA VAL A 104 21.10 0.96 0.54
C VAL A 104 20.72 2.43 0.59
N HIS A 105 19.41 2.69 0.51
CA HIS A 105 18.90 4.06 0.56
C HIS A 105 18.25 4.35 1.91
N GLY A 106 17.73 3.30 2.54
CA GLY A 106 17.08 3.46 3.82
C GLY A 106 15.67 4.01 3.70
N LEU A 107 14.77 3.22 3.13
CA LEU A 107 13.39 3.64 2.95
C LEU A 107 12.44 2.44 3.00
N SER A 108 11.66 2.35 4.07
CA SER A 108 10.71 1.25 4.24
C SER A 108 9.55 1.67 5.13
N MET A 109 8.35 1.29 4.72
CA MET A 109 7.15 1.61 5.47
C MET A 109 6.06 0.59 5.19
N SER A 110 5.41 0.11 6.24
CA SER A 110 4.34 -0.85 6.09
C SER A 110 3.42 -0.84 7.31
N VAL A 111 2.35 -1.61 7.24
CA VAL A 111 1.40 -1.68 8.35
C VAL A 111 1.60 -2.97 9.15
N LYS A 112 1.49 -2.86 10.47
CA LYS A 112 1.66 -4.00 11.35
C LYS A 112 0.32 -4.52 11.84
N GLU A 113 0.31 -5.78 12.29
CA GLU A 113 -0.91 -6.41 12.80
C GLU A 113 -0.70 -6.89 14.23
N VAL A 114 -1.73 -6.70 15.06
CA VAL A 114 -1.66 -7.11 16.46
C VAL A 114 -3.03 -7.49 16.99
N SER A 115 -3.08 -7.84 18.26
CA SER A 115 -4.31 -8.25 18.95
C SER A 115 -5.57 -7.57 18.39
N GLY A 116 -6.12 -8.15 17.34
CA GLY A 116 -7.33 -7.61 16.74
C GLY A 116 -7.17 -6.17 16.30
N LYS A 117 -5.93 -5.78 16.04
CA LYS A 117 -5.64 -4.41 15.65
C LYS A 117 -4.71 -4.36 14.43
N VAL A 118 -4.52 -3.15 13.92
CA VAL A 118 -3.65 -2.93 12.77
C VAL A 118 -2.90 -1.61 12.94
N PHE A 119 -1.60 -1.71 13.17
CA PHE A 119 -0.76 -0.54 13.37
C PHE A 119 0.04 -0.24 12.12
N LEU A 120 0.79 0.87 12.14
CA LEU A 120 1.58 1.25 10.99
C LEU A 120 2.96 1.77 11.39
N GLN A 121 3.82 1.93 10.38
CA GLN A 121 5.17 2.43 10.59
C GLN A 121 5.39 3.68 9.73
N CYS A 122 6.58 4.27 9.84
CA CYS A 122 6.88 5.47 9.06
C CYS A 122 8.39 5.67 8.89
N GLN A 123 8.74 6.79 8.28
CA GLN A 123 10.13 7.14 8.05
C GLN A 123 10.63 8.13 9.10
N GLU A 124 11.75 7.80 9.73
CA GLU A 124 12.31 8.67 10.77
C GLU A 124 13.38 9.58 10.19
N SER A 125 13.99 10.39 11.04
CA SER A 125 15.04 11.32 10.61
C SER A 125 16.42 10.78 10.98
N LYS A 126 17.43 11.63 10.84
CA LYS A 126 18.80 11.24 11.15
C LYS A 126 19.12 11.53 12.62
N ASP A 127 18.29 11.01 13.51
CA ASP A 127 18.48 11.21 14.94
C ASP A 127 18.33 9.89 15.69
N LEU A 128 18.37 9.96 17.02
CA LEU A 128 18.25 8.78 17.86
C LEU A 128 16.79 8.51 18.22
N ASN A 129 16.07 9.57 18.58
CA ASN A 129 14.67 9.46 18.94
C ASN A 129 13.82 10.45 18.15
N THR A 130 13.40 10.05 16.95
CA THR A 130 12.59 10.91 16.10
C THR A 130 11.14 10.43 16.06
N ASN A 131 10.94 9.14 16.35
CA ASN A 131 9.60 8.57 16.34
C ASN A 131 8.98 8.61 14.94
N TYR A 132 7.85 7.93 14.77
CA TYR A 132 7.18 7.88 13.48
C TYR A 132 6.11 8.98 13.39
N LEU A 133 5.99 9.58 12.22
CA LEU A 133 5.02 10.64 12.00
C LEU A 133 3.75 10.10 11.31
N TRP A 134 2.65 10.80 11.49
CA TRP A 134 1.37 10.40 10.90
C TRP A 134 0.41 11.60 10.83
N LYS A 135 -0.07 11.90 9.63
CA LYS A 135 -1.02 13.00 9.46
C LYS A 135 -2.21 12.53 8.64
N LYS A 136 -3.39 12.51 9.27
CA LYS A 136 -4.60 12.06 8.62
C LYS A 136 -5.27 13.19 7.84
N GLY A 137 -5.89 12.86 6.71
CA GLY A 137 -6.56 13.86 5.89
C GLY A 137 -7.41 14.81 6.70
N LYS A 138 -7.88 14.36 7.86
CA LYS A 138 -8.73 15.18 8.72
C LYS A 138 -8.00 15.57 10.01
N GLU A 139 -7.02 14.77 10.40
CA GLU A 139 -6.25 15.03 11.61
C GLU A 139 -4.81 15.39 11.28
N GLU A 140 -4.29 16.42 11.93
CA GLU A 140 -2.91 16.84 11.69
C GLU A 140 -1.94 15.78 12.20
N LEU A 141 -0.95 16.17 13.01
CA LEU A 141 0.04 15.21 13.47
C LEU A 141 -0.21 14.77 14.91
N GLY A 142 0.69 13.92 15.39
CA GLY A 142 0.63 13.39 16.73
C GLY A 142 1.67 12.30 16.90
N ASN A 143 2.91 12.70 17.12
CA ASN A 143 4.02 11.76 17.26
C ASN A 143 3.67 10.60 18.19
N MET A 144 3.94 9.39 17.72
CA MET A 144 3.66 8.18 18.48
C MET A 144 4.69 7.09 18.18
N ARG A 145 5.02 6.30 19.19
CA ARG A 145 5.99 5.22 19.02
C ARG A 145 5.56 4.26 17.92
N GLN A 146 4.27 3.93 17.92
CA GLN A 146 3.71 3.04 16.91
C GLN A 146 2.44 3.63 16.33
N LEU A 147 2.32 3.63 15.01
CA LEU A 147 1.15 4.19 14.36
C LEU A 147 -0.10 3.36 14.62
N ASP A 148 -0.97 3.87 15.46
CA ASP A 148 -2.22 3.20 15.79
C ASP A 148 -3.39 4.16 15.61
N LEU A 149 -3.97 4.14 14.41
CA LEU A 149 -5.09 5.03 14.09
C LEU A 149 -6.27 4.23 13.52
N GLY A 150 -6.23 2.91 13.71
CA GLY A 150 -7.30 2.06 13.21
C GLY A 150 -7.27 0.67 13.81
N ALA A 151 -8.33 -0.09 13.55
CA ALA A 151 -8.43 -1.45 14.06
C ALA A 151 -8.45 -2.47 12.93
N ILE A 152 -8.29 -3.73 13.27
CA ILE A 152 -8.32 -4.80 12.28
C ILE A 152 -9.73 -4.98 11.73
N TYR A 153 -10.70 -5.01 12.64
CA TYR A 153 -12.10 -5.15 12.27
C TYR A 153 -12.69 -3.78 12.03
N ASP A 154 -12.25 -2.81 12.83
CA ASP A 154 -12.70 -1.44 12.71
C ASP A 154 -11.62 -0.61 12.03
N ASP A 155 -11.36 -0.94 10.76
CA ASP A 155 -10.33 -0.28 9.96
C ASP A 155 -10.15 1.20 10.31
N PRO A 156 -8.96 1.75 10.05
CA PRO A 156 -8.63 3.15 10.33
C PRO A 156 -9.71 4.12 9.87
N ARG A 157 -9.66 5.34 10.40
CA ARG A 157 -10.64 6.36 10.06
C ARG A 157 -10.68 6.63 8.56
N GLY A 158 -9.60 6.29 7.87
CA GLY A 158 -9.55 6.50 6.43
C GLY A 158 -8.14 6.59 5.88
N THR A 159 -7.89 7.59 5.05
CA THR A 159 -6.58 7.78 4.43
C THR A 159 -5.69 8.66 5.29
N TYR A 160 -4.48 8.18 5.54
CA TYR A 160 -3.51 8.92 6.34
C TYR A 160 -2.30 9.30 5.49
N THR A 161 -1.46 10.16 6.05
CA THR A 161 -0.25 10.60 5.38
C THR A 161 0.95 10.37 6.29
N CYS A 162 1.90 9.62 5.79
CA CYS A 162 3.08 9.27 6.57
C CYS A 162 4.35 9.74 5.87
N GLN A 163 5.16 10.50 6.59
CA GLN A 163 6.42 11.03 6.06
C GLN A 163 7.23 11.69 7.18
N ARG A 164 8.49 11.97 6.92
CA ARG A 164 9.36 12.61 7.90
C ARG A 164 9.20 14.13 7.91
N ASP A 165 7.96 14.61 7.80
CA ASP A 165 7.72 16.05 7.80
C ASP A 165 6.53 16.40 8.70
N GLU A 166 6.50 17.65 9.17
CA GLU A 166 5.42 18.12 10.03
C GLU A 166 4.10 18.22 9.26
N ASN A 167 4.19 18.14 7.94
CA ASN A 167 3.03 18.22 7.06
C ASN A 167 3.17 17.20 5.96
N VAL A 168 3.59 15.99 6.35
CA VAL A 168 3.79 14.87 5.44
C VAL A 168 3.04 15.01 4.13
N ASN A 169 3.68 14.57 3.06
CA ASN A 169 3.10 14.67 1.72
C ASN A 169 2.61 13.31 1.21
N SER A 170 3.26 12.23 1.65
CA SER A 170 2.88 10.89 1.23
C SER A 170 1.58 10.46 1.90
N THR A 171 0.50 10.47 1.13
CA THR A 171 -0.81 10.08 1.65
C THR A 171 -1.08 8.60 1.41
N LEU A 172 -0.98 7.81 2.48
CA LEU A 172 -1.22 6.37 2.39
C LEU A 172 -2.69 6.05 2.71
N HIS A 173 -3.42 5.61 1.70
CA HIS A 173 -4.83 5.27 1.87
C HIS A 173 -4.97 3.88 2.51
N VAL A 174 -6.03 3.70 3.28
CA VAL A 174 -6.29 2.43 3.95
C VAL A 174 -7.25 1.56 3.14
N HIS A 175 -6.90 0.29 2.99
CA HIS A 175 -7.73 -0.66 2.24
C HIS A 175 -7.11 -2.05 2.24
N TYR A 176 -7.51 -2.87 3.21
CA TYR A 176 -6.98 -4.22 3.31
C TYR A 176 -8.11 -5.23 3.52
N ARG A 177 -7.86 -6.47 3.12
CA ARG A 177 -8.83 -7.52 3.27
C ARG A 177 -8.23 -8.88 2.94
N MET A 178 -7.60 -9.49 3.95
CA MET A 178 -6.97 -10.80 3.77
C MET A 178 -8.01 -11.85 3.37
N GLY A 1 -27.85 8.66 1.09
CA GLY A 1 -26.85 9.48 1.81
C GLY A 1 -25.74 9.98 0.90
N SER A 2 -24.51 9.56 1.19
CA SER A 2 -23.36 9.96 0.40
C SER A 2 -22.63 8.73 -0.16
N HIS A 3 -22.74 8.54 -1.47
CA HIS A 3 -22.10 7.41 -2.13
C HIS A 3 -20.77 7.82 -2.75
N MET A 4 -19.72 7.85 -1.93
CA MET A 4 -18.40 8.23 -2.41
C MET A 4 -17.36 8.09 -1.30
N GLY A 5 -16.09 8.21 -1.66
CA GLY A 5 -15.02 8.10 -0.68
C GLY A 5 -13.70 8.60 -1.21
N GLN A 6 -12.95 7.71 -1.86
CA GLN A 6 -11.65 8.08 -2.40
C GLN A 6 -11.27 7.19 -3.57
N GLU A 7 -10.82 5.97 -3.26
CA GLU A 7 -10.42 5.02 -4.29
C GLU A 7 -9.49 5.66 -5.31
N GLU A 8 -8.51 6.42 -4.81
CA GLU A 8 -7.55 7.10 -5.67
C GLU A 8 -6.77 6.08 -6.50
N PHE A 9 -6.33 5.01 -5.85
CA PHE A 9 -5.57 3.95 -6.53
C PHE A 9 -6.48 3.13 -7.43
N ALA A 10 -7.71 2.91 -6.97
CA ALA A 10 -8.69 2.14 -7.72
C ALA A 10 -8.19 0.72 -7.97
N VAL A 11 -9.13 -0.22 -8.04
CA VAL A 11 -8.78 -1.62 -8.27
C VAL A 11 -9.77 -2.28 -9.22
N GLU A 12 -9.23 -3.08 -10.14
CA GLU A 12 -10.07 -3.78 -11.11
C GLU A 12 -9.72 -5.26 -11.14
N ILE A 13 -10.58 -6.08 -10.55
CA ILE A 13 -10.36 -7.52 -10.51
C ILE A 13 -10.75 -8.17 -11.83
N SER A 14 -10.12 -9.31 -12.12
CA SER A 14 -10.39 -10.04 -13.35
C SER A 14 -9.96 -11.49 -13.21
N GLY A 15 -10.78 -12.29 -12.54
CA GLY A 15 -10.46 -13.68 -12.33
C GLY A 15 -9.34 -13.87 -11.34
N THR A 16 -8.14 -14.17 -11.86
CA THR A 16 -6.98 -14.37 -11.00
C THR A 16 -6.01 -13.20 -11.13
N THR A 17 -6.48 -12.10 -11.74
CA THR A 17 -5.64 -10.92 -11.92
C THR A 17 -6.41 -9.65 -11.59
N VAL A 18 -5.71 -8.68 -10.99
CA VAL A 18 -6.32 -7.41 -10.62
C VAL A 18 -5.34 -6.26 -10.84
N THR A 19 -5.85 -5.11 -11.27
CA THR A 19 -5.00 -3.95 -11.55
C THR A 19 -5.32 -2.78 -10.62
N ILE A 20 -4.31 -1.94 -10.39
CA ILE A 20 -4.45 -0.76 -9.54
C ILE A 20 -3.88 0.47 -10.24
N THR A 21 -4.71 1.48 -10.49
CA THR A 21 -4.25 2.69 -11.16
C THR A 21 -3.52 3.62 -10.19
N CYS A 22 -2.55 4.36 -10.70
CA CYS A 22 -1.78 5.29 -9.87
C CYS A 22 -2.41 6.67 -9.87
N PRO A 23 -2.78 7.20 -8.68
CA PRO A 23 -3.40 8.51 -8.55
C PRO A 23 -2.38 9.65 -8.47
N SER A 24 -1.10 9.30 -8.42
CA SER A 24 -0.04 10.30 -8.34
C SER A 24 -0.20 11.37 -9.42
N SER A 25 0.23 11.05 -10.62
CA SER A 25 0.13 11.99 -11.74
C SER A 25 -0.32 11.29 -13.01
N GLY A 26 0.61 10.61 -13.68
CA GLY A 26 0.27 9.90 -14.91
C GLY A 26 1.21 10.26 -16.05
N ASP A 27 2.40 9.68 -16.03
CA ASP A 27 3.40 9.93 -17.07
C ASP A 27 4.65 9.10 -16.84
N ASP A 28 5.06 8.98 -15.58
CA ASP A 28 6.24 8.22 -15.22
C ASP A 28 6.15 7.73 -13.78
N ILE A 29 5.22 6.82 -13.53
CA ILE A 29 5.00 6.27 -12.20
C ILE A 29 6.01 5.17 -11.88
N LYS A 30 6.52 5.19 -10.66
CA LYS A 30 7.50 4.20 -10.21
C LYS A 30 7.03 3.49 -8.94
N TRP A 31 6.71 2.21 -9.07
CA TRP A 31 6.27 1.42 -7.93
C TRP A 31 7.46 0.98 -7.09
N LYS A 32 7.20 0.25 -6.01
CA LYS A 32 8.26 -0.20 -5.12
C LYS A 32 8.01 -1.62 -4.59
N PRO A 33 6.96 -1.81 -3.76
CA PRO A 33 6.62 -3.11 -3.18
C PRO A 33 6.98 -4.29 -4.08
N ASP A 34 6.57 -4.22 -5.34
CA ASP A 34 6.85 -5.27 -6.29
C ASP A 34 6.71 -4.75 -7.72
N PRO A 35 7.80 -4.25 -8.30
CA PRO A 35 7.80 -3.71 -9.67
C PRO A 35 7.48 -4.80 -10.69
N ALA A 36 7.75 -6.05 -10.30
CA ALA A 36 7.47 -7.18 -11.18
C ALA A 36 6.01 -7.16 -11.62
N LEU A 37 5.15 -6.63 -10.76
CA LEU A 37 3.72 -6.53 -11.05
C LEU A 37 3.26 -5.07 -10.93
N GLY A 38 4.06 -4.17 -11.49
CA GLY A 38 3.73 -2.76 -11.44
C GLY A 38 3.91 -2.06 -12.78
N ASP A 39 2.79 -1.68 -13.39
CA ASP A 39 2.83 -0.99 -14.67
C ASP A 39 2.62 0.50 -14.49
N ASN A 40 3.00 1.28 -15.49
CA ASN A 40 2.85 2.74 -15.41
C ASN A 40 1.40 3.13 -15.21
N ASN A 41 1.14 3.79 -14.09
CA ASN A 41 -0.20 4.23 -13.75
C ASN A 41 -1.14 3.05 -13.60
N LYS A 42 -0.57 1.86 -13.44
CA LYS A 42 -1.37 0.66 -13.30
C LYS A 42 -0.54 -0.50 -12.75
N TYR A 43 -0.92 -0.98 -11.56
CA TYR A 43 -0.23 -2.10 -10.93
C TYR A 43 -0.95 -3.41 -11.25
N ILE A 44 -0.39 -4.15 -12.21
CA ILE A 44 -0.98 -5.41 -12.63
C ILE A 44 -0.63 -6.54 -11.66
N ILE A 45 -1.60 -6.94 -10.84
CA ILE A 45 -1.38 -8.00 -9.87
C ILE A 45 -1.71 -9.36 -10.48
N GLN A 46 -0.86 -10.35 -10.20
CA GLN A 46 -1.05 -11.69 -10.72
C GLN A 46 -0.56 -12.73 -9.72
N ASN A 47 -1.30 -13.83 -9.60
CA ASN A 47 -0.92 -14.89 -8.67
C ASN A 47 -0.77 -14.34 -7.25
N HIS A 48 -1.47 -13.24 -6.98
CA HIS A 48 -1.41 -12.59 -5.67
C HIS A 48 -1.80 -13.57 -4.57
N ASP A 49 -1.51 -13.19 -3.33
CA ASP A 49 -1.84 -14.03 -2.18
C ASP A 49 -2.80 -13.30 -1.23
N SER A 50 -3.79 -14.04 -0.73
CA SER A 50 -4.77 -13.47 0.19
C SER A 50 -4.07 -12.87 1.41
N SER A 51 -3.74 -11.59 1.32
CA SER A 51 -3.07 -10.90 2.42
C SER A 51 -2.90 -9.42 2.14
N PRO A 52 -2.37 -8.67 3.13
CA PRO A 52 -2.16 -7.23 3.03
C PRO A 52 -0.79 -6.86 2.47
N LEU A 53 -0.59 -5.56 2.27
CA LEU A 53 0.66 -5.04 1.77
C LEU A 53 0.60 -3.53 1.66
N THR A 54 1.74 -2.88 1.86
CA THR A 54 1.82 -1.44 1.77
C THR A 54 2.32 -1.05 0.38
N VAL A 55 1.41 -0.53 -0.44
CA VAL A 55 1.76 -0.14 -1.80
C VAL A 55 1.95 1.36 -1.91
N SER A 56 2.93 1.76 -2.71
CA SER A 56 3.23 3.16 -2.90
C SER A 56 3.16 3.53 -4.38
N CYS A 57 3.42 4.80 -4.67
CA CYS A 57 3.40 5.28 -6.04
C CYS A 57 4.13 6.60 -6.16
N THR A 58 4.88 6.78 -7.24
CA THR A 58 5.64 7.99 -7.45
C THR A 58 5.56 8.46 -8.90
N ALA A 59 4.71 9.45 -9.16
CA ALA A 59 4.57 10.00 -10.50
C ALA A 59 5.09 11.44 -10.54
N GLY A 60 6.28 11.61 -11.10
CA GLY A 60 6.88 12.93 -11.19
C GLY A 60 7.21 13.48 -9.82
N ASP A 61 6.36 14.39 -9.33
CA ASP A 61 6.57 15.01 -8.02
C ASP A 61 5.41 14.66 -7.08
N GLN A 62 4.80 13.50 -7.29
CA GLN A 62 3.68 13.08 -6.45
C GLN A 62 4.07 11.88 -5.58
N GLU A 63 3.43 11.77 -4.42
CA GLU A 63 3.72 10.68 -3.49
C GLU A 63 2.42 10.12 -2.91
N HIS A 64 1.98 8.97 -3.44
CA HIS A 64 0.75 8.34 -2.98
C HIS A 64 1.02 6.92 -2.49
N THR A 65 0.34 6.54 -1.41
CA THR A 65 0.48 5.21 -0.84
C THR A 65 -0.87 4.65 -0.42
N MET A 66 -1.00 3.33 -0.45
CA MET A 66 -2.25 2.68 -0.07
C MET A 66 -2.01 1.26 0.42
N TYR A 67 -2.95 0.74 1.20
CA TYR A 67 -2.84 -0.61 1.74
C TYR A 67 -3.64 -1.58 0.89
N LEU A 68 -2.99 -2.66 0.46
CA LEU A 68 -3.63 -3.67 -0.38
C LEU A 68 -3.73 -5.00 0.37
N ASN A 69 -4.94 -5.34 0.81
CA ASN A 69 -5.17 -6.60 1.51
C ASN A 69 -6.39 -7.30 0.96
N ALA A 70 -6.15 -8.33 0.15
CA ALA A 70 -7.23 -9.09 -0.45
C ALA A 70 -6.71 -10.36 -1.11
N LYS A 71 -7.63 -11.15 -1.68
CA LYS A 71 -7.27 -12.39 -2.35
C LYS A 71 -7.73 -12.37 -3.81
N VAL A 72 -6.93 -12.99 -4.68
CA VAL A 72 -7.27 -13.05 -6.10
C VAL A 72 -7.93 -14.37 -6.46
N GLY A 73 -8.91 -14.31 -7.37
CA GLY A 73 -9.61 -15.50 -7.78
C GLY A 73 -11.11 -15.29 -7.89
N SER A 74 -11.85 -15.73 -6.87
CA SER A 74 -13.29 -15.59 -6.86
C SER A 74 -13.72 -14.36 -6.07
N ALA A 75 -14.24 -13.36 -6.75
CA ALA A 75 -14.69 -12.13 -6.11
C ALA A 75 -15.35 -11.19 -7.10
N ASP A 76 -14.54 -10.63 -8.01
CA ASP A 76 -15.04 -9.71 -9.02
C ASP A 76 -14.34 -9.93 -10.35
N ASP A 77 -14.87 -9.32 -11.41
CA ASP A 77 -14.30 -9.46 -12.74
C ASP A 77 -15.02 -8.56 -13.73
N ALA A 78 -14.63 -8.65 -15.00
CA ALA A 78 -15.24 -7.85 -16.06
C ALA A 78 -14.77 -8.31 -17.44
N LYS A 79 -13.48 -8.59 -17.55
CA LYS A 79 -12.91 -9.03 -18.82
C LYS A 79 -12.44 -10.48 -18.72
N LYS A 80 -12.80 -11.28 -19.72
CA LYS A 80 -12.42 -12.68 -19.75
C LYS A 80 -12.11 -13.14 -21.17
N ASP A 81 -11.12 -14.02 -21.30
CA ASP A 81 -10.73 -14.54 -22.61
C ASP A 81 -11.22 -15.97 -22.80
N ALA A 82 -10.61 -16.90 -22.07
CA ALA A 82 -10.98 -18.31 -22.16
C ALA A 82 -10.19 -19.15 -21.17
N ALA A 83 -8.90 -19.29 -21.40
CA ALA A 83 -8.04 -20.07 -20.53
C ALA A 83 -7.93 -19.43 -19.15
N LYS A 84 -7.31 -20.14 -18.21
CA LYS A 84 -7.14 -19.63 -16.86
C LYS A 84 -5.71 -19.85 -16.37
N LYS A 85 -4.92 -18.78 -16.38
CA LYS A 85 -3.53 -18.85 -15.94
C LYS A 85 -3.44 -19.29 -14.48
N ASP A 86 -3.00 -20.52 -14.27
CA ASP A 86 -2.87 -21.06 -12.93
C ASP A 86 -1.59 -21.89 -12.79
N ASP A 87 -1.17 -22.12 -11.56
CA ASP A 87 0.03 -22.90 -11.29
C ASP A 87 1.26 -22.23 -11.91
N ALA A 88 1.26 -20.91 -11.93
CA ALA A 88 2.37 -20.15 -12.50
C ALA A 88 3.33 -19.68 -11.41
N LYS A 89 3.53 -20.53 -10.41
CA LYS A 89 4.43 -20.21 -9.31
C LYS A 89 5.37 -21.37 -9.01
N LYS A 90 6.54 -21.06 -8.47
CA LYS A 90 7.53 -22.07 -8.14
C LYS A 90 8.58 -21.53 -7.18
N ASP A 91 9.23 -20.45 -7.58
CA ASP A 91 10.26 -19.82 -6.76
C ASP A 91 9.65 -19.08 -5.59
N ASP A 92 10.20 -19.29 -4.39
CA ASP A 92 9.70 -18.63 -3.19
C ASP A 92 10.82 -18.43 -2.18
N ALA A 93 10.81 -17.28 -1.52
CA ALA A 93 11.82 -16.97 -0.52
C ALA A 93 11.40 -17.43 0.86
N LYS A 94 10.15 -17.15 1.22
CA LYS A 94 9.61 -17.55 2.52
C LYS A 94 10.41 -16.91 3.65
N LYS A 95 10.92 -15.71 3.39
CA LYS A 95 11.71 -14.99 4.40
C LYS A 95 11.43 -13.49 4.32
N ASP A 96 11.21 -12.87 5.47
CA ASP A 96 10.94 -11.43 5.53
C ASP A 96 12.15 -10.68 6.06
N GLY A 97 12.00 -9.36 6.21
CA GLY A 97 13.10 -8.55 6.70
C GLY A 97 13.77 -7.75 5.61
N SER A 98 14.43 -6.65 5.99
CA SER A 98 15.12 -5.80 5.04
C SER A 98 15.86 -4.67 5.75
N VAL A 99 17.09 -4.42 5.31
CA VAL A 99 17.91 -3.37 5.90
C VAL A 99 18.31 -2.33 4.86
N ALA A 100 18.67 -2.79 3.68
CA ALA A 100 19.07 -1.89 2.59
C ALA A 100 19.02 -2.60 1.24
N LYS A 101 17.98 -3.42 1.05
CA LYS A 101 17.82 -4.16 -0.20
C LYS A 101 16.51 -3.78 -0.88
N LEU A 102 16.10 -2.52 -0.70
CA LEU A 102 14.87 -2.03 -1.31
C LEU A 102 15.17 -1.22 -2.56
N GLY A 103 15.16 -1.90 -3.71
CA GLY A 103 15.42 -1.22 -4.97
C GLY A 103 16.80 -0.56 -5.00
N VAL A 104 16.83 0.73 -5.30
CA VAL A 104 18.07 1.47 -5.36
C VAL A 104 18.33 2.22 -4.06
N HIS A 105 18.51 1.47 -2.97
CA HIS A 105 18.77 2.07 -1.66
C HIS A 105 17.61 2.97 -1.24
N GLY A 106 16.51 2.35 -0.82
CA GLY A 106 15.36 3.12 -0.39
C GLY A 106 14.78 2.60 0.91
N LEU A 107 13.48 2.82 1.11
CA LEU A 107 12.80 2.38 2.32
C LEU A 107 11.37 1.97 2.02
N SER A 108 10.92 0.89 2.66
CA SER A 108 9.56 0.40 2.47
C SER A 108 8.81 0.32 3.80
N MET A 109 7.84 1.21 3.96
CA MET A 109 7.05 1.26 5.17
C MET A 109 6.03 0.12 5.19
N SER A 110 5.61 -0.26 6.38
CA SER A 110 4.62 -1.31 6.54
C SER A 110 3.85 -1.12 7.84
N VAL A 111 2.85 -1.97 8.08
CA VAL A 111 2.05 -1.85 9.28
C VAL A 111 2.01 -3.17 10.06
N LYS A 112 2.00 -3.04 11.39
CA LYS A 112 1.97 -4.19 12.28
C LYS A 112 0.55 -4.50 12.73
N GLU A 113 0.37 -5.68 13.30
CA GLU A 113 -0.94 -6.12 13.79
C GLU A 113 -0.83 -6.65 15.22
N VAL A 114 -1.43 -5.91 16.15
CA VAL A 114 -1.40 -6.29 17.55
C VAL A 114 -2.81 -6.55 18.07
N SER A 115 -2.90 -6.85 19.36
CA SER A 115 -4.16 -7.15 20.04
C SER A 115 -5.37 -6.41 19.45
N GLY A 116 -5.95 -6.98 18.41
CA GLY A 116 -7.12 -6.39 17.77
C GLY A 116 -6.85 -4.98 17.30
N LYS A 117 -5.59 -4.68 17.01
CA LYS A 117 -5.21 -3.35 16.57
C LYS A 117 -4.28 -3.42 15.36
N VAL A 118 -4.02 -2.26 14.77
CA VAL A 118 -3.15 -2.17 13.61
C VAL A 118 -2.23 -0.96 13.72
N PHE A 119 -0.94 -1.23 13.93
CA PHE A 119 0.06 -0.18 14.05
C PHE A 119 0.96 -0.16 12.82
N LEU A 120 1.87 0.79 12.76
CA LEU A 120 2.78 0.87 11.61
C LEU A 120 4.03 1.67 11.92
N GLN A 121 5.05 1.49 11.09
CA GLN A 121 6.31 2.20 11.24
C GLN A 121 6.45 3.22 10.12
N CYS A 122 7.45 4.11 10.23
CA CYS A 122 7.63 5.13 9.21
C CYS A 122 9.05 5.67 9.18
N GLN A 123 9.24 6.72 8.38
CA GLN A 123 10.54 7.36 8.22
C GLN A 123 10.66 8.59 9.11
N GLU A 124 11.74 8.65 9.88
CA GLU A 124 11.98 9.77 10.78
C GLU A 124 12.85 10.83 10.12
N SER A 125 14.15 10.54 10.02
CA SER A 125 15.09 11.47 9.41
C SER A 125 16.49 10.87 9.36
N LYS A 126 16.62 9.71 8.71
CA LYS A 126 17.90 9.04 8.60
C LYS A 126 18.46 8.68 9.97
N ASP A 127 19.53 7.90 9.99
CA ASP A 127 20.16 7.49 11.23
C ASP A 127 19.17 6.72 12.11
N LEU A 128 19.65 6.26 13.26
CA LEU A 128 18.82 5.51 14.19
C LEU A 128 18.10 6.44 15.16
N ASN A 129 16.83 6.69 14.90
CA ASN A 129 16.03 7.57 15.76
C ASN A 129 14.64 6.98 16.00
N THR A 130 13.90 7.60 16.92
CA THR A 130 12.56 7.13 17.25
C THR A 130 11.50 8.14 16.80
N ASN A 131 10.25 7.88 17.16
CA ASN A 131 9.15 8.77 16.79
C ASN A 131 9.03 8.89 15.27
N TYR A 132 8.02 8.24 14.71
CA TYR A 132 7.80 8.28 13.27
C TYR A 132 7.02 9.53 12.87
N LEU A 133 6.55 9.55 11.63
CA LEU A 133 5.79 10.69 11.12
C LEU A 133 4.41 10.26 10.66
N TRP A 134 3.38 11.04 11.02
CA TRP A 134 2.02 10.73 10.62
C TRP A 134 1.14 11.98 10.61
N LYS A 135 0.59 12.31 9.45
CA LYS A 135 -0.30 13.45 9.31
C LYS A 135 -1.60 12.99 8.63
N LYS A 136 -2.71 13.08 9.36
CA LYS A 136 -4.00 12.66 8.83
C LYS A 136 -4.66 13.77 8.02
N GLY A 137 -5.42 13.37 6.99
CA GLY A 137 -6.09 14.33 6.14
C GLY A 137 -6.83 15.41 6.93
N LYS A 138 -7.24 15.07 8.15
CA LYS A 138 -7.97 16.01 8.99
C LYS A 138 -7.15 16.40 10.22
N GLU A 139 -6.15 15.59 10.55
CA GLU A 139 -5.30 15.84 11.70
C GLU A 139 -3.87 16.13 11.26
N GLU A 140 -3.28 17.19 11.81
CA GLU A 140 -1.92 17.55 11.46
C GLU A 140 -0.94 16.46 11.92
N LEU A 141 0.09 16.83 12.69
CA LEU A 141 1.07 15.85 13.13
C LEU A 141 0.93 15.49 14.61
N GLY A 142 1.83 14.63 15.04
CA GLY A 142 1.86 14.16 16.41
C GLY A 142 2.82 13.01 16.56
N ASN A 143 4.12 13.33 16.58
CA ASN A 143 5.17 12.31 16.66
C ASN A 143 4.87 11.27 17.75
N MET A 144 5.00 10.00 17.36
CA MET A 144 4.75 8.89 18.27
C MET A 144 5.71 7.74 17.98
N ARG A 145 6.10 7.01 19.03
CA ARG A 145 7.00 5.88 18.89
C ARG A 145 6.45 4.85 17.91
N GLN A 146 5.16 4.56 18.05
CA GLN A 146 4.49 3.60 17.17
C GLN A 146 3.24 4.24 16.60
N LEU A 147 3.04 4.11 15.29
CA LEU A 147 1.87 4.70 14.64
C LEU A 147 0.61 3.89 14.92
N ASP A 148 -0.24 4.44 15.78
CA ASP A 148 -1.50 3.82 16.13
C ASP A 148 -2.64 4.84 15.99
N LEU A 149 -3.26 4.87 14.81
CA LEU A 149 -4.36 5.80 14.56
C LEU A 149 -5.62 5.06 14.12
N GLY A 150 -5.83 3.88 14.67
CA GLY A 150 -7.00 3.09 14.32
C GLY A 150 -6.97 1.70 14.92
N ALA A 151 -8.10 1.00 14.84
CA ALA A 151 -8.21 -0.34 15.36
C ALA A 151 -8.48 -1.35 14.25
N ILE A 152 -8.23 -2.62 14.52
CA ILE A 152 -8.45 -3.66 13.53
C ILE A 152 -9.94 -3.78 13.22
N TYR A 153 -10.76 -3.78 14.26
CA TYR A 153 -12.20 -3.88 14.11
C TYR A 153 -12.78 -2.48 13.97
N ASP A 154 -12.20 -1.54 14.69
CA ASP A 154 -12.62 -0.14 14.64
C ASP A 154 -11.63 0.65 13.79
N ASP A 155 -11.55 0.28 12.51
CA ASP A 155 -10.64 0.90 11.56
C ASP A 155 -10.45 2.39 11.82
N PRO A 156 -9.29 2.94 11.39
CA PRO A 156 -8.95 4.35 11.55
C PRO A 156 -10.09 5.27 11.11
N ARG A 157 -9.90 6.57 11.29
CA ARG A 157 -10.92 7.55 10.91
C ARG A 157 -10.51 8.33 9.68
N GLY A 158 -9.85 7.64 8.74
CA GLY A 158 -9.42 8.29 7.51
C GLY A 158 -8.01 7.91 7.10
N THR A 159 -7.60 8.39 5.93
CA THR A 159 -6.28 8.09 5.41
C THR A 159 -5.24 9.04 6.00
N TYR A 160 -4.02 8.54 6.21
CA TYR A 160 -2.96 9.35 6.77
C TYR A 160 -1.84 9.57 5.75
N THR A 161 -0.93 10.47 6.10
CA THR A 161 0.20 10.79 5.25
C THR A 161 1.48 10.80 6.08
N CYS A 162 2.53 10.20 5.56
CA CYS A 162 3.79 10.14 6.28
C CYS A 162 5.00 10.38 5.38
N GLN A 163 6.00 11.05 5.95
CA GLN A 163 7.23 11.37 5.23
C GLN A 163 8.26 11.98 6.19
N ARG A 164 9.50 12.09 5.73
CA ARG A 164 10.57 12.65 6.54
C ARG A 164 10.29 14.11 6.92
N ASP A 165 9.26 14.72 6.33
CA ASP A 165 8.93 16.11 6.63
C ASP A 165 7.67 16.22 7.48
N GLU A 166 7.52 17.35 8.17
CA GLU A 166 6.35 17.58 9.02
C GLU A 166 5.06 17.46 8.22
N ASN A 167 4.90 18.32 7.22
CA ASN A 167 3.71 18.31 6.37
C ASN A 167 3.78 17.18 5.35
N VAL A 168 4.21 16.02 5.82
CA VAL A 168 4.36 14.81 5.00
C VAL A 168 3.52 14.83 3.74
N ASN A 169 4.04 14.24 2.69
CA ASN A 169 3.36 14.21 1.40
C ASN A 169 2.85 12.82 1.06
N SER A 170 3.60 11.78 1.44
CA SER A 170 3.22 10.40 1.16
C SER A 170 1.92 10.05 1.87
N THR A 171 0.82 9.99 1.12
CA THR A 171 -0.48 9.67 1.69
C THR A 171 -0.75 8.17 1.65
N LEU A 172 -0.84 7.55 2.83
CA LEU A 172 -1.09 6.13 2.93
C LEU A 172 -2.53 5.85 3.36
N HIS A 173 -3.29 5.19 2.50
CA HIS A 173 -4.68 4.86 2.79
C HIS A 173 -4.79 3.42 3.26
N VAL A 174 -5.80 3.13 4.08
CA VAL A 174 -6.00 1.78 4.60
C VAL A 174 -6.93 0.96 3.70
N HIS A 175 -8.23 1.05 3.93
CA HIS A 175 -9.20 0.31 3.14
C HIS A 175 -8.89 -1.18 3.20
N TYR A 176 -9.06 -1.77 4.37
CA TYR A 176 -8.79 -3.19 4.57
C TYR A 176 -10.05 -3.94 4.98
N ARG A 177 -10.06 -5.24 4.72
CA ARG A 177 -11.18 -6.07 5.08
C ARG A 177 -10.85 -7.56 4.93
N MET A 178 -10.38 -8.16 6.01
CA MET A 178 -10.02 -9.58 6.00
C MET A 178 -11.14 -10.43 6.58
N GLY A 1 -18.46 15.93 2.53
CA GLY A 1 -19.68 15.71 3.36
C GLY A 1 -19.71 14.35 4.02
N SER A 2 -19.61 13.30 3.22
CA SER A 2 -19.63 11.93 3.72
C SER A 2 -19.01 10.97 2.73
N HIS A 3 -17.69 10.76 2.84
CA HIS A 3 -16.98 9.87 1.95
C HIS A 3 -16.37 8.69 2.72
N MET A 4 -16.11 7.60 2.02
CA MET A 4 -15.53 6.41 2.63
C MET A 4 -14.71 5.62 1.63
N GLY A 5 -14.01 6.33 0.75
CA GLY A 5 -13.20 5.67 -0.25
C GLY A 5 -12.71 6.62 -1.33
N GLN A 6 -11.45 6.48 -1.72
CA GLN A 6 -10.87 7.34 -2.75
C GLN A 6 -10.57 6.53 -4.01
N GLU A 7 -10.15 5.29 -3.83
CA GLU A 7 -9.82 4.42 -4.95
C GLU A 7 -8.75 5.04 -5.84
N GLU A 8 -7.59 5.32 -5.26
CA GLU A 8 -6.49 5.92 -6.00
C GLU A 8 -5.70 4.86 -6.75
N PHE A 9 -5.20 3.87 -6.02
CA PHE A 9 -4.43 2.79 -6.62
C PHE A 9 -5.29 1.97 -7.57
N ALA A 10 -6.61 2.02 -7.37
CA ALA A 10 -7.55 1.28 -8.21
C ALA A 10 -7.11 -0.18 -8.37
N VAL A 11 -7.53 -1.01 -7.42
CA VAL A 11 -7.19 -2.43 -7.45
C VAL A 11 -8.27 -3.26 -8.12
N GLU A 12 -7.85 -4.26 -8.89
CA GLU A 12 -8.77 -5.13 -9.59
C GLU A 12 -8.40 -6.59 -9.37
N ILE A 13 -9.16 -7.28 -8.52
CA ILE A 13 -8.91 -8.68 -8.23
C ILE A 13 -9.53 -9.59 -9.28
N SER A 14 -8.94 -10.77 -9.45
CA SER A 14 -9.42 -11.74 -10.42
C SER A 14 -8.92 -13.13 -10.05
N GLY A 15 -9.26 -14.12 -10.88
CA GLY A 15 -8.82 -15.48 -10.62
C GLY A 15 -7.34 -15.56 -10.29
N THR A 16 -7.02 -15.51 -9.02
CA THR A 16 -5.64 -15.56 -8.57
C THR A 16 -4.80 -14.48 -9.23
N THR A 17 -5.47 -13.44 -9.73
CA THR A 17 -4.79 -12.34 -10.39
C THR A 17 -5.38 -11.00 -9.96
N VAL A 18 -4.62 -10.23 -9.20
CA VAL A 18 -5.07 -8.91 -8.73
C VAL A 18 -4.05 -7.84 -9.08
N THR A 19 -4.41 -6.98 -10.02
CA THR A 19 -3.53 -5.90 -10.46
C THR A 19 -3.82 -4.61 -9.70
N ILE A 20 -2.79 -3.77 -9.55
CA ILE A 20 -2.93 -2.50 -8.85
C ILE A 20 -2.39 -1.36 -9.70
N THR A 21 -3.22 -0.33 -9.90
CA THR A 21 -2.83 0.83 -10.70
C THR A 21 -2.11 1.86 -9.83
N CYS A 22 -1.14 2.56 -10.42
CA CYS A 22 -0.39 3.59 -9.70
C CYS A 22 -1.04 4.95 -9.90
N PRO A 23 -1.49 5.60 -8.81
CA PRO A 23 -2.14 6.90 -8.88
C PRO A 23 -1.15 8.06 -8.86
N SER A 24 0.15 7.74 -8.84
CA SER A 24 1.19 8.75 -8.82
C SER A 24 1.13 9.63 -10.07
N SER A 25 1.66 9.12 -11.17
CA SER A 25 1.66 9.86 -12.43
C SER A 25 1.37 8.95 -13.62
N GLY A 26 2.37 8.19 -14.05
CA GLY A 26 2.18 7.29 -15.18
C GLY A 26 3.21 7.50 -16.27
N ASP A 27 4.38 6.86 -16.12
CA ASP A 27 5.46 6.98 -17.09
C ASP A 27 6.67 6.15 -16.65
N ASP A 28 6.98 6.21 -15.37
CA ASP A 28 8.11 5.47 -14.80
C ASP A 28 7.93 5.30 -13.30
N ILE A 29 7.08 4.35 -12.93
CA ILE A 29 6.78 4.09 -11.53
C ILE A 29 7.72 3.05 -10.93
N LYS A 30 8.13 3.29 -9.69
CA LYS A 30 9.02 2.38 -8.98
C LYS A 30 8.31 1.80 -7.76
N TRP A 31 8.06 0.50 -7.79
CA TRP A 31 7.38 -0.18 -6.70
C TRP A 31 8.36 -0.55 -5.58
N LYS A 32 7.84 -1.03 -4.46
CA LYS A 32 8.68 -1.40 -3.33
C LYS A 32 8.39 -2.81 -2.80
N PRO A 33 7.14 -3.07 -2.34
CA PRO A 33 6.76 -4.38 -1.80
C PRO A 33 7.38 -5.55 -2.54
N ASP A 34 7.36 -5.48 -3.87
CA ASP A 34 7.92 -6.53 -4.69
C ASP A 34 7.93 -6.12 -6.17
N PRO A 35 9.06 -5.58 -6.65
CA PRO A 35 9.18 -5.14 -8.04
C PRO A 35 9.02 -6.30 -9.01
N ALA A 36 9.26 -7.51 -8.51
CA ALA A 36 9.13 -8.71 -9.31
C ALA A 36 7.74 -8.79 -9.91
N LEU A 37 6.76 -8.28 -9.19
CA LEU A 37 5.37 -8.27 -9.64
C LEU A 37 4.86 -6.84 -9.74
N GLY A 38 5.68 -5.96 -10.31
CA GLY A 38 5.30 -4.57 -10.46
C GLY A 38 5.47 -4.10 -11.89
N ASP A 39 4.36 -3.82 -12.55
CA ASP A 39 4.39 -3.35 -13.93
C ASP A 39 4.51 -1.83 -13.97
N ASN A 40 4.64 -1.28 -15.18
CA ASN A 40 4.75 0.16 -15.34
C ASN A 40 3.43 0.82 -14.99
N ASN A 41 3.45 1.66 -13.97
CA ASN A 41 2.25 2.34 -13.52
C ASN A 41 1.19 1.32 -13.09
N LYS A 42 1.67 0.12 -12.74
CA LYS A 42 0.77 -0.94 -12.33
C LYS A 42 1.51 -2.02 -11.54
N TYR A 43 0.76 -2.85 -10.83
CA TYR A 43 1.33 -3.92 -10.03
C TYR A 43 0.55 -5.21 -10.26
N ILE A 44 1.12 -6.09 -11.08
CA ILE A 44 0.48 -7.37 -11.38
C ILE A 44 0.75 -8.42 -10.31
N ILE A 45 -0.27 -8.72 -9.52
CA ILE A 45 -0.14 -9.71 -8.45
C ILE A 45 -0.58 -11.09 -8.93
N GLN A 46 0.32 -12.06 -8.81
CA GLN A 46 0.03 -13.43 -9.22
C GLN A 46 0.66 -14.43 -8.26
N ASN A 47 -0.10 -15.47 -7.93
CA ASN A 47 0.38 -16.50 -7.02
C ASN A 47 0.79 -15.87 -5.68
N HIS A 48 0.22 -14.71 -5.38
CA HIS A 48 0.52 -13.99 -4.15
C HIS A 48 -0.16 -14.66 -2.96
N ASP A 49 0.26 -14.28 -1.76
CA ASP A 49 -0.30 -14.84 -0.54
C ASP A 49 -1.42 -13.96 0.00
N SER A 50 -2.38 -14.60 0.67
CA SER A 50 -3.52 -13.89 1.24
C SER A 50 -3.12 -13.21 2.55
N SER A 51 -2.91 -11.90 2.51
CA SER A 51 -2.52 -11.16 3.69
C SER A 51 -2.34 -9.67 3.39
N PRO A 52 -1.97 -8.88 4.42
CA PRO A 52 -1.77 -7.43 4.30
C PRO A 52 -0.39 -7.05 3.81
N LEU A 53 -0.23 -5.77 3.48
CA LEU A 53 1.04 -5.23 3.01
C LEU A 53 0.88 -3.75 2.67
N THR A 54 1.96 -3.00 2.86
CA THR A 54 1.95 -1.58 2.55
C THR A 54 2.61 -1.35 1.19
N VAL A 55 1.79 -1.03 0.19
CA VAL A 55 2.30 -0.82 -1.15
C VAL A 55 2.47 0.67 -1.44
N SER A 56 3.66 1.03 -1.90
CA SER A 56 3.97 2.42 -2.22
C SER A 56 4.03 2.61 -3.74
N CYS A 57 4.25 3.84 -4.16
CA CYS A 57 4.34 4.17 -5.58
C CYS A 57 5.09 5.47 -5.79
N THR A 58 5.95 5.48 -6.79
CA THR A 58 6.74 6.67 -7.10
C THR A 58 6.79 6.93 -8.60
N ALA A 59 5.97 7.87 -9.06
CA ALA A 59 5.94 8.22 -10.47
C ALA A 59 6.42 9.65 -10.67
N GLY A 60 7.68 9.79 -11.09
CA GLY A 60 8.23 11.12 -11.30
C GLY A 60 8.36 11.90 -10.00
N ASP A 61 7.42 12.83 -9.78
CA ASP A 61 7.42 13.64 -8.57
C ASP A 61 6.16 13.38 -7.75
N GLN A 62 5.62 12.17 -7.86
CA GLN A 62 4.42 11.81 -7.12
C GLN A 62 4.71 10.72 -6.08
N GLU A 63 3.95 10.72 -4.99
CA GLU A 63 4.13 9.73 -3.94
C GLU A 63 2.78 9.23 -3.42
N HIS A 64 2.48 7.96 -3.70
CA HIS A 64 1.23 7.37 -3.26
C HIS A 64 1.47 6.00 -2.61
N THR A 65 0.71 5.71 -1.56
CA THR A 65 0.84 4.44 -0.85
C THR A 65 -0.53 3.89 -0.47
N MET A 66 -0.63 2.56 -0.40
CA MET A 66 -1.88 1.91 -0.04
C MET A 66 -1.62 0.59 0.69
N TYR A 67 -2.58 0.16 1.50
CA TYR A 67 -2.43 -1.08 2.25
C TYR A 67 -3.17 -2.22 1.57
N LEU A 68 -2.41 -3.15 1.01
CA LEU A 68 -3.00 -4.30 0.32
C LEU A 68 -3.16 -5.47 1.28
N ASN A 69 -4.40 -5.76 1.64
CA ASN A 69 -4.69 -6.88 2.54
C ASN A 69 -5.88 -7.67 2.04
N ALA A 70 -5.61 -8.81 1.39
CA ALA A 70 -6.67 -9.64 0.87
C ALA A 70 -6.14 -10.99 0.39
N LYS A 71 -7.05 -11.83 -0.09
CA LYS A 71 -6.68 -13.16 -0.59
C LYS A 71 -6.87 -13.24 -2.11
N VAL A 72 -6.03 -14.02 -2.77
CA VAL A 72 -6.12 -14.19 -4.22
C VAL A 72 -6.86 -15.48 -4.56
N GLY A 73 -7.66 -15.43 -5.62
CA GLY A 73 -8.42 -16.59 -6.04
C GLY A 73 -9.91 -16.34 -6.06
N SER A 74 -10.63 -16.99 -5.16
CA SER A 74 -12.08 -16.85 -5.08
C SER A 74 -12.47 -15.95 -3.90
N ALA A 75 -12.85 -14.72 -4.20
CA ALA A 75 -13.24 -13.77 -3.15
C ALA A 75 -13.69 -12.45 -3.78
N ASP A 76 -12.74 -11.69 -4.28
CA ASP A 76 -13.02 -10.40 -4.89
C ASP A 76 -13.30 -10.55 -6.38
N ASP A 77 -12.61 -11.50 -7.00
CA ASP A 77 -12.76 -11.75 -8.43
C ASP A 77 -14.24 -11.93 -8.80
N ALA A 78 -14.94 -12.73 -8.01
CA ALA A 78 -16.36 -12.98 -8.25
C ALA A 78 -16.59 -13.58 -9.64
N LYS A 79 -17.85 -13.68 -10.04
CA LYS A 79 -18.19 -14.24 -11.34
C LYS A 79 -18.61 -13.15 -12.31
N LYS A 80 -17.99 -13.13 -13.48
CA LYS A 80 -18.31 -12.12 -14.50
C LYS A 80 -17.85 -12.58 -15.88
N ASP A 81 -16.59 -13.01 -15.97
CA ASP A 81 -16.04 -13.47 -17.24
C ASP A 81 -15.88 -14.99 -17.24
N ALA A 82 -15.79 -15.56 -18.44
CA ALA A 82 -15.64 -17.01 -18.58
C ALA A 82 -14.29 -17.36 -19.17
N ALA A 83 -13.70 -18.45 -18.69
CA ALA A 83 -12.40 -18.89 -19.16
C ALA A 83 -11.33 -17.84 -18.92
N LYS A 84 -10.46 -18.08 -17.95
CA LYS A 84 -9.40 -17.15 -17.61
C LYS A 84 -8.09 -17.88 -17.35
N LYS A 85 -7.86 -18.96 -18.09
CA LYS A 85 -6.65 -19.76 -17.93
C LYS A 85 -5.58 -19.35 -18.95
N ASP A 86 -4.33 -19.29 -18.51
CA ASP A 86 -3.23 -18.92 -19.39
C ASP A 86 -2.05 -19.87 -19.21
N ASP A 87 -1.01 -19.67 -20.02
CA ASP A 87 0.17 -20.51 -19.96
C ASP A 87 1.44 -19.66 -19.96
N ALA A 88 1.66 -18.95 -21.06
CA ALA A 88 2.84 -18.09 -21.20
C ALA A 88 2.75 -17.24 -22.46
N LYS A 89 2.66 -15.93 -22.28
CA LYS A 89 2.58 -15.01 -23.40
C LYS A 89 3.96 -14.47 -23.76
N LYS A 90 4.56 -13.71 -22.83
CA LYS A 90 5.88 -13.14 -23.05
C LYS A 90 6.84 -13.53 -21.93
N ASP A 91 6.36 -13.44 -20.70
CA ASP A 91 7.17 -13.79 -19.53
C ASP A 91 6.32 -14.36 -18.43
N ASP A 92 6.92 -15.17 -17.57
CA ASP A 92 6.22 -15.79 -16.46
C ASP A 92 6.93 -15.52 -15.13
N ALA A 93 8.25 -15.70 -15.13
CA ALA A 93 9.05 -15.48 -13.93
C ALA A 93 9.83 -14.17 -14.03
N LYS A 94 9.36 -13.15 -13.32
CA LYS A 94 10.01 -11.85 -13.32
C LYS A 94 11.05 -11.77 -12.21
N LYS A 95 12.23 -11.25 -12.56
CA LYS A 95 13.31 -11.11 -11.59
C LYS A 95 14.00 -9.75 -11.72
N ASP A 96 14.52 -9.24 -10.62
CA ASP A 96 15.19 -7.95 -10.61
C ASP A 96 16.15 -7.84 -9.42
N GLY A 97 15.58 -7.86 -8.21
CA GLY A 97 16.39 -7.76 -7.02
C GLY A 97 15.61 -7.19 -5.85
N SER A 98 16.30 -6.99 -4.72
CA SER A 98 15.68 -6.45 -3.53
C SER A 98 14.52 -7.33 -3.06
N VAL A 99 14.73 -8.03 -1.95
CA VAL A 99 13.71 -8.92 -1.40
C VAL A 99 13.23 -8.42 -0.04
N ALA A 100 12.75 -7.18 -0.01
CA ALA A 100 12.26 -6.59 1.22
C ALA A 100 13.36 -6.52 2.28
N LYS A 101 14.25 -5.56 2.13
CA LYS A 101 15.35 -5.39 3.07
C LYS A 101 15.43 -3.95 3.58
N LEU A 102 14.27 -3.30 3.66
CA LEU A 102 14.20 -1.92 4.13
C LEU A 102 13.96 -1.87 5.64
N GLY A 103 15.02 -1.53 6.38
CA GLY A 103 14.90 -1.45 7.83
C GLY A 103 15.52 -0.18 8.39
N VAL A 104 16.65 -0.33 9.05
CA VAL A 104 17.35 0.81 9.65
C VAL A 104 17.84 1.78 8.57
N HIS A 105 18.21 1.22 7.41
CA HIS A 105 18.70 2.03 6.30
C HIS A 105 17.79 1.89 5.08
N GLY A 106 16.49 1.80 5.33
CA GLY A 106 15.54 1.67 4.25
C GLY A 106 14.20 2.31 4.57
N LEU A 107 13.66 3.07 3.61
CA LEU A 107 12.38 3.74 3.80
C LEU A 107 11.22 2.77 3.57
N SER A 108 10.53 2.42 4.64
CA SER A 108 9.39 1.50 4.56
C SER A 108 8.42 1.73 5.71
N MET A 109 7.14 1.76 5.37
CA MET A 109 6.10 1.97 6.37
C MET A 109 5.09 0.83 6.34
N SER A 110 4.49 0.55 7.48
CA SER A 110 3.50 -0.51 7.58
C SER A 110 2.59 -0.29 8.79
N VAL A 111 1.58 -1.14 8.93
CA VAL A 111 0.65 -1.03 10.05
C VAL A 111 0.83 -2.20 11.02
N LYS A 112 0.73 -1.90 12.31
CA LYS A 112 0.88 -2.92 13.34
C LYS A 112 -0.49 -3.32 13.90
N GLU A 113 -0.54 -4.47 14.56
CA GLU A 113 -1.78 -4.96 15.13
C GLU A 113 -1.61 -5.26 16.61
N VAL A 114 -2.20 -4.41 17.44
CA VAL A 114 -2.12 -4.57 18.89
C VAL A 114 -3.50 -4.80 19.49
N SER A 115 -3.55 -4.91 20.81
CA SER A 115 -4.78 -5.15 21.56
C SER A 115 -6.02 -4.54 20.88
N GLY A 116 -6.61 -5.28 19.96
CA GLY A 116 -7.81 -4.82 19.27
C GLY A 116 -7.59 -3.49 18.58
N LYS A 117 -6.35 -3.19 18.24
CA LYS A 117 -6.03 -1.93 17.60
C LYS A 117 -5.12 -2.13 16.38
N VAL A 118 -4.91 -1.05 15.65
CA VAL A 118 -4.05 -1.07 14.47
C VAL A 118 -3.24 0.23 14.39
N PHE A 119 -1.94 0.10 14.60
CA PHE A 119 -1.04 1.25 14.58
C PHE A 119 -0.22 1.27 13.30
N LEU A 120 0.58 2.32 13.13
CA LEU A 120 1.41 2.45 11.94
C LEU A 120 2.79 3.00 12.25
N GLN A 121 3.66 3.01 11.25
CA GLN A 121 5.01 3.52 11.39
C GLN A 121 5.28 4.60 10.35
N CYS A 122 6.44 5.25 10.45
CA CYS A 122 6.80 6.30 9.49
C CYS A 122 8.31 6.50 9.45
N GLN A 123 8.76 7.45 8.63
CA GLN A 123 10.17 7.74 8.48
C GLN A 123 10.57 8.95 9.34
N GLU A 124 11.63 8.78 10.13
CA GLU A 124 12.10 9.85 11.00
C GLU A 124 12.88 10.88 10.20
N SER A 125 12.87 12.13 10.68
CA SER A 125 13.58 13.21 10.01
C SER A 125 14.86 13.57 10.76
N LYS A 126 15.54 12.56 11.27
CA LYS A 126 16.79 12.75 12.00
C LYS A 126 16.56 13.67 13.21
N ASP A 127 15.36 13.63 13.76
CA ASP A 127 15.03 14.46 14.92
C ASP A 127 14.48 13.61 16.06
N LEU A 128 15.29 13.46 17.11
CA LEU A 128 14.90 12.66 18.26
C LEU A 128 14.63 11.21 17.87
N ASN A 129 14.70 10.31 18.84
CA ASN A 129 14.47 8.90 18.59
C ASN A 129 13.03 8.65 18.17
N THR A 130 12.12 9.48 18.67
CA THR A 130 10.70 9.35 18.33
C THR A 130 10.23 10.52 17.49
N ASN A 131 9.17 10.30 16.71
CA ASN A 131 8.61 11.34 15.85
C ASN A 131 7.41 10.82 15.09
N TYR A 132 7.66 10.11 13.99
CA TYR A 132 6.58 9.57 13.16
C TYR A 132 5.66 10.67 12.67
N LEU A 133 5.75 10.98 11.38
CA LEU A 133 4.93 12.03 10.79
C LEU A 133 3.67 11.45 10.17
N TRP A 134 2.51 11.94 10.62
CA TRP A 134 1.23 11.48 10.10
C TRP A 134 0.31 12.66 9.81
N LYS A 135 -0.12 12.77 8.54
CA LYS A 135 -1.02 13.85 8.16
C LYS A 135 -2.24 13.26 7.45
N LYS A 136 -3.42 13.44 8.07
CA LYS A 136 -4.66 12.92 7.53
C LYS A 136 -5.31 13.92 6.56
N GLY A 137 -5.96 13.39 5.53
CA GLY A 137 -6.62 14.24 4.55
C GLY A 137 -7.44 15.35 5.17
N LYS A 138 -7.93 15.12 6.39
CA LYS A 138 -8.74 16.11 7.08
C LYS A 138 -8.01 16.66 8.30
N GLU A 139 -7.01 15.93 8.78
CA GLU A 139 -6.23 16.34 9.94
C GLU A 139 -4.79 16.62 9.54
N GLU A 140 -4.26 17.75 9.98
CA GLU A 140 -2.89 18.10 9.65
C GLU A 140 -1.93 17.12 10.33
N LEU A 141 -0.96 17.61 11.11
CA LEU A 141 -0.01 16.71 11.74
C LEU A 141 -0.30 16.52 13.22
N GLY A 142 0.58 15.74 13.85
CA GLY A 142 0.47 15.43 15.26
C GLY A 142 1.42 14.32 15.65
N ASN A 143 2.70 14.67 15.81
CA ASN A 143 3.73 13.68 16.14
C ASN A 143 3.29 12.75 17.26
N MET A 144 3.69 11.48 17.13
CA MET A 144 3.35 10.45 18.12
C MET A 144 4.35 9.31 18.07
N ARG A 145 4.65 8.72 19.23
CA ARG A 145 5.59 7.61 19.30
C ARG A 145 5.17 6.49 18.36
N GLN A 146 3.87 6.18 18.35
CA GLN A 146 3.33 5.15 17.49
C GLN A 146 2.09 5.67 16.77
N LEU A 147 2.02 5.47 15.46
CA LEU A 147 0.89 5.97 14.69
C LEU A 147 -0.39 5.23 15.05
N ASP A 148 -1.28 5.92 15.74
CA ASP A 148 -2.57 5.36 16.13
C ASP A 148 -3.69 6.32 15.79
N LEU A 149 -4.27 6.16 14.60
CA LEU A 149 -5.35 7.03 14.15
C LEU A 149 -6.59 6.21 13.82
N GLY A 150 -6.74 5.07 14.51
CA GLY A 150 -7.88 4.21 14.28
C GLY A 150 -7.80 2.93 15.07
N ALA A 151 -8.88 2.15 15.04
CA ALA A 151 -8.93 0.88 15.77
C ALA A 151 -9.08 -0.29 14.82
N ILE A 152 -8.89 -1.49 15.32
CA ILE A 152 -9.02 -2.69 14.50
C ILE A 152 -10.47 -2.87 14.06
N TYR A 153 -11.40 -2.68 15.00
CA TYR A 153 -12.82 -2.81 14.71
C TYR A 153 -13.37 -1.45 14.28
N ASP A 154 -12.84 -0.40 14.89
CA ASP A 154 -13.24 0.96 14.56
C ASP A 154 -12.17 1.63 13.70
N ASP A 155 -11.92 1.02 12.54
CA ASP A 155 -10.91 1.50 11.60
C ASP A 155 -10.86 3.02 11.53
N PRO A 156 -9.71 3.58 11.10
CA PRO A 156 -9.52 5.03 10.97
C PRO A 156 -10.68 5.69 10.21
N ARG A 157 -10.76 7.01 10.32
CA ARG A 157 -11.83 7.76 9.66
C ARG A 157 -11.34 8.38 8.36
N GLY A 158 -10.37 7.75 7.71
CA GLY A 158 -9.86 8.27 6.45
C GLY A 158 -8.42 7.87 6.18
N THR A 159 -7.91 8.30 5.03
CA THR A 159 -6.54 7.98 4.64
C THR A 159 -5.56 9.02 5.17
N TYR A 160 -4.33 8.59 5.41
CA TYR A 160 -3.31 9.49 5.93
C TYR A 160 -2.06 9.46 5.06
N THR A 161 -1.16 10.40 5.32
CA THR A 161 0.09 10.50 4.58
C THR A 161 1.28 10.43 5.54
N CYS A 162 2.33 9.75 5.12
CA CYS A 162 3.52 9.60 5.95
C CYS A 162 4.79 9.93 5.16
N GLN A 163 5.66 10.73 5.78
CA GLN A 163 6.91 11.14 5.14
C GLN A 163 7.82 11.82 6.14
N ARG A 164 9.08 12.01 5.75
CA ARG A 164 10.07 12.64 6.61
C ARG A 164 9.79 14.13 6.82
N ASP A 165 8.79 14.67 6.12
CA ASP A 165 8.45 16.08 6.26
C ASP A 165 7.07 16.26 6.88
N GLU A 166 6.81 17.47 7.39
CA GLU A 166 5.53 17.79 8.01
C GLU A 166 4.38 17.56 7.03
N ASN A 167 4.40 18.31 5.93
CA ASN A 167 3.37 18.19 4.91
C ASN A 167 3.60 16.96 4.03
N VAL A 168 3.91 15.85 4.69
CA VAL A 168 4.18 14.56 4.04
C VAL A 168 3.56 14.45 2.65
N ASN A 169 4.22 13.70 1.79
CA ASN A 169 3.75 13.51 0.42
C ASN A 169 3.23 12.09 0.17
N SER A 170 3.79 11.12 0.88
CA SER A 170 3.38 9.72 0.70
C SER A 170 2.02 9.47 1.36
N THR A 171 0.98 9.36 0.54
CA THR A 171 -0.36 9.12 1.05
C THR A 171 -0.61 7.63 1.23
N LEU A 172 -0.73 7.20 2.48
CA LEU A 172 -0.97 5.80 2.80
C LEU A 172 -2.45 5.55 3.10
N HIS A 173 -3.04 4.59 2.40
CA HIS A 173 -4.44 4.24 2.60
C HIS A 173 -4.57 2.98 3.46
N VAL A 174 -5.74 2.79 4.06
CA VAL A 174 -5.98 1.62 4.91
C VAL A 174 -6.79 0.55 4.17
N HIS A 175 -8.12 0.62 4.30
CA HIS A 175 -8.99 -0.37 3.63
C HIS A 175 -8.53 -1.80 3.94
N TYR A 176 -8.90 -2.30 5.12
CA TYR A 176 -8.53 -3.64 5.51
C TYR A 176 -9.73 -4.44 5.96
N ARG A 177 -9.67 -5.75 5.74
CA ARG A 177 -10.75 -6.63 6.13
C ARG A 177 -10.32 -8.10 6.06
N MET A 178 -10.49 -8.80 7.17
CA MET A 178 -10.12 -10.21 7.24
C MET A 178 -10.90 -11.04 6.22
#